data_9IMZ
#
_entry.id   9IMZ
#
loop_
_entity.id
_entity.type
_entity.pdbx_description
1 polymer Codanin-1
2 polymer 'Histone chaperone ASF1A'
#
loop_
_entity_poly.entity_id
_entity_poly.type
_entity_poly.pdbx_seq_one_letter_code
_entity_poly.pdbx_strand_id
1 'polypeptide(L)'
;MAAVLESLLREEVSVAAVVRWIARSTQGSEDNAGEAAALSSLRALRKEFVPFLLNFLREQSSRVLPQGPPTPAKTPGASA
ALPGRPGGPPRGSRGARSQLFPPTEAQSTAAEAPLARRGGRRRGPGPARERGGRGLEEGVSGESLPGAGGRRLRGSGSPS
RPSLTLSDPPNLSNLEEFPPVGSVPPGPTGTKPSRRINPTPVSEERSLSKPKTCFTSPPISCVPSSQPSALDTSPWGLGL
PPGCRSLQEEREMLRKERSKQLQQSPTPTCPTPELGSPLPSRTGSLTDEPADPARVSSRQRLELVALVYSSCIAENLVPN
LFLELFFVFQLLTARRMVTAKDSDPELSPAVLDSLESPLFQSIHDCVFFAVQVLECHFQVLSNLDKGTLKLLAENERLLC
FSPALQGRLRAAYEGSVAKVFLVMPPSTQAVSFQPETDNRANFSSDRAFHTFKKQRDVFYEVLREWEDHHEEPGWDFEKG
LGSRIRAMMGQLSAACSHSHFVRLFQKQLLQMCQSPGGAGGTVLGEAPDVLSMLGADKLGRLWRLQERLMAPQSSGGPCP
PPTFPGCQGFFRDFILSASSFQFNQHLMDSLSLKIQELNGLALPQHEPNDEDGESDVDWQGERKQFAVVLLSLRLLAKFL
GFVAFLPYRGPEPPPTGELQDSILALRSQVPPVLDVRTLLQRGLQARRAVLTVPWLVEFLSFADHVVPLLEYYRDIFTLL
LRLHRSLVLSQESEGKMCFLNKLLLLAVLGWLFQIPTVPEDLFFLEEGPSYAFEVDTVAPEHGLDNAPVVDQQLLYTCCP
YIGELRKLLASWVSGSSGRSGGFMRKITPTTTTSLGAQPSQTSQGLQAQLAQAFFHNQPPSLRRTVEFVAERIGSNCVKH
IKATLVADLVRQAESLLQEQLVTQGEEGGDPAQLLEILCSQLCPHGAQALALGREFCQRKSPGAVRALLPEETPAAVLSS
AENIAVGLATEKACAWLSANITALIRREVKAAVSRTLRAQGPEPAARGERRGCSRACEHHAPLPSHLISEIKDVLSLAVG
PRDPDEGVSPEHLEQLLGQLGQTLRCRQFLCPPAEQHLAKCSVELASLLVADQIPILGPPAQYRLERGQARRLLHMLLSL
WKEDFQGPVPLQLLLSPRNVGLLADTRPREWDLLLFLLRELVEKGLMGRMEIEACLGSLHQAQWPGDFAEELATLSNLFL
AEPHLPEPQLRACELVQPNRGTVLAQSLEACGTKLENLYFQ
;
A,B
2 'polypeptide(L)'
;GSMAKVQVNNVVVLDNPSPFYNPFQFEITFECIEDLSEDLEWKIIYVGSAESEEYDQVLDSVLVGPVPAGRHMFVFQADA
PNPGLIPDADAVGVTVVLITCTYRGQEFIRVGYYVNNEYTETELRENPPVKPDFSKLQRNILASNPRVTRFHINWEDNTE
KLEDAESSNPNLQS
;
C,D,E
#
# COMPACT_ATOMS: atom_id res chain seq x y z
N MET A 1 24.77 -22.07 35.29
CA MET A 1 23.37 -22.31 34.94
C MET A 1 22.91 -23.68 35.45
N ALA A 2 23.79 -24.67 35.35
CA ALA A 2 23.48 -26.02 35.79
C ALA A 2 23.77 -26.27 37.26
N ALA A 3 24.35 -25.29 37.96
CA ALA A 3 24.63 -25.47 39.38
C ALA A 3 23.36 -25.65 40.19
N VAL A 4 22.33 -24.84 39.89
CA VAL A 4 21.06 -24.96 40.60
C VAL A 4 20.41 -26.30 40.31
N LEU A 5 20.47 -26.75 39.05
CA LEU A 5 19.91 -28.05 38.71
C LEU A 5 20.62 -29.17 39.44
N GLU A 6 21.96 -29.11 39.51
CA GLU A 6 22.71 -30.12 40.24
C GLU A 6 22.35 -30.11 41.73
N SER A 7 22.24 -28.91 42.32
CA SER A 7 21.89 -28.81 43.73
C SER A 7 20.51 -29.39 44.00
N LEU A 8 19.53 -29.08 43.14
CA LEU A 8 18.19 -29.62 43.32
C LEU A 8 18.16 -31.13 43.06
N LEU A 9 19.06 -31.64 42.22
CA LEU A 9 19.05 -33.06 41.90
C LEU A 9 19.56 -33.91 43.05
N ARG A 10 20.57 -33.43 43.79
CA ARG A 10 21.22 -34.20 44.83
C ARG A 10 20.66 -33.89 46.22
N GLU A 11 19.38 -33.49 46.29
CA GLU A 11 18.66 -33.32 47.55
C GLU A 11 19.37 -32.31 48.47
N GLU A 12 19.43 -31.07 48.00
CA GLU A 12 20.02 -29.97 48.76
C GLU A 12 19.01 -28.94 49.21
N VAL A 13 17.99 -28.65 48.41
CA VAL A 13 16.97 -27.67 48.71
C VAL A 13 15.60 -28.25 48.38
N SER A 14 14.56 -27.44 48.55
CA SER A 14 13.20 -27.84 48.28
C SER A 14 12.68 -27.13 47.03
N VAL A 15 11.72 -27.78 46.36
CA VAL A 15 11.15 -27.22 45.14
C VAL A 15 10.36 -25.96 45.45
N ALA A 16 9.62 -25.96 46.55
CA ALA A 16 8.82 -24.78 46.91
C ALA A 16 9.70 -23.58 47.17
N ALA A 17 10.88 -23.80 47.77
CA ALA A 17 11.79 -22.69 48.03
C ALA A 17 12.23 -22.00 46.75
N VAL A 18 12.70 -22.77 45.77
CA VAL A 18 13.16 -22.18 44.52
C VAL A 18 11.98 -21.60 43.74
N VAL A 19 10.80 -22.22 43.83
CA VAL A 19 9.63 -21.69 43.13
C VAL A 19 9.27 -20.31 43.68
N ARG A 20 9.27 -20.18 45.01
CA ARG A 20 8.98 -18.89 45.62
C ARG A 20 10.08 -17.88 45.31
N TRP A 21 11.33 -18.33 45.27
CA TRP A 21 12.45 -17.43 44.98
C TRP A 21 12.34 -16.86 43.57
N ILE A 22 12.01 -17.70 42.59
CA ILE A 22 11.92 -17.22 41.22
C ILE A 22 10.72 -16.31 41.04
N ALA A 23 9.56 -16.70 41.58
CA ALA A 23 8.34 -15.91 41.45
C ALA A 23 8.42 -14.64 42.30
N ALA A 33 17.03 -21.34 58.66
CA ALA A 33 17.12 -20.11 57.89
C ALA A 33 18.28 -20.17 56.90
N GLY A 34 18.97 -21.31 56.87
CA GLY A 34 20.10 -21.48 55.97
C GLY A 34 19.72 -21.70 54.51
N GLU A 35 18.46 -22.10 54.25
CA GLU A 35 18.03 -22.31 52.88
C GLU A 35 18.08 -21.02 52.07
N ALA A 36 17.63 -19.91 52.67
CA ALA A 36 17.66 -18.63 51.97
C ALA A 36 19.10 -18.21 51.67
N ALA A 37 20.00 -18.38 52.63
CA ALA A 37 21.40 -18.03 52.41
C ALA A 37 22.03 -18.90 51.33
N ALA A 38 21.73 -20.20 51.34
CA ALA A 38 22.27 -21.09 50.32
C ALA A 38 21.76 -20.73 48.93
N LEU A 39 20.47 -20.42 48.82
CA LEU A 39 19.91 -20.06 47.52
C LEU A 39 20.40 -18.70 47.06
N SER A 40 20.70 -17.79 47.99
CA SER A 40 21.18 -16.46 47.63
C SER A 40 22.58 -16.48 47.04
N SER A 41 23.31 -17.59 47.16
CA SER A 41 24.65 -17.66 46.58
C SER A 41 24.62 -17.75 45.06
N LEU A 42 23.48 -18.09 44.47
CA LEU A 42 23.31 -18.19 43.02
C LEU A 42 22.39 -17.08 42.52
N ARG A 43 22.55 -15.87 43.08
CA ARG A 43 21.64 -14.78 42.78
C ARG A 43 21.69 -14.38 41.30
N ALA A 44 22.89 -14.32 40.72
CA ALA A 44 23.05 -13.83 39.36
C ALA A 44 22.47 -14.77 38.31
N LEU A 45 22.15 -16.00 38.66
CA LEU A 45 21.66 -16.98 37.70
C LEU A 45 20.15 -17.23 37.80
N ARG A 46 19.42 -16.40 38.55
CA ARG A 46 17.99 -16.61 38.70
C ARG A 46 17.26 -16.45 37.37
N LYS A 47 17.62 -15.43 36.59
CA LYS A 47 16.90 -15.14 35.36
C LYS A 47 17.10 -16.20 34.29
N GLU A 48 18.22 -16.92 34.32
CA GLU A 48 18.55 -17.88 33.28
C GLU A 48 18.08 -19.29 33.62
N PHE A 49 17.47 -19.51 34.78
CA PHE A 49 17.11 -20.87 35.20
C PHE A 49 16.05 -21.47 34.28
N VAL A 50 14.96 -20.74 34.06
CA VAL A 50 13.86 -21.28 33.25
C VAL A 50 14.29 -21.55 31.82
N PRO A 51 14.91 -20.62 31.08
CA PRO A 51 15.32 -20.94 29.71
C PRO A 51 16.34 -22.06 29.64
N PHE A 52 17.27 -22.13 30.60
CA PHE A 52 18.26 -23.20 30.60
C PHE A 52 17.60 -24.55 30.81
N LEU A 53 16.67 -24.62 31.77
CA LEU A 53 15.96 -25.88 32.01
C LEU A 53 15.14 -26.28 30.78
N LEU A 54 14.48 -25.32 30.15
CA LEU A 54 13.70 -25.61 28.95
C LEU A 54 14.60 -26.17 27.85
N ASN A 55 15.71 -25.48 27.57
CA ASN A 55 16.61 -25.92 26.51
C ASN A 55 17.20 -27.28 26.81
N PHE A 56 17.56 -27.53 28.08
CA PHE A 56 18.07 -28.84 28.47
C PHE A 56 17.02 -29.92 28.24
N LEU A 57 15.76 -29.61 28.52
CA LEU A 57 14.69 -30.59 28.27
C LEU A 57 14.54 -30.88 26.78
N ARG A 58 14.51 -29.85 25.94
CA ARG A 58 14.35 -30.08 24.51
C ARG A 58 15.53 -30.84 23.92
N GLU A 59 16.75 -30.55 24.39
CA GLU A 59 17.97 -31.27 23.99
C GLU A 59 17.92 -32.76 24.36
N GLN A 60 17.59 -33.12 25.61
CA GLN A 60 17.47 -34.53 26.01
C GLN A 60 16.33 -35.26 25.26
N SER A 61 15.25 -34.56 24.88
CA SER A 61 14.18 -35.16 24.07
C SER A 61 14.61 -35.54 22.64
N SER A 62 15.66 -34.91 22.09
CA SER A 62 16.12 -35.11 20.70
C SER A 62 16.66 -36.53 20.43
N ARG A 63 17.01 -37.28 21.48
CA ARG A 63 17.31 -38.72 21.41
C ARG A 63 16.11 -39.58 20.97
N VAL A 64 14.87 -39.13 21.22
CA VAL A 64 13.65 -39.93 21.05
C VAL A 64 12.62 -39.28 20.11
N LEU A 65 12.51 -37.96 20.14
CA LEU A 65 11.58 -37.27 19.22
C LEU A 65 12.17 -37.10 17.81
N PRO A 66 11.31 -37.06 16.78
CA PRO A 66 11.75 -36.91 15.38
C PRO A 66 12.70 -35.72 15.14
N GLN A 67 13.64 -35.89 14.18
CA GLN A 67 14.54 -34.86 13.71
C GLN A 67 13.85 -33.77 12.85
N GLY A 68 14.50 -32.62 12.69
CA GLY A 68 14.02 -31.49 11.88
C GLY A 68 15.14 -30.55 11.44
N PRO A 193 -2.05 -63.22 -15.28
CA PRO A 193 -2.52 -61.84 -15.19
C PRO A 193 -3.88 -61.62 -15.85
N SER A 194 -4.85 -61.12 -15.08
CA SER A 194 -6.20 -60.89 -15.59
C SER A 194 -6.76 -59.55 -15.14
N ARG A 195 -5.93 -58.51 -15.05
CA ARG A 195 -6.37 -57.21 -14.60
C ARG A 195 -7.29 -56.57 -15.63
N ARG A 196 -8.13 -55.65 -15.17
CA ARG A 196 -9.16 -55.02 -15.99
C ARG A 196 -9.05 -53.50 -15.86
N ILE A 197 -9.16 -52.81 -17.00
CA ILE A 197 -9.12 -51.36 -17.03
C ILE A 197 -10.26 -50.85 -17.91
N ASN A 198 -10.60 -49.58 -17.74
CA ASN A 198 -11.64 -48.93 -18.52
C ASN A 198 -11.02 -47.79 -19.33
N PRO A 199 -11.24 -47.75 -20.64
CA PRO A 199 -10.62 -46.70 -21.46
C PRO A 199 -11.13 -45.32 -21.09
N THR A 200 -10.25 -44.33 -21.28
CA THR A 200 -10.57 -42.93 -21.00
C THR A 200 -10.60 -42.15 -22.30
N PRO A 201 -11.73 -41.55 -22.66
CA PRO A 201 -11.80 -40.78 -23.90
C PRO A 201 -11.04 -39.46 -23.79
N VAL A 202 -10.57 -38.97 -24.93
CA VAL A 202 -9.96 -37.65 -25.02
C VAL A 202 -10.61 -36.87 -26.15
N SER A 246 5.15 -66.87 -32.37
CA SER A 246 6.56 -67.23 -32.45
C SER A 246 7.45 -66.01 -32.22
N LEU A 247 8.60 -66.23 -31.60
CA LEU A 247 9.57 -65.18 -31.32
C LEU A 247 10.94 -65.49 -31.87
N GLN A 248 11.02 -66.24 -32.98
CA GLN A 248 12.30 -66.65 -33.54
C GLN A 248 12.85 -65.65 -34.54
N GLU A 249 11.98 -64.86 -35.19
CA GLU A 249 12.45 -63.93 -36.21
C GLU A 249 13.36 -62.86 -35.63
N GLU A 250 13.01 -62.32 -34.46
CA GLU A 250 13.76 -61.21 -33.90
C GLU A 250 15.09 -61.64 -33.29
N ARG A 251 15.33 -62.96 -33.17
CA ARG A 251 16.54 -63.44 -32.51
C ARG A 251 17.80 -63.07 -33.28
N GLU A 252 17.76 -63.19 -34.62
CA GLU A 252 18.95 -62.94 -35.42
C GLU A 252 19.41 -61.48 -35.32
N MET A 253 18.47 -60.54 -35.42
CA MET A 253 18.83 -59.13 -35.29
C MET A 253 19.34 -58.82 -33.89
N LEU A 254 18.72 -59.41 -32.86
CA LEU A 254 19.20 -59.22 -31.50
C LEU A 254 20.62 -59.75 -31.34
N ARG A 255 20.90 -60.94 -31.89
CA ARG A 255 22.25 -61.49 -31.80
C ARG A 255 23.24 -60.61 -32.53
N LYS A 256 22.88 -60.11 -33.71
CA LYS A 256 23.78 -59.24 -34.46
C LYS A 256 24.09 -57.97 -33.69
N GLU A 257 23.05 -57.35 -33.09
CA GLU A 257 23.27 -56.12 -32.35
C GLU A 257 24.10 -56.36 -31.10
N ARG A 258 23.85 -57.47 -30.39
CA ARG A 258 24.65 -57.78 -29.21
C ARG A 258 26.10 -58.04 -29.57
N SER A 259 26.34 -58.73 -30.68
CA SER A 259 27.71 -58.92 -31.15
C SER A 259 28.37 -57.60 -31.52
N LYS A 260 27.62 -56.70 -32.14
CA LYS A 260 28.15 -55.38 -32.48
C LYS A 260 28.52 -54.60 -31.22
N GLN A 261 27.68 -54.66 -30.19
CA GLN A 261 27.98 -53.99 -28.93
C GLN A 261 29.21 -54.60 -28.27
N LEU A 262 29.35 -55.92 -28.32
CA LEU A 262 30.49 -56.61 -27.73
C LEU A 262 31.77 -56.29 -28.49
N THR A 287 7.12 -55.17 14.43
CA THR A 287 6.60 -55.44 15.78
C THR A 287 6.92 -54.31 16.78
N ASP A 288 5.93 -53.95 17.61
CA ASP A 288 6.05 -52.89 18.62
C ASP A 288 6.10 -53.46 20.05
N GLU A 289 7.08 -53.04 20.85
CA GLU A 289 7.25 -53.52 22.24
C GLU A 289 6.20 -52.90 23.21
N PRO A 290 5.55 -53.69 24.09
CA PRO A 290 4.66 -53.16 25.12
C PRO A 290 5.38 -52.25 26.13
N ALA A 291 4.64 -51.31 26.74
CA ALA A 291 5.11 -50.49 27.83
C ALA A 291 4.44 -50.88 29.16
N ASP A 292 5.23 -51.08 30.22
CA ASP A 292 4.74 -51.27 31.59
C ASP A 292 5.74 -50.65 32.59
N PRO A 293 5.32 -50.36 33.84
CA PRO A 293 6.16 -49.64 34.79
C PRO A 293 7.48 -50.31 35.24
N ALA A 294 7.78 -51.58 34.92
CA ALA A 294 8.78 -52.28 35.70
C ALA A 294 10.20 -52.14 35.16
N ARG A 295 10.37 -51.68 33.92
CA ARG A 295 11.70 -51.57 33.32
C ARG A 295 12.20 -50.13 33.33
N VAL A 296 11.82 -49.34 34.32
CA VAL A 296 12.30 -47.97 34.46
C VAL A 296 13.71 -47.98 35.01
N SER A 297 14.55 -47.09 34.47
CA SER A 297 15.94 -47.03 34.94
C SER A 297 16.04 -46.36 36.31
N SER A 298 15.20 -45.36 36.58
CA SER A 298 15.23 -44.67 37.85
C SER A 298 13.86 -44.06 38.12
N ARG A 299 13.64 -43.70 39.37
CA ARG A 299 12.37 -43.10 39.77
C ARG A 299 12.53 -41.75 40.45
N GLN A 300 13.55 -41.57 41.29
CA GLN A 300 13.67 -40.35 42.06
C GLN A 300 13.98 -39.15 41.18
N ARG A 301 14.95 -39.29 40.27
CA ARG A 301 15.32 -38.16 39.41
C ARG A 301 14.19 -37.80 38.47
N LEU A 302 13.53 -38.80 37.88
CA LEU A 302 12.41 -38.55 36.99
C LEU A 302 11.27 -37.87 37.74
N GLU A 303 10.97 -38.35 38.97
CA GLU A 303 9.91 -37.73 39.75
C GLU A 303 10.23 -36.29 40.09
N LEU A 304 11.49 -36.02 40.48
CA LEU A 304 11.87 -34.65 40.79
C LEU A 304 11.75 -33.74 39.57
N VAL A 305 12.21 -34.20 38.41
CA VAL A 305 12.15 -33.38 37.20
C VAL A 305 10.69 -33.13 36.81
N ALA A 306 9.86 -34.16 36.87
CA ALA A 306 8.45 -33.99 36.52
C ALA A 306 7.76 -33.04 37.49
N LEU A 307 8.05 -33.15 38.77
CA LEU A 307 7.43 -32.25 39.75
C LEU A 307 7.86 -30.82 39.53
N VAL A 308 9.15 -30.59 39.22
CA VAL A 308 9.61 -29.24 38.94
C VAL A 308 8.91 -28.68 37.71
N TYR A 309 8.80 -29.49 36.65
CA TYR A 309 8.14 -29.04 35.43
C TYR A 309 6.69 -28.67 35.70
N SER A 310 5.98 -29.52 36.45
CA SER A 310 4.57 -29.25 36.74
C SER A 310 4.41 -28.01 37.60
N SER A 311 5.29 -27.83 38.60
CA SER A 311 5.21 -26.66 39.45
C SER A 311 5.47 -25.38 38.66
N CYS A 312 6.44 -25.42 37.75
CA CYS A 312 6.71 -24.26 36.91
C CYS A 312 5.52 -23.95 35.99
N ILE A 313 4.91 -24.99 35.42
CA ILE A 313 3.78 -24.77 34.52
C ILE A 313 2.60 -24.18 35.29
N ALA A 314 2.33 -24.70 36.49
CA ALA A 314 1.14 -24.29 37.22
C ALA A 314 1.21 -22.83 37.67
N GLU A 315 2.40 -22.33 37.99
CA GLU A 315 2.55 -20.97 38.49
C GLU A 315 2.74 -19.95 37.37
N ASN A 316 2.65 -20.37 36.11
CA ASN A 316 2.69 -19.48 34.96
C ASN A 316 4.01 -18.71 34.87
N LEU A 317 5.09 -19.46 34.69
CA LEU A 317 6.39 -18.89 34.39
C LEU A 317 6.83 -19.14 32.96
N VAL A 318 6.36 -20.21 32.32
CA VAL A 318 6.70 -20.52 30.94
C VAL A 318 6.01 -19.51 30.03
N PRO A 319 6.53 -19.26 28.82
CA PRO A 319 5.87 -18.30 27.93
C PRO A 319 4.50 -18.76 27.46
N ASN A 320 4.42 -19.97 26.93
CA ASN A 320 3.18 -20.50 26.38
C ASN A 320 2.83 -21.80 27.08
N LEU A 321 1.54 -21.95 27.40
CA LEU A 321 1.08 -23.18 28.04
C LEU A 321 0.85 -24.29 27.02
N PHE A 322 0.20 -23.95 25.90
CA PHE A 322 -0.17 -24.98 24.94
C PHE A 322 1.04 -25.54 24.21
N LEU A 323 2.11 -24.75 24.05
CA LEU A 323 3.34 -25.31 23.48
C LEU A 323 3.91 -26.41 24.37
N GLU A 324 3.94 -26.16 25.68
CA GLU A 324 4.43 -27.17 26.60
C GLU A 324 3.51 -28.39 26.63
N LEU A 325 2.20 -28.17 26.58
CA LEU A 325 1.29 -29.32 26.53
C LEU A 325 1.48 -30.14 25.26
N PHE A 326 1.69 -29.47 24.12
CA PHE A 326 1.95 -30.20 22.88
C PHE A 326 3.24 -30.99 22.97
N PHE A 327 4.28 -30.45 23.61
CA PHE A 327 5.54 -31.15 23.89
C PHE A 327 5.36 -32.36 24.84
N VAL A 328 4.56 -32.25 25.91
CA VAL A 328 4.18 -33.40 26.75
C VAL A 328 3.45 -34.47 25.95
N PHE A 329 2.50 -34.08 25.09
CA PHE A 329 1.79 -35.03 24.23
C PHE A 329 2.75 -35.69 23.20
N GLN A 330 3.75 -34.98 22.67
CA GLN A 330 4.79 -35.60 21.84
C GLN A 330 5.63 -36.61 22.63
N LEU A 331 6.07 -36.30 23.85
CA LEU A 331 6.81 -37.25 24.70
C LEU A 331 5.98 -38.49 25.07
N LEU A 332 4.66 -38.35 25.23
CA LEU A 332 3.73 -39.46 25.41
C LEU A 332 3.51 -40.31 24.12
N THR A 333 3.98 -39.84 22.96
CA THR A 333 3.65 -40.37 21.62
C THR A 333 4.90 -40.73 20.82
N ALA A 334 5.69 -41.68 21.33
CA ALA A 334 6.87 -42.26 20.67
C ALA A 334 6.99 -43.76 20.98
N ARG A 335 7.56 -44.56 20.06
CA ARG A 335 7.40 -46.04 20.06
C ARG A 335 8.65 -46.89 19.72
N ARG A 336 9.74 -46.31 19.20
CA ARG A 336 10.83 -47.07 18.56
C ARG A 336 12.22 -46.44 18.78
N MET A 337 13.27 -47.26 18.59
CA MET A 337 14.70 -46.93 18.78
C MET A 337 15.05 -46.52 20.21
N LEU A 355 26.19 -33.24 32.95
CA LEU A 355 25.45 -33.73 34.09
C LEU A 355 25.99 -35.08 34.55
N GLU A 356 25.25 -35.75 35.43
CA GLU A 356 25.68 -37.04 35.94
C GLU A 356 25.64 -38.10 34.86
N SER A 357 24.53 -38.18 34.12
CA SER A 357 24.35 -39.17 33.08
C SER A 357 23.17 -38.75 32.21
N PRO A 358 23.18 -39.09 30.92
CA PRO A 358 22.03 -38.78 30.08
C PRO A 358 20.79 -39.54 30.51
N LEU A 359 19.63 -38.92 30.28
CA LEU A 359 18.29 -39.48 30.48
C LEU A 359 17.84 -40.32 29.26
N PHE A 360 16.69 -40.98 29.38
CA PHE A 360 15.91 -41.54 28.27
C PHE A 360 16.62 -42.62 27.43
N GLN A 361 17.21 -43.62 28.08
CA GLN A 361 17.74 -44.82 27.44
C GLN A 361 16.66 -45.67 26.72
N SER A 362 15.39 -45.52 27.09
CA SER A 362 14.26 -46.31 26.57
C SER A 362 12.97 -45.50 26.41
N ILE A 363 12.01 -46.06 25.67
CA ILE A 363 10.64 -45.52 25.57
C ILE A 363 9.94 -45.53 26.94
N HIS A 364 10.18 -46.53 27.77
CA HIS A 364 9.57 -46.54 29.09
C HIS A 364 9.84 -45.25 29.84
N ASP A 365 11.09 -44.84 29.89
CA ASP A 365 11.46 -43.67 30.67
C ASP A 365 10.67 -42.44 30.24
N CYS A 366 10.55 -42.24 28.91
CA CYS A 366 9.82 -41.15 28.29
C CYS A 366 8.31 -41.20 28.63
N VAL A 367 7.69 -42.39 28.49
CA VAL A 367 6.28 -42.59 28.85
C VAL A 367 6.05 -42.34 30.34
N PHE A 368 6.92 -42.82 31.23
CA PHE A 368 6.72 -42.58 32.65
C PHE A 368 6.82 -41.10 32.98
N PHE A 369 7.81 -40.41 32.39
CA PHE A 369 7.95 -38.99 32.64
C PHE A 369 6.73 -38.21 32.16
N ALA A 370 6.24 -38.51 30.96
CA ALA A 370 5.08 -37.81 30.40
C ALA A 370 3.83 -38.04 31.25
N VAL A 371 3.59 -39.28 31.68
CA VAL A 371 2.46 -39.62 32.57
C VAL A 371 2.59 -38.96 33.96
N GLN A 372 3.80 -38.86 34.55
CA GLN A 372 3.93 -38.20 35.84
C GLN A 372 3.56 -36.71 35.76
N VAL A 373 3.99 -36.03 34.70
CA VAL A 373 3.68 -34.61 34.56
C VAL A 373 2.18 -34.42 34.32
N LEU A 374 1.61 -35.20 33.40
CA LEU A 374 0.23 -35.04 32.96
C LEU A 374 -0.79 -35.37 34.06
N GLU A 375 -0.36 -35.91 35.22
CA GLU A 375 -1.30 -36.37 36.23
C GLU A 375 -2.00 -35.21 36.95
N CYS A 376 -1.34 -34.07 37.11
CA CYS A 376 -1.82 -33.01 37.97
C CYS A 376 -2.60 -31.93 37.24
N HIS A 377 -3.02 -32.17 36.00
CA HIS A 377 -3.67 -31.13 35.20
C HIS A 377 -5.07 -31.53 34.77
N PHE A 378 -5.87 -32.04 35.70
CA PHE A 378 -7.23 -32.45 35.35
C PHE A 378 -8.03 -31.27 34.79
N GLN A 379 -8.01 -30.14 35.52
CA GLN A 379 -8.98 -29.08 35.27
C GLN A 379 -8.92 -28.58 33.83
N VAL A 380 -7.72 -28.41 33.29
CA VAL A 380 -7.60 -27.99 31.89
C VAL A 380 -8.06 -29.09 30.95
N LEU A 381 -7.80 -30.35 31.30
CA LEU A 381 -8.14 -31.46 30.42
C LEU A 381 -9.64 -31.71 30.34
N SER A 382 -10.42 -31.14 31.25
CA SER A 382 -11.85 -31.44 31.29
C SER A 382 -12.70 -30.43 30.54
N ASN A 383 -12.09 -29.48 29.83
CA ASN A 383 -12.83 -28.37 29.23
C ASN A 383 -12.75 -28.35 27.71
N LEU A 384 -12.13 -29.36 27.09
CA LEU A 384 -12.07 -29.42 25.64
C LEU A 384 -13.30 -30.16 25.10
N ASP A 385 -13.29 -30.45 23.81
CA ASP A 385 -14.47 -31.00 23.16
C ASP A 385 -14.57 -32.51 23.39
N LYS A 386 -15.59 -33.11 22.78
CA LYS A 386 -15.89 -34.52 23.01
C LYS A 386 -14.77 -35.42 22.48
N GLY A 387 -14.22 -35.08 21.30
CA GLY A 387 -13.33 -36.00 20.63
C GLY A 387 -12.06 -36.29 21.41
N THR A 388 -11.42 -35.24 21.92
CA THR A 388 -10.15 -35.43 22.63
C THR A 388 -10.36 -36.21 23.92
N LEU A 389 -11.45 -35.93 24.64
CA LEU A 389 -11.75 -36.69 25.84
C LEU A 389 -12.04 -38.15 25.52
N LYS A 390 -12.76 -38.44 24.43
CA LYS A 390 -13.02 -39.83 24.02
C LYS A 390 -11.72 -40.60 23.80
N LEU A 391 -10.80 -40.08 22.99
CA LEU A 391 -9.53 -40.75 22.71
C LEU A 391 -8.59 -40.80 23.93
N LEU A 392 -8.60 -39.79 24.80
CA LEU A 392 -7.81 -39.82 26.03
C LEU A 392 -8.34 -40.84 27.05
N ALA A 393 -9.66 -41.01 27.16
CA ALA A 393 -10.27 -42.07 27.98
C ALA A 393 -10.12 -43.48 27.38
N GLU A 394 -10.07 -43.61 26.05
CA GLU A 394 -9.82 -44.88 25.33
C GLU A 394 -8.33 -45.27 25.21
N ASN A 395 -7.39 -44.46 25.71
CA ASN A 395 -5.95 -44.68 25.56
C ASN A 395 -5.49 -46.04 26.12
N GLU A 396 -4.70 -46.79 25.36
CA GLU A 396 -4.28 -48.16 25.72
C GLU A 396 -3.06 -48.22 26.67
N ARG A 397 -2.38 -47.10 26.92
CA ARG A 397 -1.09 -47.06 27.63
C ARG A 397 -1.21 -46.57 29.07
N LEU A 398 -2.02 -45.53 29.31
CA LEU A 398 -2.25 -44.96 30.65
C LEU A 398 -2.80 -46.00 31.66
N LEU A 399 -3.52 -47.03 31.18
CA LEU A 399 -4.00 -48.16 31.99
C LEU A 399 -2.88 -48.89 32.76
N CYS A 400 -1.64 -48.88 32.24
CA CYS A 400 -0.50 -49.53 32.90
C CYS A 400 0.10 -48.68 34.02
N PHE A 401 -0.13 -47.36 34.04
CA PHE A 401 0.58 -46.40 34.92
C PHE A 401 -0.33 -45.68 35.94
N SER A 402 -1.57 -45.31 35.59
CA SER A 402 -2.54 -44.73 36.52
C SER A 402 -3.99 -44.99 36.11
N PRO A 403 -4.58 -46.14 36.54
CA PRO A 403 -6.00 -46.43 36.33
C PRO A 403 -6.94 -45.37 36.89
N ALA A 404 -6.58 -44.69 37.99
CA ALA A 404 -7.45 -43.69 38.61
C ALA A 404 -7.64 -42.49 37.70
N LEU A 405 -6.58 -41.99 37.07
CA LEU A 405 -6.66 -40.84 36.17
C LEU A 405 -7.57 -41.14 34.96
N GLN A 406 -7.45 -42.33 34.39
CA GLN A 406 -8.26 -42.75 33.26
C GLN A 406 -9.74 -42.94 33.64
N GLY A 407 -10.03 -43.46 34.85
CA GLY A 407 -11.38 -43.49 35.38
C GLY A 407 -11.95 -42.11 35.60
N ARG A 408 -11.10 -41.18 36.04
CA ARG A 408 -11.56 -39.82 36.28
C ARG A 408 -12.00 -39.15 34.98
N LEU A 409 -11.18 -39.25 33.95
CA LEU A 409 -11.46 -38.72 32.61
C LEU A 409 -12.59 -39.49 31.90
N ARG A 410 -12.78 -40.79 32.19
CA ARG A 410 -13.99 -41.54 31.81
C ARG A 410 -15.24 -40.92 32.44
N ALA A 411 -15.33 -40.74 33.76
CA ALA A 411 -16.48 -40.12 34.40
C ALA A 411 -16.73 -38.72 33.83
N ALA A 412 -15.66 -37.98 33.55
CA ALA A 412 -15.82 -36.66 32.94
C ALA A 412 -16.47 -36.76 31.56
N TYR A 413 -16.05 -37.74 30.76
CA TYR A 413 -16.61 -37.92 29.43
C TYR A 413 -18.10 -38.24 29.49
N GLU A 414 -18.49 -39.17 30.36
CA GLU A 414 -19.92 -39.41 30.50
C GLU A 414 -20.65 -38.30 31.24
N GLY A 415 -19.92 -37.35 31.83
CA GLY A 415 -20.56 -36.20 32.45
C GLY A 415 -20.70 -34.99 31.57
N SER A 416 -20.02 -34.96 30.42
CA SER A 416 -20.05 -33.82 29.53
C SER A 416 -21.16 -33.95 28.51
N VAL A 417 -21.77 -32.81 28.16
CA VAL A 417 -22.87 -32.78 27.21
C VAL A 417 -22.50 -31.93 26.00
N ARG A 447 -25.85 11.61 -1.04
CA ARG A 447 -25.66 12.21 -2.36
C ARG A 447 -24.55 11.51 -3.14
N ALA A 448 -24.87 11.07 -4.35
CA ALA A 448 -23.90 10.38 -5.19
C ALA A 448 -24.24 10.63 -6.66
N PHE A 449 -23.22 10.47 -7.51
CA PHE A 449 -23.38 10.69 -8.94
C PHE A 449 -23.94 9.45 -9.62
N HIS A 450 -24.22 9.57 -10.92
CA HIS A 450 -24.73 8.43 -11.67
C HIS A 450 -23.66 7.39 -11.98
N THR A 451 -22.40 7.82 -12.12
CA THR A 451 -21.33 6.88 -12.41
C THR A 451 -21.09 5.90 -11.27
N PHE A 452 -21.48 6.26 -10.04
CA PHE A 452 -21.34 5.35 -8.91
C PHE A 452 -22.14 4.07 -9.13
N LYS A 453 -23.29 4.16 -9.82
CA LYS A 453 -24.04 2.96 -10.14
C LYS A 453 -23.24 2.03 -11.05
N LYS A 454 -22.58 2.60 -12.06
CA LYS A 454 -21.74 1.79 -12.94
C LYS A 454 -20.59 1.16 -12.18
N GLN A 455 -19.96 1.93 -11.29
CA GLN A 455 -18.85 1.38 -10.50
C GLN A 455 -19.32 0.24 -9.60
N ARG A 456 -20.49 0.42 -8.96
CA ARG A 456 -21.02 -0.64 -8.09
C ARG A 456 -21.36 -1.89 -8.89
N ASP A 457 -21.94 -1.71 -10.08
CA ASP A 457 -22.25 -2.86 -10.92
C ASP A 457 -20.99 -3.59 -11.34
N VAL A 458 -19.95 -2.85 -11.69
CA VAL A 458 -18.67 -3.47 -12.07
C VAL A 458 -18.10 -4.24 -10.88
N PHE A 459 -18.14 -3.63 -9.69
CA PHE A 459 -17.60 -4.30 -8.51
C PHE A 459 -18.36 -5.59 -8.21
N TYR A 460 -19.69 -5.56 -8.32
CA TYR A 460 -20.48 -6.76 -8.07
C TYR A 460 -20.21 -7.82 -9.12
N GLU A 461 -20.01 -7.41 -10.38
CA GLU A 461 -19.67 -8.37 -11.42
C GLU A 461 -18.32 -9.02 -11.15
N VAL A 462 -17.36 -8.25 -10.64
CA VAL A 462 -16.02 -8.79 -10.39
C VAL A 462 -16.08 -9.90 -9.35
N LEU A 463 -16.80 -9.67 -8.25
CA LEU A 463 -16.86 -10.65 -7.19
C LEU A 463 -17.56 -11.93 -7.65
N ARG A 464 -18.54 -11.80 -8.54
CA ARG A 464 -19.21 -12.97 -9.09
C ARG A 464 -18.31 -13.81 -9.98
N GLU A 465 -17.13 -13.30 -10.35
CA GLU A 465 -16.15 -14.09 -11.08
C GLU A 465 -15.23 -14.86 -10.15
N TRP A 466 -15.02 -14.36 -8.93
CA TRP A 466 -14.04 -14.96 -8.02
C TRP A 466 -14.57 -16.22 -7.36
N GLU A 467 -15.71 -16.13 -6.69
CA GLU A 467 -16.19 -17.23 -5.86
C GLU A 467 -16.61 -18.45 -6.67
N ASP A 468 -16.78 -18.33 -7.98
CA ASP A 468 -17.15 -19.46 -8.82
C ASP A 468 -16.01 -19.98 -9.67
N HIS A 469 -14.81 -19.38 -9.58
CA HIS A 469 -13.67 -19.87 -10.33
C HIS A 469 -12.36 -19.83 -9.55
N HIS A 470 -12.40 -19.61 -8.24
CA HIS A 470 -11.18 -19.60 -7.44
C HIS A 470 -10.77 -20.98 -6.97
N GLU A 471 -11.59 -22.00 -7.22
CA GLU A 471 -11.29 -23.35 -6.79
C GLU A 471 -10.82 -24.26 -7.92
N GLU A 472 -10.83 -23.78 -9.17
CA GLU A 472 -10.28 -24.56 -10.26
C GLU A 472 -8.76 -24.39 -10.31
N PRO A 473 -8.02 -25.46 -10.55
CA PRO A 473 -6.56 -25.36 -10.58
C PRO A 473 -6.09 -24.46 -11.72
N GLY A 474 -4.95 -23.81 -11.48
CA GLY A 474 -4.37 -22.89 -12.45
C GLY A 474 -4.90 -21.47 -12.39
N TRP A 475 -5.86 -21.19 -11.49
CA TRP A 475 -6.39 -19.85 -11.39
C TRP A 475 -5.36 -18.89 -10.80
N ASP A 476 -5.42 -17.64 -11.25
CA ASP A 476 -4.56 -16.59 -10.70
C ASP A 476 -5.40 -15.33 -10.53
N PHE A 477 -5.15 -14.61 -9.43
CA PHE A 477 -5.94 -13.42 -9.13
C PHE A 477 -5.45 -12.22 -9.92
N GLU A 478 -4.18 -11.85 -9.74
CA GLU A 478 -3.65 -10.63 -10.34
C GLU A 478 -3.66 -10.70 -11.85
N LYS A 479 -3.28 -11.83 -12.43
CA LYS A 479 -3.24 -11.95 -13.88
C LYS A 479 -4.64 -11.80 -14.48
N GLY A 480 -5.64 -12.40 -13.85
CA GLY A 480 -6.98 -12.39 -14.40
C GLY A 480 -7.78 -11.14 -14.12
N LEU A 481 -7.44 -10.42 -13.05
CA LEU A 481 -8.21 -9.24 -12.64
C LEU A 481 -7.38 -7.99 -12.41
N GLY A 482 -6.11 -7.97 -12.78
CA GLY A 482 -5.26 -6.84 -12.46
C GLY A 482 -5.45 -5.62 -13.34
N SER A 483 -6.37 -5.71 -14.30
CA SER A 483 -6.63 -4.62 -15.24
C SER A 483 -7.94 -3.90 -14.99
N ARG A 484 -9.04 -4.63 -14.80
CA ARG A 484 -10.33 -3.99 -14.61
C ARG A 484 -10.36 -3.17 -13.33
N ILE A 485 -9.80 -3.72 -12.25
CA ILE A 485 -9.86 -3.06 -10.95
C ILE A 485 -9.15 -1.72 -11.00
N ARG A 486 -7.96 -1.68 -11.61
CA ARG A 486 -7.21 -0.43 -11.68
C ARG A 486 -7.98 0.63 -12.47
N ALA A 487 -8.58 0.25 -13.59
CA ALA A 487 -9.33 1.22 -14.38
C ALA A 487 -10.55 1.74 -13.62
N MET A 488 -11.30 0.84 -12.97
CA MET A 488 -12.46 1.27 -12.20
C MET A 488 -12.03 2.20 -11.06
N MET A 489 -10.92 1.88 -10.40
CA MET A 489 -10.46 2.69 -9.28
C MET A 489 -9.98 4.06 -9.76
N GLY A 490 -9.33 4.11 -10.92
CA GLY A 490 -8.96 5.39 -11.50
C GLY A 490 -10.18 6.24 -11.84
N GLN A 491 -11.22 5.60 -12.39
CA GLN A 491 -12.45 6.33 -12.66
C GLN A 491 -13.06 6.87 -11.37
N LEU A 492 -13.04 6.06 -10.30
CA LEU A 492 -13.56 6.51 -9.01
C LEU A 492 -12.77 7.71 -8.50
N SER A 493 -11.44 7.64 -8.58
CA SER A 493 -10.62 8.77 -8.14
C SER A 493 -10.90 10.02 -8.96
N ALA A 494 -11.13 9.86 -10.26
CA ALA A 494 -11.50 11.01 -11.10
C ALA A 494 -12.83 11.60 -10.68
N ALA A 495 -13.79 10.74 -10.31
CA ALA A 495 -15.11 11.21 -9.91
C ALA A 495 -15.18 11.66 -8.46
N CYS A 496 -14.07 11.56 -7.72
CA CYS A 496 -13.96 11.94 -6.31
C CYS A 496 -15.18 11.53 -5.50
N SER A 497 -15.40 10.21 -5.46
CA SER A 497 -16.52 9.62 -4.72
C SER A 497 -16.06 8.40 -3.93
N HIS A 498 -14.95 8.54 -3.20
CA HIS A 498 -14.40 7.37 -2.51
C HIS A 498 -15.21 6.98 -1.29
N SER A 499 -15.91 7.94 -0.68
CA SER A 499 -16.57 7.67 0.59
C SER A 499 -17.66 6.61 0.45
N HIS A 500 -18.53 6.77 -0.55
CA HIS A 500 -19.63 5.81 -0.72
C HIS A 500 -19.11 4.43 -1.08
N PHE A 501 -18.10 4.35 -1.94
CA PHE A 501 -17.54 3.06 -2.29
C PHE A 501 -16.92 2.38 -1.07
N VAL A 502 -16.23 3.16 -0.23
CA VAL A 502 -15.66 2.59 0.99
C VAL A 502 -16.76 2.08 1.91
N ARG A 503 -17.86 2.83 2.02
CA ARG A 503 -18.98 2.39 2.85
C ARG A 503 -19.53 1.06 2.35
N LEU A 504 -19.74 0.95 1.04
CA LEU A 504 -20.25 -0.30 0.48
C LEU A 504 -19.27 -1.45 0.71
N PHE A 505 -17.98 -1.18 0.52
CA PHE A 505 -16.95 -2.20 0.71
C PHE A 505 -16.95 -2.73 2.13
N GLN A 506 -16.99 -1.82 3.11
CA GLN A 506 -16.99 -2.24 4.50
C GLN A 506 -18.26 -3.02 4.85
N LYS A 507 -19.41 -2.56 4.38
CA LYS A 507 -20.66 -3.27 4.66
C LYS A 507 -20.61 -4.69 4.09
N GLN A 508 -20.15 -4.83 2.85
CA GLN A 508 -20.08 -6.14 2.23
C GLN A 508 -19.09 -7.05 2.96
N LEU A 509 -17.93 -6.51 3.34
CA LEU A 509 -16.94 -7.30 4.05
C LEU A 509 -17.49 -7.81 5.38
N LEU A 510 -18.17 -6.95 6.12
CA LEU A 510 -18.73 -7.39 7.39
C LEU A 510 -19.87 -8.39 7.19
N GLN A 511 -20.68 -8.21 6.13
CA GLN A 511 -21.83 -9.09 5.95
C GLN A 511 -21.41 -10.49 5.51
N MET A 512 -20.48 -10.59 4.55
CA MET A 512 -20.17 -11.89 3.98
C MET A 512 -19.18 -12.71 4.81
N CYS A 513 -18.13 -12.06 5.32
CA CYS A 513 -17.04 -12.79 5.96
C CYS A 513 -17.44 -13.47 7.26
N GLN A 514 -18.57 -13.12 7.85
CA GLN A 514 -19.01 -13.79 9.07
C GLN A 514 -19.54 -15.19 8.76
N SER A 515 -20.62 -15.26 7.99
CA SER A 515 -21.24 -16.52 7.61
C SER A 515 -22.28 -16.26 6.51
N PRO A 516 -22.35 -17.14 5.49
CA PRO A 516 -23.32 -16.95 4.39
C PRO A 516 -24.76 -17.13 4.85
N LYS A 538 -26.84 -37.01 3.89
CA LYS A 538 -27.39 -36.35 5.06
C LYS A 538 -26.56 -35.13 5.45
N LEU A 539 -27.24 -34.07 5.87
CA LEU A 539 -26.54 -32.83 6.20
C LEU A 539 -25.64 -33.00 7.41
N GLY A 540 -26.08 -33.77 8.41
CA GLY A 540 -25.29 -33.95 9.61
C GLY A 540 -23.94 -34.60 9.34
N ARG A 541 -23.89 -35.50 8.36
CA ARG A 541 -22.63 -36.12 7.96
C ARG A 541 -21.85 -35.24 6.98
N LEU A 542 -22.56 -34.55 6.08
CA LEU A 542 -21.89 -33.71 5.08
C LEU A 542 -21.14 -32.56 5.74
N TRP A 543 -21.75 -31.91 6.73
CA TRP A 543 -21.11 -30.79 7.40
C TRP A 543 -19.82 -31.23 8.08
N ARG A 544 -19.85 -32.36 8.78
CA ARG A 544 -18.64 -32.86 9.45
C ARG A 544 -17.60 -33.30 8.43
N LEU A 545 -18.04 -33.90 7.33
CA LEU A 545 -17.09 -34.35 6.31
C LEU A 545 -16.41 -33.16 5.64
N GLN A 546 -17.16 -32.08 5.39
CA GLN A 546 -16.61 -30.93 4.69
C GLN A 546 -15.49 -30.27 5.47
N GLU A 547 -15.47 -30.44 6.80
CA GLU A 547 -14.46 -29.80 7.63
C GLU A 547 -13.04 -30.26 7.25
N ARG A 548 -12.92 -31.48 6.72
CA ARG A 548 -11.59 -32.01 6.40
C ARG A 548 -10.92 -31.18 5.31
N LEU A 549 -11.67 -30.78 4.29
CA LEU A 549 -11.05 -30.10 3.15
C LEU A 549 -10.57 -28.71 3.50
N MET A 550 -11.24 -28.03 4.44
CA MET A 550 -10.90 -26.66 4.79
C MET A 550 -9.94 -26.58 5.98
N ALA A 551 -9.22 -27.66 6.27
CA ALA A 551 -8.34 -27.68 7.43
C ALA A 551 -7.14 -26.75 7.21
N PRO A 552 -6.61 -26.18 8.28
CA PRO A 552 -5.41 -25.34 8.15
C PRO A 552 -4.16 -26.14 7.82
N GLN A 553 -3.01 -25.48 7.79
CA GLN A 553 -1.77 -26.13 7.41
C GLN A 553 -1.45 -27.29 8.34
N SER A 554 -1.12 -28.44 7.75
CA SER A 554 -0.86 -29.64 8.53
C SER A 554 0.47 -29.60 9.26
N SER A 555 1.32 -28.62 9.00
CA SER A 555 2.61 -28.51 9.67
C SER A 555 2.85 -27.14 10.27
N GLY A 556 1.86 -26.25 10.25
CA GLY A 556 2.06 -24.91 10.76
C GLY A 556 2.00 -24.78 12.26
N GLY A 557 1.42 -25.76 12.95
CA GLY A 557 1.24 -25.66 14.38
C GLY A 557 2.52 -25.94 15.14
N PRO A 558 2.47 -25.70 16.45
CA PRO A 558 1.33 -25.23 17.23
C PRO A 558 1.24 -23.71 17.28
N CYS A 559 2.11 -22.99 16.57
CA CYS A 559 2.11 -21.53 16.54
C CYS A 559 2.13 -21.06 15.09
N PRO A 560 1.03 -21.24 14.36
CA PRO A 560 1.03 -20.86 12.94
C PRO A 560 1.10 -19.35 12.80
N PRO A 561 1.70 -18.85 11.72
CA PRO A 561 1.71 -17.41 11.47
C PRO A 561 0.33 -16.93 11.09
N PRO A 562 0.05 -15.63 11.24
CA PRO A 562 -1.27 -15.11 10.87
C PRO A 562 -1.55 -15.33 9.39
N THR A 563 -2.82 -15.62 9.09
CA THR A 563 -3.23 -15.95 7.73
C THR A 563 -4.69 -15.57 7.54
N PHE A 564 -5.12 -15.56 6.28
CA PHE A 564 -6.49 -15.19 5.93
C PHE A 564 -7.24 -16.39 5.35
N PRO A 565 -7.79 -17.25 6.19
CA PRO A 565 -8.52 -18.41 5.68
C PRO A 565 -9.90 -18.02 5.20
N GLY A 566 -10.54 -18.95 4.50
CA GLY A 566 -11.93 -18.74 4.08
C GLY A 566 -12.03 -17.63 3.05
N CYS A 567 -13.16 -16.91 3.10
CA CYS A 567 -13.44 -15.86 2.14
C CYS A 567 -12.73 -14.55 2.45
N GLN A 568 -12.01 -14.47 3.57
CA GLN A 568 -11.32 -13.23 3.91
C GLN A 568 -10.15 -12.95 2.97
N GLY A 569 -9.66 -13.95 2.25
CA GLY A 569 -8.47 -13.75 1.43
C GLY A 569 -8.70 -12.90 0.20
N PHE A 570 -9.95 -12.83 -0.27
CA PHE A 570 -10.25 -12.07 -1.48
C PHE A 570 -9.94 -10.58 -1.29
N PHE A 571 -10.31 -10.03 -0.14
CA PHE A 571 -10.07 -8.61 0.11
C PHE A 571 -8.58 -8.30 0.25
N ARG A 572 -7.82 -9.23 0.82
CA ARG A 572 -6.37 -9.04 0.93
C ARG A 572 -5.75 -8.89 -0.44
N ASP A 573 -6.08 -9.78 -1.37
CA ASP A 573 -5.57 -9.68 -2.73
C ASP A 573 -6.11 -8.43 -3.43
N PHE A 574 -7.36 -8.05 -3.17
CA PHE A 574 -7.90 -6.85 -3.78
C PHE A 574 -7.09 -5.62 -3.38
N ILE A 575 -6.79 -5.48 -2.09
CA ILE A 575 -5.97 -4.35 -1.64
C ILE A 575 -4.57 -4.43 -2.22
N LEU A 576 -3.98 -5.63 -2.23
CA LEU A 576 -2.63 -5.76 -2.76
C LEU A 576 -2.58 -5.43 -4.25
N SER A 577 -3.71 -5.59 -4.95
CA SER A 577 -3.74 -5.33 -6.39
C SER A 577 -4.01 -3.86 -6.70
N ALA A 578 -4.90 -3.22 -5.92
CA ALA A 578 -5.24 -1.83 -6.21
C ALA A 578 -4.06 -0.91 -6.04
N SER A 579 -3.50 -0.85 -4.83
CA SER A 579 -2.30 -0.08 -4.50
C SER A 579 -2.42 1.41 -4.82
N SER A 580 -3.58 2.01 -4.56
CA SER A 580 -3.72 3.45 -4.76
C SER A 580 -3.58 4.20 -3.44
N PHE A 581 -3.19 5.47 -3.54
CA PHE A 581 -3.05 6.29 -2.33
C PHE A 581 -4.40 6.66 -1.75
N GLN A 582 -5.33 7.11 -2.60
CA GLN A 582 -6.59 7.68 -2.11
C GLN A 582 -7.45 6.64 -1.39
N PHE A 583 -7.52 5.43 -1.93
CA PHE A 583 -8.41 4.42 -1.37
C PHE A 583 -7.98 4.00 0.03
N ASN A 584 -6.68 3.85 0.24
CA ASN A 584 -6.18 3.37 1.53
C ASN A 584 -6.54 4.33 2.65
N GLN A 585 -6.43 5.63 2.41
CA GLN A 585 -6.71 6.60 3.47
C GLN A 585 -8.18 6.54 3.88
N HIS A 586 -9.09 6.49 2.91
CA HIS A 586 -10.52 6.41 3.24
C HIS A 586 -10.84 5.13 4.01
N LEU A 587 -10.31 3.99 3.54
CA LEU A 587 -10.57 2.74 4.25
C LEU A 587 -10.00 2.79 5.67
N MET A 588 -8.80 3.35 5.80
CA MET A 588 -8.14 3.44 7.10
C MET A 588 -8.92 4.30 8.08
N ASP A 589 -9.56 5.36 7.59
CA ASP A 589 -10.36 6.20 8.47
C ASP A 589 -11.67 5.51 8.84
N SER A 590 -12.34 4.90 7.86
CA SER A 590 -13.65 4.31 8.12
C SER A 590 -13.55 3.14 9.08
N LEU A 591 -12.55 2.28 8.90
CA LEU A 591 -12.39 1.15 9.82
C LEU A 591 -12.10 1.63 11.23
N SER A 592 -11.31 2.69 11.37
CA SER A 592 -11.03 3.23 12.70
C SER A 592 -12.29 3.75 13.36
N LEU A 593 -13.14 4.45 12.59
CA LEU A 593 -14.39 4.95 13.16
C LEU A 593 -15.27 3.80 13.62
N LYS A 594 -15.42 2.77 12.77
CA LYS A 594 -16.27 1.65 13.13
C LYS A 594 -15.75 0.92 14.36
N ILE A 595 -14.43 0.77 14.47
CA ILE A 595 -13.85 0.12 15.65
C ILE A 595 -14.10 0.96 16.89
N GLN A 596 -13.90 2.27 16.80
CA GLN A 596 -14.07 3.13 17.96
C GLN A 596 -15.52 3.10 18.44
N GLU A 597 -16.48 3.11 17.51
CA GLU A 597 -17.88 3.13 17.91
C GLU A 597 -18.27 1.86 18.65
N LEU A 598 -17.82 0.70 18.17
CA LEU A 598 -18.30 -0.58 18.67
C LEU A 598 -17.74 -0.96 20.04
N ASN A 599 -16.60 -0.39 20.44
CA ASN A 599 -16.01 -0.77 21.72
C ASN A 599 -16.87 -0.36 22.90
N GLY A 600 -17.57 0.76 22.80
CA GLY A 600 -18.31 1.32 23.90
C GLY A 600 -19.74 0.85 24.05
N LEU A 601 -20.16 -0.15 23.28
CA LEU A 601 -21.53 -0.64 23.39
C LEU A 601 -21.76 -1.22 24.77
N ALA A 602 -22.88 -0.84 25.38
CA ALA A 602 -23.22 -1.28 26.74
C ALA A 602 -24.06 -2.54 26.64
N LEU A 603 -23.40 -3.68 26.58
CA LEU A 603 -24.10 -4.96 26.48
C LEU A 603 -24.74 -5.29 27.81
N PRO A 604 -26.06 -5.50 27.87
CA PRO A 604 -26.70 -5.85 29.14
C PRO A 604 -26.27 -7.22 29.63
N GLN A 605 -26.19 -7.37 30.94
CA GLN A 605 -25.89 -8.65 31.58
C GLN A 605 -26.99 -8.99 32.55
N HIS A 606 -27.35 -10.27 32.62
CA HIS A 606 -28.40 -10.72 33.53
C HIS A 606 -28.16 -12.15 33.97
N GLY A 621 -31.66 -14.87 31.03
CA GLY A 621 -31.88 -15.79 29.93
C GLY A 621 -30.60 -16.17 29.22
N GLU A 622 -30.65 -16.12 27.88
CA GLU A 622 -29.49 -16.44 27.04
C GLU A 622 -29.15 -15.24 26.18
N ARG A 623 -27.87 -14.88 26.14
CA ARG A 623 -27.38 -13.73 25.39
C ARG A 623 -26.41 -14.20 24.32
N LYS A 624 -26.59 -13.67 23.10
CA LYS A 624 -25.80 -14.09 21.94
C LYS A 624 -25.01 -12.95 21.31
N GLN A 625 -25.38 -11.70 21.58
CA GLN A 625 -24.76 -10.56 20.91
C GLN A 625 -23.26 -10.47 21.18
N PHE A 626 -22.79 -11.04 22.30
CA PHE A 626 -21.37 -10.96 22.62
C PHE A 626 -20.52 -11.63 21.55
N ALA A 627 -20.96 -12.79 21.06
CA ALA A 627 -20.22 -13.48 20.02
C ALA A 627 -20.12 -12.65 18.75
N VAL A 628 -21.24 -12.04 18.34
CA VAL A 628 -21.22 -11.22 17.13
C VAL A 628 -20.29 -10.03 17.31
N VAL A 629 -20.36 -9.37 18.46
CA VAL A 629 -19.51 -8.20 18.70
C VAL A 629 -18.04 -8.60 18.65
N LEU A 630 -17.67 -9.70 19.33
CA LEU A 630 -16.27 -10.11 19.34
C LEU A 630 -15.79 -10.51 17.96
N LEU A 631 -16.59 -11.28 17.22
CA LEU A 631 -16.18 -11.72 15.89
C LEU A 631 -16.07 -10.55 14.92
N SER A 632 -16.87 -9.50 15.11
CA SER A 632 -16.72 -8.32 14.27
C SER A 632 -15.46 -7.54 14.64
N LEU A 633 -15.23 -7.35 15.94
CA LEU A 633 -14.10 -6.56 16.38
C LEU A 633 -12.78 -7.19 15.95
N ARG A 634 -12.66 -8.51 16.07
CA ARG A 634 -11.41 -9.16 15.69
C ARG A 634 -11.11 -8.95 14.22
N LEU A 635 -12.11 -9.12 13.36
CA LEU A 635 -11.91 -8.96 11.92
C LEU A 635 -11.55 -7.53 11.57
N LEU A 636 -12.25 -6.55 12.17
CA LEU A 636 -11.94 -5.16 11.87
C LEU A 636 -10.53 -4.79 12.31
N ALA A 637 -10.12 -5.24 13.50
CA ALA A 637 -8.76 -4.99 13.94
C ALA A 637 -7.75 -5.63 13.02
N LYS A 638 -8.03 -6.86 12.57
CA LYS A 638 -7.13 -7.53 11.63
C LYS A 638 -6.93 -6.70 10.37
N PHE A 639 -8.03 -6.24 9.78
CA PHE A 639 -7.90 -5.56 8.50
C PHE A 639 -7.23 -4.20 8.65
N LEU A 640 -7.57 -3.47 9.72
CA LEU A 640 -6.89 -2.20 9.98
C LEU A 640 -5.40 -2.40 10.21
N GLY A 641 -5.03 -3.40 11.02
CA GLY A 641 -3.62 -3.63 11.26
C GLY A 641 -2.88 -4.02 10.00
N PHE A 642 -3.53 -4.76 9.11
CA PHE A 642 -2.88 -5.13 7.85
C PHE A 642 -2.68 -3.92 6.95
N VAL A 643 -3.68 -3.05 6.86
CA VAL A 643 -3.56 -1.90 5.95
C VAL A 643 -2.57 -0.88 6.49
N ALA A 644 -2.62 -0.59 7.79
CA ALA A 644 -1.88 0.54 8.34
C ALA A 644 -0.36 0.37 8.25
N PHE A 645 0.15 -0.83 8.50
CA PHE A 645 1.59 -1.03 8.58
C PHE A 645 2.20 -1.51 7.27
N LEU A 646 1.45 -1.50 6.17
CA LEU A 646 1.96 -2.02 4.91
C LEU A 646 3.24 -1.35 4.43
N PRO A 647 3.39 -0.02 4.45
CA PRO A 647 4.63 0.58 3.93
C PRO A 647 5.89 0.13 4.63
N TYR A 648 5.84 -0.13 5.94
CA TYR A 648 7.06 -0.29 6.72
C TYR A 648 7.49 -1.74 6.90
N ARG A 649 6.78 -2.71 6.35
CA ARG A 649 7.06 -4.12 6.62
C ARG A 649 8.32 -4.54 5.87
N GLY A 650 9.46 -4.16 6.44
CA GLY A 650 10.75 -4.48 5.86
C GLY A 650 11.20 -5.87 6.22
N PRO A 651 12.29 -6.30 5.57
CA PRO A 651 12.77 -7.67 5.77
C PRO A 651 13.80 -7.81 6.88
N GLU A 652 14.42 -6.72 7.31
CA GLU A 652 15.58 -6.84 8.19
C GLU A 652 15.51 -5.91 9.39
N PRO A 653 16.09 -6.31 10.52
CA PRO A 653 16.18 -5.44 11.69
C PRO A 653 17.27 -4.41 11.51
N PRO A 654 17.39 -3.43 12.42
CA PRO A 654 18.54 -2.55 12.38
C PRO A 654 19.72 -3.15 13.09
N PRO A 655 20.75 -3.55 12.33
CA PRO A 655 21.78 -4.47 12.86
C PRO A 655 22.56 -3.95 14.04
N THR A 656 22.74 -2.64 14.19
CA THR A 656 23.60 -2.10 15.23
C THR A 656 22.75 -1.29 16.21
N GLY A 657 23.40 -0.87 17.29
CA GLY A 657 22.78 -0.02 18.29
C GLY A 657 23.14 1.44 18.21
N GLU A 658 24.04 1.83 17.30
CA GLU A 658 24.45 3.22 17.15
C GLU A 658 23.78 3.93 15.99
N LEU A 659 23.61 3.26 14.85
CA LEU A 659 22.85 3.83 13.75
C LEU A 659 21.34 3.72 13.97
N GLN A 660 20.90 2.78 14.81
CA GLN A 660 19.48 2.49 14.94
C GLN A 660 18.70 3.68 15.48
N ASP A 661 19.28 4.40 16.45
CA ASP A 661 18.58 5.52 17.07
C ASP A 661 18.18 6.59 16.06
N SER A 662 18.91 6.71 14.95
CA SER A 662 18.51 7.65 13.90
C SER A 662 17.17 7.27 13.29
N ILE A 663 16.99 6.00 12.90
CA ILE A 663 15.71 5.58 12.36
C ILE A 663 14.63 5.63 13.43
N LEU A 664 15.01 5.34 14.68
CA LEU A 664 14.04 5.45 15.77
C LEU A 664 13.51 6.88 15.90
N ALA A 665 14.41 7.87 15.84
CA ALA A 665 13.99 9.26 15.90
C ALA A 665 13.16 9.64 14.68
N LEU A 666 13.56 9.15 13.50
CA LEU A 666 12.83 9.48 12.28
C LEU A 666 11.44 8.84 12.26
N ARG A 667 11.24 7.78 13.04
CA ARG A 667 10.00 7.03 12.99
C ARG A 667 9.01 7.41 14.08
N SER A 668 9.48 7.75 15.27
CA SER A 668 8.60 7.89 16.43
C SER A 668 7.78 9.17 16.43
N GLN A 669 8.03 10.09 15.52
CA GLN A 669 7.38 11.40 15.56
C GLN A 669 5.91 11.36 15.13
N VAL A 670 5.58 10.61 14.09
CA VAL A 670 4.21 10.59 13.55
C VAL A 670 3.27 9.92 14.55
N PRO A 671 2.13 10.52 14.86
CA PRO A 671 1.21 9.89 15.81
C PRO A 671 0.56 8.66 15.19
N PRO A 672 0.13 7.71 16.02
CA PRO A 672 -0.51 6.50 15.48
C PRO A 672 -1.92 6.79 14.97
N VAL A 673 -2.44 5.84 14.19
CA VAL A 673 -3.75 6.02 13.59
C VAL A 673 -4.87 5.85 14.60
N LEU A 674 -4.62 5.20 15.74
CA LEU A 674 -5.66 4.98 16.73
C LEU A 674 -5.04 5.05 18.11
N ASP A 675 -5.73 5.74 19.02
CA ASP A 675 -5.24 5.91 20.39
C ASP A 675 -5.45 4.60 21.18
N VAL A 676 -4.64 3.61 20.81
CA VAL A 676 -4.84 2.26 21.33
C VAL A 676 -4.48 2.17 22.81
N ARG A 677 -3.39 2.84 23.24
CA ARG A 677 -2.98 2.73 24.63
C ARG A 677 -4.04 3.29 25.57
N THR A 678 -4.60 4.45 25.23
CA THR A 678 -5.64 5.04 26.07
C THR A 678 -6.87 4.16 26.11
N LEU A 679 -7.23 3.57 24.96
CA LEU A 679 -8.38 2.66 24.93
C LEU A 679 -8.17 1.47 25.84
N LEU A 680 -6.97 0.86 25.79
CA LEU A 680 -6.70 -0.27 26.67
C LEU A 680 -6.73 0.15 28.14
N GLN A 681 -6.13 1.29 28.45
CA GLN A 681 -6.09 1.75 29.84
C GLN A 681 -7.49 2.01 30.38
N ARG A 682 -8.34 2.64 29.56
CA ARG A 682 -9.72 2.88 29.98
C ARG A 682 -10.48 1.57 30.13
N GLY A 683 -10.25 0.62 29.23
CA GLY A 683 -10.98 -0.63 29.30
C GLY A 683 -10.69 -1.41 30.57
N LEU A 684 -9.41 -1.53 30.93
CA LEU A 684 -9.04 -2.30 32.11
C LEU A 684 -9.47 -1.61 33.40
N GLN A 685 -9.59 -0.28 33.38
CA GLN A 685 -9.98 0.44 34.58
C GLN A 685 -11.40 0.12 35.00
N ALA A 686 -12.24 -0.31 34.06
CA ALA A 686 -13.64 -0.57 34.33
C ALA A 686 -14.00 -1.99 33.96
N ARG A 687 -13.14 -2.92 34.41
CA ARG A 687 -13.29 -4.35 34.09
C ARG A 687 -13.26 -4.54 32.57
N ARG A 688 -14.29 -5.11 31.98
CA ARG A 688 -14.38 -5.19 30.52
C ARG A 688 -13.15 -5.83 29.89
N ALA A 689 -12.49 -6.73 30.62
CA ALA A 689 -11.21 -7.28 30.15
C ALA A 689 -11.39 -8.13 28.90
N VAL A 690 -12.43 -8.96 28.87
CA VAL A 690 -12.61 -9.92 27.78
C VAL A 690 -12.94 -9.22 26.47
N LEU A 691 -13.52 -8.02 26.51
CA LEU A 691 -13.97 -7.37 25.29
C LEU A 691 -12.89 -6.54 24.62
N THR A 692 -11.73 -6.38 25.26
CA THR A 692 -10.68 -5.54 24.71
C THR A 692 -9.43 -6.30 24.31
N VAL A 693 -9.00 -7.27 25.12
CA VAL A 693 -7.71 -7.92 24.86
C VAL A 693 -7.65 -8.64 23.52
N PRO A 694 -8.67 -9.41 23.09
CA PRO A 694 -8.55 -10.14 21.81
C PRO A 694 -8.20 -9.27 20.61
N TRP A 695 -9.04 -8.28 20.30
CA TRP A 695 -8.81 -7.49 19.10
C TRP A 695 -7.55 -6.63 19.22
N LEU A 696 -7.22 -6.16 20.42
CA LEU A 696 -5.97 -5.43 20.59
C LEU A 696 -4.76 -6.32 20.34
N VAL A 697 -4.79 -7.54 20.87
CA VAL A 697 -3.68 -8.47 20.68
C VAL A 697 -3.52 -8.82 19.21
N GLU A 698 -4.64 -9.00 18.50
CA GLU A 698 -4.50 -9.38 17.10
C GLU A 698 -3.99 -8.20 16.28
N PHE A 699 -4.33 -6.97 16.68
CA PHE A 699 -3.91 -5.79 15.93
C PHE A 699 -2.39 -5.68 15.87
N LEU A 700 -1.72 -6.01 16.97
CA LEU A 700 -0.27 -5.93 17.00
C LEU A 700 0.40 -7.04 16.20
N SER A 701 -0.37 -8.03 15.74
CA SER A 701 0.22 -9.16 15.04
C SER A 701 0.88 -8.75 13.74
N PHE A 702 0.22 -7.90 12.95
CA PHE A 702 0.73 -7.52 11.64
C PHE A 702 1.72 -6.38 11.71
N ALA A 703 2.28 -6.09 12.87
CA ALA A 703 3.27 -5.01 12.98
C ALA A 703 4.56 -5.42 12.28
N ASP A 704 5.37 -4.41 11.96
CA ASP A 704 6.66 -4.69 11.34
C ASP A 704 7.66 -5.12 12.40
N HIS A 705 8.94 -5.14 12.03
CA HIS A 705 9.96 -5.70 12.90
C HIS A 705 10.49 -4.68 13.90
N VAL A 706 10.33 -3.38 13.64
CA VAL A 706 10.95 -2.36 14.48
C VAL A 706 10.02 -1.86 15.59
N VAL A 707 8.72 -2.07 15.47
CA VAL A 707 7.78 -1.56 16.47
C VAL A 707 8.21 -1.74 17.93
N PRO A 708 8.56 -2.97 18.36
CA PRO A 708 8.86 -3.16 19.79
C PRO A 708 9.97 -2.27 20.31
N LEU A 709 10.82 -1.74 19.44
CA LEU A 709 11.90 -0.86 19.89
C LEU A 709 11.44 0.56 20.16
N LEU A 710 10.24 0.93 19.73
CA LEU A 710 9.76 2.29 19.90
C LEU A 710 9.44 2.58 21.37
N GLU A 711 9.36 3.87 21.69
CA GLU A 711 9.07 4.29 23.05
C GLU A 711 7.59 4.11 23.40
N TYR A 712 6.70 4.25 22.43
CA TYR A 712 5.27 4.29 22.72
C TYR A 712 4.72 2.91 23.10
N TYR A 713 4.93 1.91 22.25
CA TYR A 713 4.30 0.62 22.43
C TYR A 713 4.89 -0.19 23.59
N ARG A 714 6.01 0.26 24.15
CA ARG A 714 6.61 -0.46 25.27
C ARG A 714 5.68 -0.47 26.47
N ASP A 715 4.96 0.63 26.70
CA ASP A 715 4.00 0.67 27.79
C ASP A 715 2.89 -0.35 27.58
N ILE A 716 2.38 -0.46 26.35
CA ILE A 716 1.34 -1.44 26.07
C ILE A 716 1.86 -2.85 26.35
N PHE A 717 3.08 -3.14 25.89
CA PHE A 717 3.62 -4.48 26.07
C PHE A 717 3.84 -4.80 27.54
N THR A 718 4.35 -3.85 28.33
CA THR A 718 4.57 -4.14 29.74
C THR A 718 3.24 -4.25 30.50
N LEU A 719 2.22 -3.49 30.10
CA LEU A 719 0.90 -3.67 30.70
C LEU A 719 0.36 -5.06 30.40
N LEU A 720 0.55 -5.53 29.16
CA LEU A 720 0.10 -6.89 28.82
C LEU A 720 0.85 -7.93 29.64
N LEU A 721 2.16 -7.73 29.85
CA LEU A 721 2.91 -8.64 30.71
C LEU A 721 2.34 -8.68 32.12
N ARG A 722 2.06 -7.50 32.67
CA ARG A 722 1.52 -7.44 34.03
C ARG A 722 0.17 -8.13 34.12
N LEU A 723 -0.68 -7.95 33.10
CA LEU A 723 -1.97 -8.64 33.09
C LEU A 723 -1.79 -10.14 32.99
N HIS A 724 -0.84 -10.60 32.16
CA HIS A 724 -0.65 -12.03 31.96
C HIS A 724 -0.17 -12.71 33.24
N ARG A 725 0.71 -12.04 33.98
CA ARG A 725 1.28 -12.68 35.18
C ARG A 725 0.20 -12.98 36.21
N SER A 726 -0.77 -12.08 36.38
CA SER A 726 -1.70 -12.19 37.50
C SER A 726 -2.68 -13.36 37.35
N LEU A 727 -2.94 -13.81 36.13
CA LEU A 727 -3.95 -14.85 35.92
C LEU A 727 -3.41 -16.20 36.37
N VAL A 728 -4.07 -16.81 37.35
CA VAL A 728 -3.70 -18.12 37.87
C VAL A 728 -4.93 -19.01 37.85
N LEU A 729 -4.78 -20.22 37.32
CA LEU A 729 -5.91 -21.14 37.22
C LEU A 729 -6.27 -21.81 38.54
N SER A 730 -5.35 -21.81 39.51
CA SER A 730 -5.57 -22.53 40.76
C SER A 730 -6.25 -21.69 41.84
N GLN A 731 -6.45 -20.40 41.60
CA GLN A 731 -7.06 -19.51 42.58
C GLN A 731 -8.31 -18.89 41.99
N GLU A 732 -9.42 -18.97 42.74
CA GLU A 732 -10.68 -18.38 42.33
C GLU A 732 -11.28 -17.41 43.33
N SER A 733 -10.82 -17.43 44.59
CA SER A 733 -11.36 -16.51 45.58
C SER A 733 -10.98 -15.06 45.28
N GLU A 734 -9.80 -14.83 44.72
CA GLU A 734 -9.34 -13.49 44.39
C GLU A 734 -10.19 -12.94 43.25
N GLY A 735 -11.07 -11.99 43.57
CA GLY A 735 -11.98 -11.48 42.57
C GLY A 735 -13.02 -12.52 42.18
N LYS A 736 -13.64 -12.30 41.03
CA LYS A 736 -14.64 -13.24 40.52
C LYS A 736 -14.54 -13.22 38.98
N MET A 737 -13.75 -14.15 38.45
CA MET A 737 -13.61 -14.33 37.01
C MET A 737 -13.95 -15.77 36.64
N CYS A 738 -14.74 -15.93 35.59
CA CYS A 738 -15.11 -17.27 35.14
C CYS A 738 -13.89 -18.00 34.58
N PHE A 739 -13.89 -19.32 34.76
CA PHE A 739 -12.72 -20.11 34.38
C PHE A 739 -12.44 -20.04 32.90
N LEU A 740 -13.49 -20.12 32.07
CA LEU A 740 -13.29 -20.06 30.62
C LEU A 740 -12.71 -18.73 30.19
N ASN A 741 -13.07 -17.63 30.87
CA ASN A 741 -12.50 -16.34 30.54
C ASN A 741 -10.99 -16.32 30.80
N LYS A 742 -10.56 -16.84 31.94
CA LYS A 742 -9.13 -16.93 32.20
C LYS A 742 -8.43 -17.80 31.18
N LEU A 743 -9.05 -18.93 30.81
CA LEU A 743 -8.44 -19.80 29.81
C LEU A 743 -8.28 -19.09 28.48
N LEU A 744 -9.31 -18.38 28.04
CA LEU A 744 -9.23 -17.66 26.76
C LEU A 744 -8.15 -16.59 26.81
N LEU A 745 -8.10 -15.82 27.91
CA LEU A 745 -7.09 -14.78 28.03
C LEU A 745 -5.68 -15.37 27.99
N LEU A 746 -5.46 -16.45 28.74
CA LEU A 746 -4.13 -17.06 28.76
C LEU A 746 -3.74 -17.61 27.40
N ALA A 747 -4.68 -18.29 26.72
CA ALA A 747 -4.38 -18.86 25.42
C ALA A 747 -4.04 -17.77 24.41
N VAL A 748 -4.81 -16.68 24.39
CA VAL A 748 -4.54 -15.61 23.44
C VAL A 748 -3.21 -14.94 23.75
N LEU A 749 -2.94 -14.67 25.03
CA LEU A 749 -1.70 -13.98 25.39
C LEU A 749 -0.49 -14.86 25.15
N GLY A 750 -0.64 -16.17 25.21
CA GLY A 750 0.49 -17.05 24.95
C GLY A 750 0.85 -17.23 23.49
N TRP A 751 0.01 -16.76 22.57
CA TRP A 751 0.28 -16.87 21.15
C TRP A 751 0.98 -15.64 20.59
N LEU A 752 0.80 -14.49 21.23
CA LEU A 752 1.44 -13.26 20.75
C LEU A 752 2.95 -13.33 20.90
N PHE A 753 3.43 -13.92 21.99
CA PHE A 753 4.84 -13.86 22.32
C PHE A 753 5.71 -14.82 21.51
N GLN A 754 5.10 -15.73 20.75
CA GLN A 754 5.85 -16.61 19.87
C GLN A 754 5.86 -16.14 18.42
N ILE A 755 5.30 -14.97 18.14
CA ILE A 755 5.37 -14.42 16.78
C ILE A 755 6.82 -14.11 16.45
N PRO A 756 7.31 -14.43 15.26
CA PRO A 756 8.73 -14.20 14.96
C PRO A 756 9.15 -12.75 15.08
N THR A 757 8.26 -11.80 14.80
CA THR A 757 8.66 -10.39 14.83
C THR A 757 9.04 -9.95 16.23
N VAL A 758 8.29 -10.35 17.24
CA VAL A 758 8.57 -9.91 18.61
C VAL A 758 9.82 -10.62 19.12
N PRO A 759 10.80 -9.89 19.64
CA PRO A 759 11.98 -10.55 20.21
C PRO A 759 11.62 -11.36 21.44
N GLU A 760 12.37 -12.45 21.64
CA GLU A 760 12.05 -13.38 22.72
C GLU A 760 12.50 -12.89 24.09
N ASP A 761 13.48 -11.98 24.15
CA ASP A 761 14.03 -11.56 25.44
C ASP A 761 13.11 -10.63 26.20
N LEU A 762 11.98 -10.21 25.61
CA LEU A 762 11.07 -9.30 26.30
C LEU A 762 10.52 -9.92 27.57
N PHE A 763 10.17 -11.20 27.52
CA PHE A 763 9.50 -11.83 28.66
C PHE A 763 10.40 -11.88 29.89
N PHE A 764 11.68 -12.22 29.71
CA PHE A 764 12.51 -12.55 30.86
C PHE A 764 13.25 -11.34 31.41
N LEU A 765 13.70 -10.43 30.54
CA LEU A 765 14.49 -9.29 31.00
C LEU A 765 13.65 -8.24 31.70
N GLU A 766 12.39 -8.07 31.30
CA GLU A 766 11.56 -7.00 31.84
C GLU A 766 11.18 -7.19 33.30
N GLU A 767 11.35 -8.40 33.84
CA GLU A 767 11.01 -8.70 35.23
C GLU A 767 9.54 -8.43 35.55
N PRO A 780 -14.00 1.10 40.74
CA PRO A 780 -14.21 -0.35 40.68
C PRO A 780 -15.69 -0.72 40.66
N GLU A 781 -16.02 -1.82 39.98
CA GLU A 781 -17.39 -2.25 39.81
C GLU A 781 -17.37 -3.73 39.42
N HIS A 782 -18.49 -4.41 39.66
CA HIS A 782 -18.71 -5.76 39.16
C HIS A 782 -19.46 -5.64 37.84
N GLY A 783 -18.92 -6.25 36.79
CA GLY A 783 -19.47 -6.05 35.46
C GLY A 783 -19.38 -7.24 34.52
N LEU A 784 -18.88 -6.98 33.31
CA LEU A 784 -18.91 -7.96 32.24
C LEU A 784 -18.01 -9.17 32.51
N ASP A 785 -16.93 -9.00 33.29
CA ASP A 785 -15.97 -10.10 33.45
C ASP A 785 -16.50 -11.21 34.34
N ASN A 786 -17.64 -11.02 35.00
CA ASN A 786 -18.14 -12.04 35.91
C ASN A 786 -19.11 -13.01 35.25
N ALA A 787 -20.00 -12.51 34.38
CA ALA A 787 -21.01 -13.36 33.77
C ALA A 787 -20.37 -14.39 32.84
N PRO A 788 -20.85 -15.63 32.88
CA PRO A 788 -20.31 -16.69 32.01
C PRO A 788 -20.80 -16.56 30.57
N VAL A 789 -20.10 -15.72 29.81
CA VAL A 789 -20.48 -15.47 28.42
C VAL A 789 -19.67 -16.30 27.43
N VAL A 790 -18.56 -16.90 27.86
CA VAL A 790 -17.69 -17.65 26.97
C VAL A 790 -18.13 -19.10 26.94
N ASP A 791 -18.30 -19.64 25.74
CA ASP A 791 -18.66 -21.04 25.53
C ASP A 791 -17.53 -21.77 24.83
N GLN A 792 -17.65 -23.10 24.78
CA GLN A 792 -16.61 -23.91 24.14
C GLN A 792 -16.49 -23.59 22.66
N GLN A 793 -17.62 -23.36 21.99
CA GLN A 793 -17.59 -23.04 20.56
C GLN A 793 -16.81 -21.77 20.31
N LEU A 794 -17.02 -20.74 21.13
CA LEU A 794 -16.29 -19.49 20.96
C LEU A 794 -14.80 -19.68 21.19
N LEU A 795 -14.43 -20.44 22.22
CA LEU A 795 -13.02 -20.67 22.49
C LEU A 795 -12.34 -21.41 21.34
N TYR A 796 -13.02 -22.43 20.79
CA TYR A 796 -12.43 -23.17 19.69
C TYR A 796 -12.40 -22.37 18.40
N THR A 797 -13.33 -21.42 18.24
CA THR A 797 -13.29 -20.55 17.07
C THR A 797 -12.22 -19.48 17.19
N CYS A 798 -11.88 -19.07 18.41
CA CYS A 798 -10.88 -18.02 18.58
C CYS A 798 -9.47 -18.53 18.32
N CYS A 799 -9.18 -19.75 18.74
CA CYS A 799 -7.83 -20.33 18.62
C CYS A 799 -7.91 -21.68 17.95
N PRO A 800 -7.88 -21.73 16.61
CA PRO A 800 -7.96 -23.02 15.91
C PRO A 800 -6.82 -23.95 16.21
N TYR A 801 -5.67 -23.43 16.65
CA TYR A 801 -4.50 -24.28 16.87
C TYR A 801 -4.64 -25.20 18.08
N ILE A 802 -5.68 -25.02 18.89
CA ILE A 802 -5.89 -25.87 20.05
C ILE A 802 -6.17 -27.30 19.60
N GLY A 803 -6.89 -27.47 18.50
CA GLY A 803 -7.33 -28.78 18.06
C GLY A 803 -6.24 -29.70 17.57
N GLU A 804 -5.00 -29.21 17.45
CA GLU A 804 -3.92 -30.06 16.98
C GLU A 804 -3.57 -31.16 17.97
N LEU A 805 -4.01 -31.04 19.23
CA LEU A 805 -3.83 -32.14 20.17
C LEU A 805 -4.59 -33.37 19.71
N ARG A 806 -5.79 -33.18 19.17
CA ARG A 806 -6.55 -34.31 18.63
C ARG A 806 -5.82 -34.96 17.47
N LYS A 807 -5.20 -34.16 16.61
CA LYS A 807 -4.48 -34.70 15.46
C LYS A 807 -3.36 -35.62 15.90
N LEU A 808 -2.61 -35.26 16.94
CA LEU A 808 -1.51 -36.07 17.47
C LEU A 808 -2.00 -37.39 18.08
N LEU A 809 -3.11 -37.39 18.82
CA LEU A 809 -3.76 -38.62 19.29
C LEU A 809 -4.25 -39.51 18.13
N ALA A 810 -4.83 -38.93 17.07
CA ALA A 810 -5.36 -39.71 15.95
C ALA A 810 -4.23 -40.31 15.13
N SER A 811 -3.10 -39.61 15.01
CA SER A 811 -1.87 -40.11 14.34
C SER A 811 -1.34 -41.41 14.98
N TRP A 812 -1.45 -41.53 16.31
CA TRP A 812 -1.01 -42.72 17.04
C TRP A 812 -1.79 -43.98 16.67
N VAL A 813 -3.12 -43.89 16.65
CA VAL A 813 -4.02 -45.02 16.32
C VAL A 813 -4.15 -45.29 14.81
N SER A 814 -3.95 -44.27 13.96
CA SER A 814 -3.91 -44.47 12.52
C SER A 814 -2.67 -45.26 12.12
N GLY A 815 -1.55 -45.04 12.82
CA GLY A 815 -0.32 -45.85 12.72
C GLY A 815 -0.39 -47.16 13.53
N SER A 816 -1.37 -48.02 13.23
CA SER A 816 -1.61 -49.31 13.91
C SER A 816 -0.55 -50.38 13.63
N SER A 817 0.39 -50.13 12.72
CA SER A 817 1.55 -50.97 12.38
C SER A 817 2.65 -50.15 11.68
N GLY A 818 3.87 -50.68 11.61
CA GLY A 818 5.03 -50.05 10.95
C GLY A 818 4.96 -50.06 9.42
N ARG A 819 3.89 -49.51 8.84
CA ARG A 819 3.60 -49.55 7.40
C ARG A 819 4.67 -48.86 6.56
N SER A 820 5.21 -49.61 5.59
CA SER A 820 6.00 -49.12 4.45
C SER A 820 7.21 -48.30 4.91
N GLY A 821 7.85 -48.76 5.98
CA GLY A 821 9.01 -48.07 6.49
C GLY A 821 10.25 -48.31 5.66
N GLY A 822 11.17 -47.34 5.71
CA GLY A 822 12.44 -47.47 5.02
C GLY A 822 12.51 -46.76 3.69
N PHE A 823 13.19 -47.37 2.73
CA PHE A 823 13.37 -46.77 1.41
C PHE A 823 12.04 -46.66 0.68
N MET A 824 11.92 -45.62 -0.14
CA MET A 824 10.69 -45.35 -0.87
C MET A 824 10.98 -45.17 -2.35
N ARG A 825 9.95 -45.36 -3.17
CA ARG A 825 10.11 -45.32 -4.62
C ARG A 825 10.49 -43.90 -5.07
N LYS A 826 11.39 -43.83 -6.05
CA LYS A 826 11.82 -42.57 -6.65
C LYS A 826 11.45 -42.57 -8.13
N ILE A 827 10.96 -41.43 -8.62
CA ILE A 827 10.50 -41.30 -9.99
C ILE A 827 11.12 -40.05 -10.61
N THR A 828 11.63 -40.20 -11.84
CA THR A 828 12.22 -39.13 -12.63
C THR A 828 11.15 -38.42 -13.43
N PRO A 829 11.06 -37.09 -13.36
CA PRO A 829 10.00 -36.38 -14.09
C PRO A 829 10.21 -36.43 -15.60
N THR A 830 9.11 -36.33 -16.34
CA THR A 830 9.16 -36.27 -17.79
C THR A 830 8.92 -34.83 -18.25
N THR A 831 9.79 -34.34 -19.13
CA THR A 831 9.76 -32.95 -19.56
C THR A 831 9.26 -32.85 -21.00
N THR A 832 8.59 -31.75 -21.30
CA THR A 832 8.12 -31.46 -22.65
C THR A 832 8.46 -30.01 -23.01
N THR A 833 8.52 -29.74 -24.31
CA THR A 833 8.86 -28.41 -24.80
C THR A 833 7.71 -27.79 -25.58
N MET B 1 -27.63 47.07 2.54
CA MET B 1 -27.98 48.48 2.66
C MET B 1 -28.19 48.86 4.12
N ALA B 2 -27.61 49.98 4.53
CA ALA B 2 -27.70 50.44 5.91
C ALA B 2 -28.11 51.91 5.94
N ALA B 3 -28.80 52.29 7.01
CA ALA B 3 -29.26 53.65 7.20
C ALA B 3 -28.22 54.56 7.84
N VAL B 4 -27.07 54.01 8.24
CA VAL B 4 -26.04 54.81 8.90
C VAL B 4 -25.37 55.75 7.90
N LEU B 5 -25.15 55.28 6.67
CA LEU B 5 -24.34 56.04 5.72
C LEU B 5 -24.98 57.37 5.37
N GLU B 6 -26.24 57.35 4.94
CA GLU B 6 -26.92 58.60 4.61
C GLU B 6 -27.14 59.48 5.83
N SER B 7 -27.32 58.87 7.01
CA SER B 7 -27.46 59.66 8.23
C SER B 7 -26.18 60.45 8.51
N LEU B 8 -25.03 59.79 8.42
CA LEU B 8 -23.76 60.49 8.64
C LEU B 8 -23.46 61.47 7.52
N LEU B 9 -23.89 61.16 6.29
CA LEU B 9 -23.66 62.05 5.17
C LEU B 9 -24.42 63.36 5.33
N ARG B 10 -25.51 63.34 6.09
CA ARG B 10 -26.38 64.50 6.28
C ARG B 10 -26.18 65.16 7.64
N GLU B 11 -24.97 65.01 8.19
CA GLU B 11 -24.49 65.76 9.37
C GLU B 11 -25.35 65.47 10.61
N GLU B 12 -25.26 64.22 11.06
CA GLU B 12 -25.73 63.81 12.38
C GLU B 12 -24.59 63.43 13.33
N VAL B 13 -23.69 62.53 12.94
CA VAL B 13 -22.68 62.03 13.85
C VAL B 13 -21.29 62.20 13.27
N SER B 14 -20.32 62.30 14.17
CA SER B 14 -18.91 62.43 13.79
C SER B 14 -18.37 61.11 13.27
N VAL B 15 -17.41 61.23 12.33
CA VAL B 15 -16.79 60.04 11.76
C VAL B 15 -16.00 59.28 12.83
N ALA B 16 -15.27 60.00 13.68
CA ALA B 16 -14.53 59.36 14.75
C ALA B 16 -15.47 58.63 15.70
N ALA B 17 -16.66 59.17 15.94
CA ALA B 17 -17.62 58.50 16.81
C ALA B 17 -18.02 57.13 16.25
N VAL B 18 -18.34 57.07 14.96
CA VAL B 18 -18.72 55.79 14.37
C VAL B 18 -17.53 54.85 14.30
N VAL B 19 -16.32 55.35 14.08
CA VAL B 19 -15.12 54.51 14.04
C VAL B 19 -14.85 53.91 15.42
N ARG B 20 -15.04 54.68 16.51
CA ARG B 20 -14.91 54.14 17.85
C ARG B 20 -16.02 53.15 18.16
N TRP B 21 -17.25 53.44 17.72
CA TRP B 21 -18.36 52.55 17.97
C TRP B 21 -18.14 51.19 17.30
N ILE B 22 -17.66 51.19 16.05
CA ILE B 22 -17.35 49.97 15.29
C ILE B 22 -16.14 49.22 15.88
N ALA B 23 -15.07 49.95 16.24
CA ALA B 23 -13.85 49.34 16.78
C ALA B 23 -13.97 48.83 18.22
N ARG B 24 -14.68 49.56 19.11
CA ARG B 24 -14.82 49.17 20.50
C ARG B 24 -15.92 48.15 20.68
N SER B 25 -15.62 47.08 21.41
CA SER B 25 -16.59 46.04 21.75
C SER B 25 -17.29 45.46 20.53
N ALA B 33 -24.10 63.33 24.73
CA ALA B 33 -24.38 61.97 25.20
C ALA B 33 -25.43 61.30 24.32
N GLY B 34 -26.26 62.11 23.65
CA GLY B 34 -27.31 61.58 22.81
C GLY B 34 -26.82 60.97 21.51
N GLU B 35 -25.57 61.25 21.12
CA GLU B 35 -25.03 60.66 19.90
C GLU B 35 -24.93 59.15 20.01
N ALA B 36 -24.47 58.65 21.17
CA ALA B 36 -24.39 57.20 21.37
C ALA B 36 -25.77 56.57 21.32
N ALA B 37 -26.76 57.21 21.96
CA ALA B 37 -28.12 56.66 21.95
C ALA B 37 -28.69 56.63 20.54
N ALA B 38 -28.44 57.70 19.76
CA ALA B 38 -28.90 57.71 18.38
C ALA B 38 -28.22 56.62 17.57
N LEU B 39 -26.92 56.42 17.78
CA LEU B 39 -26.21 55.36 17.07
C LEU B 39 -26.67 53.99 17.52
N SER B 40 -26.97 53.83 18.81
CA SER B 40 -27.40 52.53 19.33
C SER B 40 -28.74 52.10 18.80
N SER B 41 -29.54 53.04 18.27
CA SER B 41 -30.84 52.67 17.69
C SER B 41 -30.68 51.82 16.43
N LEU B 42 -29.51 51.85 15.80
CA LEU B 42 -29.23 51.06 14.61
C LEU B 42 -28.21 49.96 14.91
N ARG B 43 -28.32 49.34 16.08
CA ARG B 43 -27.37 48.31 16.47
C ARG B 43 -27.45 47.09 15.55
N ALA B 44 -28.62 46.83 14.98
CA ALA B 44 -28.81 45.66 14.12
C ALA B 44 -28.01 45.75 12.83
N LEU B 45 -27.51 46.92 12.46
CA LEU B 45 -26.75 47.10 11.24
C LEU B 45 -25.26 47.32 11.49
N ARG B 46 -24.80 47.10 12.72
CA ARG B 46 -23.39 47.35 13.05
C ARG B 46 -22.48 46.43 12.25
N LYS B 47 -22.83 45.14 12.15
CA LYS B 47 -21.95 44.20 11.46
C LYS B 47 -22.00 44.36 9.95
N GLU B 48 -23.11 44.87 9.43
CA GLU B 48 -23.33 44.93 7.99
C GLU B 48 -22.80 46.22 7.35
N PHE B 49 -22.25 47.16 8.13
CA PHE B 49 -21.79 48.46 7.59
C PHE B 49 -20.64 48.29 6.60
N VAL B 50 -19.59 47.54 7.00
CA VAL B 50 -18.37 47.41 6.19
C VAL B 50 -18.60 46.75 4.82
N PRO B 51 -19.28 45.59 4.69
CA PRO B 51 -19.47 45.04 3.34
C PRO B 51 -20.47 45.82 2.52
N PHE B 52 -21.48 46.42 3.15
CA PHE B 52 -22.40 47.28 2.42
C PHE B 52 -21.65 48.46 1.81
N LEU B 53 -20.80 49.11 2.60
CA LEU B 53 -20.02 50.23 2.09
C LEU B 53 -19.09 49.78 0.96
N LEU B 54 -18.40 48.65 1.13
CA LEU B 54 -17.47 48.16 0.12
C LEU B 54 -18.19 47.80 -1.19
N ASN B 55 -19.37 47.17 -1.12
CA ASN B 55 -20.13 46.85 -2.33
C ASN B 55 -20.67 48.12 -2.98
N PHE B 56 -21.14 49.08 -2.18
CA PHE B 56 -21.65 50.32 -2.73
C PHE B 56 -20.55 51.08 -3.47
N LEU B 57 -19.35 51.15 -2.88
CA LEU B 57 -18.25 51.84 -3.54
C LEU B 57 -17.82 51.11 -4.82
N ARG B 58 -17.79 49.78 -4.78
CA ARG B 58 -17.42 49.02 -5.96
C ARG B 58 -18.41 49.22 -7.10
N GLU B 59 -19.72 49.24 -6.76
CA GLU B 59 -20.74 49.38 -7.79
C GLU B 59 -20.71 50.77 -8.42
N GLN B 60 -20.42 51.80 -7.63
CA GLN B 60 -20.39 53.16 -8.16
C GLN B 60 -19.28 53.33 -9.19
N SER B 61 -18.12 52.71 -8.95
CA SER B 61 -17.00 52.83 -9.86
C SER B 61 -17.23 52.12 -11.20
N SER B 62 -18.27 51.31 -11.30
CA SER B 62 -18.55 50.62 -12.56
C SER B 62 -18.79 51.59 -13.70
N ARG B 63 -19.43 52.72 -13.40
CA ARG B 63 -19.61 53.75 -14.42
C ARG B 63 -18.27 54.33 -14.87
N VAL B 64 -17.30 54.42 -13.97
CA VAL B 64 -16.01 55.04 -14.27
C VAL B 64 -15.00 54.01 -14.73
N LEU B 65 -14.89 52.89 -14.02
CA LEU B 65 -13.85 51.92 -14.32
C LEU B 65 -14.10 51.28 -15.69
N PRO B 66 -13.04 51.00 -16.44
CA PRO B 66 -13.21 50.41 -17.77
C PRO B 66 -13.64 48.95 -17.71
N GLN B 67 -14.92 48.71 -17.46
CA GLN B 67 -15.45 47.36 -17.39
C GLN B 67 -15.51 46.72 -18.77
N THR B 287 -8.98 62.61 -28.53
CA THR B 287 -9.18 63.83 -27.75
C THR B 287 -9.20 63.52 -26.26
N ASP B 288 -8.35 64.22 -25.50
CA ASP B 288 -8.22 64.00 -24.06
C ASP B 288 -8.39 65.32 -23.33
N GLU B 289 -9.09 65.27 -22.20
CA GLU B 289 -9.32 66.46 -21.38
C GLU B 289 -8.49 66.36 -20.12
N PRO B 290 -7.53 67.26 -19.89
CA PRO B 290 -6.75 67.21 -18.66
C PRO B 290 -7.61 67.53 -17.45
N ALA B 291 -7.22 66.96 -16.30
CA ALA B 291 -7.98 67.14 -15.07
C ALA B 291 -7.96 68.59 -14.61
N ASP B 292 -9.03 69.00 -13.93
CA ASP B 292 -9.16 70.37 -13.44
C ASP B 292 -9.74 70.34 -12.03
N PRO B 293 -9.01 70.85 -11.03
CA PRO B 293 -9.56 70.87 -9.67
C PRO B 293 -10.77 71.78 -9.50
N ALA B 294 -11.01 72.70 -10.42
CA ALA B 294 -12.08 73.67 -10.30
C ALA B 294 -13.38 73.21 -10.96
N ARG B 295 -13.43 72.00 -11.49
CA ARG B 295 -14.62 71.49 -12.17
C ARG B 295 -15.34 70.41 -11.39
N VAL B 296 -15.09 70.30 -10.08
CA VAL B 296 -15.71 69.23 -9.30
C VAL B 296 -17.21 69.49 -9.18
N SER B 297 -17.97 68.40 -9.06
CA SER B 297 -19.41 68.51 -8.86
C SER B 297 -19.75 68.97 -7.45
N SER B 298 -19.06 68.42 -6.46
CA SER B 298 -19.30 68.77 -5.06
C SER B 298 -18.03 68.49 -4.27
N ARG B 299 -18.00 68.99 -3.04
CA ARG B 299 -16.82 68.81 -2.19
C ARG B 299 -17.12 68.12 -0.87
N GLN B 300 -18.22 68.48 -0.20
CA GLN B 300 -18.44 68.02 1.16
C GLN B 300 -18.64 66.51 1.23
N ARG B 301 -19.51 65.97 0.35
CA ARG B 301 -19.79 64.55 0.38
C ARG B 301 -18.54 63.73 0.06
N LEU B 302 -17.76 64.17 -0.93
CA LEU B 302 -16.54 63.46 -1.27
C LEU B 302 -15.56 63.49 -0.12
N GLU B 303 -15.42 64.63 0.55
CA GLU B 303 -14.51 64.72 1.69
C GLU B 303 -14.94 63.80 2.82
N LEU B 304 -16.24 63.76 3.11
CA LEU B 304 -16.72 62.87 4.17
C LEU B 304 -16.47 61.41 3.82
N VAL B 305 -16.75 61.02 2.58
CA VAL B 305 -16.53 59.64 2.17
C VAL B 305 -15.05 59.28 2.26
N ALA B 306 -14.18 60.19 1.81
CA ALA B 306 -12.75 59.93 1.88
C ALA B 306 -12.28 59.81 3.33
N LEU B 307 -12.79 60.66 4.21
CA LEU B 307 -12.42 60.57 5.63
C LEU B 307 -12.87 59.24 6.22
N VAL B 308 -14.09 58.80 5.89
CA VAL B 308 -14.57 57.51 6.39
C VAL B 308 -13.67 56.38 5.90
N TYR B 309 -13.34 56.40 4.60
CA TYR B 309 -12.49 55.34 4.05
C TYR B 309 -11.12 55.32 4.70
N SER B 310 -10.51 56.50 4.88
CA SER B 310 -9.18 56.56 5.48
C SER B 310 -9.22 56.09 6.92
N SER B 311 -10.23 56.47 7.69
CA SER B 311 -10.34 56.07 9.10
C SER B 311 -10.70 54.59 9.27
N CYS B 312 -11.40 53.95 8.32
CA CYS B 312 -11.57 52.50 8.28
C CYS B 312 -10.24 51.75 8.10
N ILE B 313 -9.34 52.21 7.23
CA ILE B 313 -8.00 51.61 7.09
C ILE B 313 -7.15 51.88 8.35
N ALA B 314 -7.18 53.09 8.90
CA ALA B 314 -6.35 53.47 10.05
C ALA B 314 -6.62 52.62 11.32
N GLU B 315 -7.86 52.17 11.53
CA GLU B 315 -8.24 51.25 12.62
C GLU B 315 -8.37 49.78 12.18
N ASN B 316 -7.90 49.42 10.97
CA ASN B 316 -7.86 48.06 10.42
C ASN B 316 -9.24 47.34 10.33
N LEU B 317 -10.27 48.04 9.86
CA LEU B 317 -11.60 47.45 9.60
C LEU B 317 -11.65 46.51 8.36
N VAL B 318 -10.59 46.50 7.54
CA VAL B 318 -10.50 45.74 6.28
C VAL B 318 -9.36 44.70 6.32
N PRO B 319 -9.49 43.52 5.66
CA PRO B 319 -8.56 42.41 5.82
C PRO B 319 -7.20 42.60 5.13
N ASN B 320 -7.15 43.27 3.96
CA ASN B 320 -5.97 43.33 3.09
C ASN B 320 -5.72 44.77 2.57
N LEU B 321 -4.75 45.46 3.16
CA LEU B 321 -4.43 46.85 2.84
C LEU B 321 -3.93 47.04 1.38
N PHE B 322 -3.06 46.15 0.89
CA PHE B 322 -2.52 46.28 -0.48
C PHE B 322 -3.56 46.08 -1.58
N LEU B 323 -4.57 45.22 -1.37
CA LEU B 323 -5.70 45.09 -2.29
C LEU B 323 -6.53 46.37 -2.35
N GLU B 324 -6.70 47.09 -1.22
CA GLU B 324 -7.32 48.41 -1.25
C GLU B 324 -6.43 49.48 -1.92
N LEU B 325 -5.10 49.44 -1.72
CA LEU B 325 -4.17 50.33 -2.44
C LEU B 325 -4.22 50.12 -3.97
N PHE B 326 -4.39 48.90 -4.45
CA PHE B 326 -4.58 48.64 -5.87
C PHE B 326 -5.87 49.30 -6.40
N PHE B 327 -6.97 49.30 -5.63
CA PHE B 327 -8.22 49.93 -6.03
C PHE B 327 -8.13 51.46 -6.14
N VAL B 328 -7.47 52.16 -5.20
CA VAL B 328 -7.29 53.61 -5.32
C VAL B 328 -6.34 53.93 -6.46
N PHE B 329 -5.30 53.12 -6.66
CA PHE B 329 -4.42 53.36 -7.80
C PHE B 329 -5.16 53.20 -9.12
N GLN B 330 -6.05 52.21 -9.21
CA GLN B 330 -6.86 52.05 -10.42
C GLN B 330 -7.75 53.25 -10.62
N LEU B 331 -8.32 53.78 -9.54
CA LEU B 331 -9.15 54.98 -9.64
C LEU B 331 -8.33 56.19 -10.09
N LEU B 332 -7.03 56.20 -9.77
CA LEU B 332 -6.20 57.36 -10.07
C LEU B 332 -6.01 57.55 -11.57
N THR B 333 -6.16 56.50 -12.37
CA THR B 333 -5.89 56.54 -13.80
C THR B 333 -7.15 56.36 -14.64
N ALA B 334 -8.24 56.98 -14.23
CA ALA B 334 -9.46 56.95 -15.02
C ALA B 334 -9.27 57.79 -16.29
N ARG B 335 -9.90 57.35 -17.38
CA ARG B 335 -9.67 57.99 -18.67
C ARG B 335 -10.93 58.61 -19.27
N ARG B 336 -11.98 57.82 -19.43
CA ARG B 336 -13.11 58.24 -20.24
C ARG B 336 -14.38 57.56 -19.74
N MET B 337 -15.51 58.21 -20.00
CA MET B 337 -16.83 57.70 -19.64
C MET B 337 -17.00 57.60 -18.13
N LEU B 355 -29.77 56.43 -2.77
CA LEU B 355 -29.09 57.60 -2.22
C LEU B 355 -29.62 58.88 -2.86
N GLU B 356 -29.07 60.03 -2.43
CA GLU B 356 -29.52 61.30 -2.96
C GLU B 356 -29.19 61.44 -4.44
N SER B 357 -27.96 61.11 -4.82
CA SER B 357 -27.51 61.26 -6.20
C SER B 357 -26.28 60.39 -6.44
N PRO B 358 -26.15 59.80 -7.63
CA PRO B 358 -24.95 59.00 -7.92
C PRO B 358 -23.69 59.87 -7.86
N LEU B 359 -22.62 59.28 -7.34
CA LEU B 359 -21.35 60.00 -7.22
C LEU B 359 -20.47 59.72 -8.44
N PHE B 360 -19.34 60.43 -8.48
CA PHE B 360 -18.33 60.25 -9.52
C PHE B 360 -18.93 60.46 -10.91
N GLN B 361 -19.72 61.52 -11.06
CA GLN B 361 -20.35 61.82 -12.34
C GLN B 361 -19.35 62.30 -13.38
N SER B 362 -18.13 62.66 -12.97
CA SER B 362 -17.12 63.15 -13.89
C SER B 362 -15.76 62.60 -13.50
N ILE B 363 -14.83 62.65 -14.46
CA ILE B 363 -13.48 62.14 -14.22
C ILE B 363 -12.79 62.95 -13.13
N HIS B 364 -13.01 64.26 -13.11
CA HIS B 364 -12.34 65.13 -12.16
C HIS B 364 -12.68 64.75 -10.73
N ASP B 365 -13.94 64.38 -10.47
CA ASP B 365 -14.33 63.95 -9.14
C ASP B 365 -13.56 62.71 -8.71
N CYS B 366 -13.42 61.74 -9.61
CA CYS B 366 -12.70 60.52 -9.28
C CYS B 366 -11.23 60.81 -9.00
N VAL B 367 -10.62 61.67 -9.82
CA VAL B 367 -9.21 61.99 -9.63
C VAL B 367 -9.02 62.72 -8.30
N PHE B 368 -9.93 63.64 -7.97
CA PHE B 368 -9.85 64.36 -6.71
C PHE B 368 -9.98 63.40 -5.53
N PHE B 369 -10.92 62.45 -5.62
CA PHE B 369 -11.07 61.45 -4.57
C PHE B 369 -9.78 60.67 -4.39
N ALA B 370 -9.22 60.18 -5.49
CA ALA B 370 -8.00 59.38 -5.42
C ALA B 370 -6.85 60.16 -4.81
N VAL B 371 -6.72 61.43 -5.18
CA VAL B 371 -5.67 62.26 -4.60
C VAL B 371 -5.90 62.45 -3.11
N GLN B 372 -7.16 62.69 -2.71
CA GLN B 372 -7.44 62.97 -1.31
C GLN B 372 -7.16 61.76 -0.43
N VAL B 373 -7.56 60.57 -0.86
CA VAL B 373 -7.36 59.39 -0.02
C VAL B 373 -5.88 59.06 0.08
N LEU B 374 -5.14 59.19 -1.02
CA LEU B 374 -3.73 58.80 -1.04
C LEU B 374 -2.90 59.65 -0.09
N GLU B 375 -3.32 60.89 0.16
CA GLU B 375 -2.53 61.81 0.99
C GLU B 375 -2.39 61.32 2.42
N CYS B 376 -3.30 60.46 2.88
CA CYS B 376 -3.32 60.02 4.27
C CYS B 376 -2.43 58.80 4.53
N HIS B 377 -1.69 58.33 3.54
CA HIS B 377 -0.91 57.10 3.67
C HIS B 377 0.50 57.31 3.12
N PHE B 378 1.15 58.40 3.55
CA PHE B 378 2.52 58.67 3.11
C PHE B 378 3.48 57.59 3.61
N GLN B 379 3.25 57.08 4.82
CA GLN B 379 4.21 56.18 5.45
C GLN B 379 4.35 54.87 4.67
N VAL B 380 3.23 54.27 4.24
CA VAL B 380 3.26 52.98 3.52
C VAL B 380 3.91 53.15 2.14
N LEU B 381 3.62 54.25 1.43
CA LEU B 381 4.19 54.45 0.10
C LEU B 381 5.70 54.69 0.16
N SER B 382 6.18 55.29 1.26
CA SER B 382 7.58 55.67 1.35
C SER B 382 8.53 54.47 1.43
N ASN B 383 8.02 53.26 1.64
CA ASN B 383 8.85 52.08 1.79
C ASN B 383 8.73 51.11 0.61
N LEU B 384 8.13 51.54 -0.50
CA LEU B 384 8.08 50.78 -1.76
C LEU B 384 9.45 50.79 -2.45
N ASP B 385 9.53 50.17 -3.63
CA ASP B 385 10.79 50.02 -4.35
C ASP B 385 11.17 51.33 -5.06
N LYS B 386 12.35 51.34 -5.66
CA LYS B 386 12.87 52.55 -6.29
C LYS B 386 12.09 52.90 -7.55
N GLY B 387 11.70 51.91 -8.34
CA GLY B 387 11.00 52.18 -9.58
C GLY B 387 9.64 52.83 -9.36
N THR B 388 8.91 52.39 -8.34
CA THR B 388 7.64 53.01 -8.01
C THR B 388 7.84 54.47 -7.60
N LEU B 389 8.92 54.75 -6.86
CA LEU B 389 9.21 56.13 -6.50
C LEU B 389 9.54 56.96 -7.73
N LYS B 390 10.29 56.39 -8.68
CA LYS B 390 10.51 57.07 -9.97
C LYS B 390 9.20 57.42 -10.64
N LEU B 391 8.31 56.43 -10.78
CA LEU B 391 7.11 56.66 -11.59
C LEU B 391 6.14 57.60 -10.89
N LEU B 392 5.99 57.46 -9.58
CA LEU B 392 4.99 58.26 -8.86
C LEU B 392 5.44 59.70 -8.65
N ALA B 393 6.74 59.97 -8.67
CA ALA B 393 7.23 61.33 -8.47
C ALA B 393 7.24 62.16 -9.74
N GLU B 394 6.98 61.55 -10.90
CA GLU B 394 6.99 62.27 -12.16
C GLU B 394 5.60 62.51 -12.73
N ASN B 395 4.56 61.90 -12.17
CA ASN B 395 3.23 62.08 -12.70
C ASN B 395 2.74 63.51 -12.47
N GLU B 396 1.89 63.98 -13.38
CA GLU B 396 1.43 65.37 -13.35
C GLU B 396 0.13 65.55 -12.59
N ARG B 397 -0.64 64.48 -12.37
CA ARG B 397 -1.90 64.60 -11.63
C ARG B 397 -1.65 65.08 -10.20
N LEU B 398 -0.65 64.48 -9.54
CA LEU B 398 -0.35 64.88 -8.17
C LEU B 398 0.12 66.34 -8.11
N LEU B 399 0.93 66.75 -9.08
CA LEU B 399 1.37 68.14 -9.13
C LEU B 399 0.18 69.08 -9.34
N CYS B 400 -0.76 68.68 -10.20
CA CYS B 400 -1.92 69.51 -10.47
C CYS B 400 -2.81 69.65 -9.23
N PHE B 401 -3.02 68.55 -8.50
CA PHE B 401 -3.98 68.58 -7.40
C PHE B 401 -3.34 68.84 -6.04
N SER B 402 -2.08 68.48 -5.85
CA SER B 402 -1.45 68.72 -4.56
C SER B 402 0.06 68.83 -4.70
N PRO B 403 0.60 70.03 -4.89
CA PRO B 403 2.06 70.18 -4.99
C PRO B 403 2.80 69.74 -3.74
N ALA B 404 2.16 69.82 -2.57
CA ALA B 404 2.81 69.38 -1.34
C ALA B 404 3.10 67.89 -1.38
N LEU B 405 2.16 67.09 -1.88
CA LEU B 405 2.38 65.65 -2.00
C LEU B 405 3.53 65.36 -2.96
N GLN B 406 3.57 66.06 -4.10
CA GLN B 406 4.65 65.85 -5.05
C GLN B 406 5.99 66.21 -4.45
N GLY B 407 6.05 67.32 -3.71
CA GLY B 407 7.29 67.69 -3.05
C GLY B 407 7.73 66.68 -2.00
N ARG B 408 6.77 66.16 -1.22
CA ARG B 408 7.11 65.17 -0.20
C ARG B 408 7.63 63.88 -0.81
N LEU B 409 6.96 63.39 -1.86
CA LEU B 409 7.44 62.18 -2.52
C LEU B 409 8.79 62.41 -3.19
N ARG B 410 8.98 63.57 -3.80
CA ARG B 410 10.26 63.87 -4.46
C ARG B 410 11.40 63.88 -3.45
N ALA B 411 11.18 64.49 -2.28
CA ALA B 411 12.21 64.51 -1.25
C ALA B 411 12.52 63.10 -0.74
N ALA B 412 11.50 62.25 -0.68
CA ALA B 412 11.68 60.89 -0.17
C ALA B 412 12.49 60.01 -1.11
N TYR B 413 12.76 60.47 -2.33
CA TYR B 413 13.49 59.64 -3.29
C TYR B 413 14.93 59.39 -2.84
N GLU B 414 15.58 60.41 -2.27
CA GLU B 414 17.02 60.32 -2.00
C GLU B 414 17.36 59.15 -1.09
N GLY B 415 16.42 58.71 -0.25
CA GLY B 415 16.64 57.52 0.54
C GLY B 415 16.76 56.28 -0.34
N SER B 416 17.97 55.73 -0.43
CA SER B 416 18.20 54.56 -1.26
C SER B 416 19.43 53.83 -0.76
N VAL B 417 19.58 52.59 -1.21
CA VAL B 417 20.71 51.77 -0.82
C VAL B 417 22.01 52.38 -1.34
N ARG B 447 23.88 2.19 5.23
CA ARG B 447 23.88 0.93 4.49
C ARG B 447 22.88 0.95 3.34
N ALA B 448 23.34 0.56 2.16
CA ALA B 448 22.49 0.49 0.98
C ALA B 448 23.06 -0.54 0.02
N PHE B 449 22.18 -1.21 -0.73
CA PHE B 449 22.61 -2.27 -1.62
C PHE B 449 23.14 -1.69 -2.93
N HIS B 450 23.41 -2.57 -3.89
CA HIS B 450 24.02 -2.15 -5.15
C HIS B 450 23.01 -1.48 -6.09
N THR B 451 21.77 -1.96 -6.11
CA THR B 451 20.78 -1.43 -7.04
C THR B 451 20.45 0.03 -6.77
N PHE B 452 20.65 0.50 -5.53
CA PHE B 452 20.35 1.90 -5.21
C PHE B 452 21.21 2.84 -6.04
N LYS B 453 22.47 2.47 -6.29
CA LYS B 453 23.34 3.30 -7.12
C LYS B 453 22.84 3.38 -8.55
N LYS B 454 22.38 2.25 -9.10
CA LYS B 454 21.82 2.28 -10.46
C LYS B 454 20.57 3.15 -10.51
N GLN B 455 19.71 3.05 -9.48
CA GLN B 455 18.52 3.88 -9.46
C GLN B 455 18.87 5.36 -9.36
N ARG B 456 19.88 5.71 -8.56
CA ARG B 456 20.27 7.12 -8.47
C ARG B 456 20.87 7.60 -9.78
N ASP B 457 21.58 6.73 -10.50
CA ASP B 457 22.09 7.11 -11.82
C ASP B 457 20.93 7.38 -12.78
N VAL B 458 19.91 6.53 -12.76
CA VAL B 458 18.74 6.76 -13.61
C VAL B 458 18.07 8.07 -13.25
N PHE B 459 17.96 8.35 -11.94
CA PHE B 459 17.33 9.58 -11.48
C PHE B 459 18.09 10.80 -11.96
N TYR B 460 19.42 10.78 -11.85
CA TYR B 460 20.23 11.89 -12.33
C TYR B 460 20.10 12.07 -13.84
N GLU B 461 20.03 10.95 -14.58
CA GLU B 461 19.83 11.06 -16.02
C GLU B 461 18.50 11.71 -16.35
N VAL B 462 17.44 11.34 -15.64
CA VAL B 462 16.13 11.94 -15.89
C VAL B 462 16.16 13.44 -15.55
N LEU B 463 16.83 13.79 -14.46
CA LEU B 463 16.96 15.20 -14.09
C LEU B 463 17.67 15.99 -15.18
N ARG B 464 18.77 15.44 -15.71
CA ARG B 464 19.49 16.14 -16.78
C ARG B 464 18.63 16.28 -18.02
N GLU B 465 17.89 15.22 -18.36
CA GLU B 465 17.01 15.28 -19.54
C GLU B 465 15.97 16.37 -19.39
N TRP B 466 15.36 16.49 -18.21
CA TRP B 466 14.41 17.58 -18.00
C TRP B 466 15.10 18.93 -18.01
N GLU B 467 16.29 19.03 -17.40
CA GLU B 467 17.00 20.29 -17.37
C GLU B 467 17.29 20.79 -18.78
N ASP B 468 17.49 19.87 -19.72
CA ASP B 468 17.83 20.26 -21.09
C ASP B 468 16.59 20.46 -21.97
N HIS B 469 15.65 19.52 -21.99
CA HIS B 469 14.58 19.52 -22.98
C HIS B 469 13.25 20.10 -22.50
N HIS B 470 13.14 20.55 -21.26
CA HIS B 470 11.83 20.97 -20.76
C HIS B 470 11.37 22.29 -21.36
N GLU B 471 12.25 23.03 -22.01
CA GLU B 471 11.92 24.38 -22.47
C GLU B 471 11.41 24.42 -23.90
N GLU B 472 11.85 23.49 -24.75
CA GLU B 472 11.47 23.52 -26.15
C GLU B 472 9.97 23.26 -26.31
N PRO B 473 9.33 23.91 -27.28
CA PRO B 473 7.89 23.72 -27.47
C PRO B 473 7.58 22.28 -27.90
N GLY B 474 6.37 21.84 -27.54
CA GLY B 474 5.92 20.50 -27.83
C GLY B 474 6.24 19.47 -26.76
N TRP B 475 6.99 19.85 -25.73
CA TRP B 475 7.34 18.90 -24.68
C TRP B 475 6.14 18.58 -23.81
N ASP B 476 5.97 17.30 -23.49
CA ASP B 476 4.96 16.84 -22.55
C ASP B 476 5.65 15.98 -21.50
N PHE B 477 5.44 16.32 -20.23
CA PHE B 477 6.17 15.65 -19.16
C PHE B 477 5.75 14.19 -19.03
N GLU B 478 4.43 13.93 -19.02
CA GLU B 478 3.95 12.58 -18.76
C GLU B 478 4.32 11.63 -19.90
N LYS B 479 4.12 12.06 -21.15
CA LYS B 479 4.43 11.20 -22.28
C LYS B 479 5.92 10.92 -22.42
N GLY B 480 6.77 11.77 -21.88
CA GLY B 480 8.20 11.60 -22.02
C GLY B 480 8.88 10.98 -20.81
N LEU B 481 8.21 11.01 -19.66
CA LEU B 481 8.81 10.45 -18.45
C LEU B 481 7.81 9.65 -17.61
N GLY B 482 6.74 9.15 -18.22
CA GLY B 482 5.75 8.36 -17.51
C GLY B 482 6.00 6.88 -17.46
N SER B 483 7.14 6.41 -17.95
CA SER B 483 7.46 4.98 -17.98
C SER B 483 8.65 4.63 -17.10
N ARG B 484 9.76 5.36 -17.23
CA ARG B 484 10.95 5.03 -16.46
C ARG B 484 10.74 5.28 -14.97
N ILE B 485 9.98 6.32 -14.63
CA ILE B 485 9.77 6.67 -13.22
C ILE B 485 9.04 5.55 -12.49
N ARG B 486 7.98 5.01 -13.11
CA ARG B 486 7.21 3.96 -12.48
C ARG B 486 8.05 2.71 -12.25
N ALA B 487 8.85 2.33 -13.25
CA ALA B 487 9.74 1.18 -13.10
C ALA B 487 10.76 1.42 -12.00
N MET B 488 11.31 2.63 -11.92
CA MET B 488 12.24 2.95 -10.86
C MET B 488 11.58 2.77 -9.50
N MET B 489 10.37 3.29 -9.35
CA MET B 489 9.66 3.16 -8.08
C MET B 489 9.37 1.69 -7.75
N GLY B 490 8.99 0.91 -8.76
CA GLY B 490 8.69 -0.50 -8.51
C GLY B 490 9.90 -1.29 -8.05
N GLN B 491 11.03 -1.10 -8.74
CA GLN B 491 12.25 -1.79 -8.32
C GLN B 491 12.71 -1.31 -6.95
N LEU B 492 12.58 -0.01 -6.66
CA LEU B 492 12.94 0.48 -5.34
C LEU B 492 12.06 -0.14 -4.26
N SER B 493 10.76 -0.28 -4.52
CA SER B 493 9.87 -0.94 -3.58
C SER B 493 10.27 -2.39 -3.38
N ALA B 494 10.64 -3.07 -4.46
CA ALA B 494 11.08 -4.46 -4.34
C ALA B 494 12.33 -4.57 -3.47
N ALA B 495 13.28 -3.65 -3.66
CA ALA B 495 14.49 -3.66 -2.85
C ALA B 495 14.26 -3.14 -1.44
N CYS B 496 13.20 -2.35 -1.22
CA CYS B 496 12.86 -1.80 0.10
C CYS B 496 14.01 -0.97 0.68
N SER B 497 14.31 0.13 0.00
CA SER B 497 15.33 1.08 0.43
C SER B 497 14.86 2.51 0.20
N HIS B 498 13.62 2.80 0.60
CA HIS B 498 13.04 4.10 0.30
C HIS B 498 13.70 5.22 1.08
N SER B 499 14.26 4.94 2.25
CA SER B 499 14.77 6.00 3.11
C SER B 499 15.89 6.78 2.44
N HIS B 500 16.85 6.06 1.83
CA HIS B 500 17.96 6.73 1.16
C HIS B 500 17.48 7.55 -0.03
N PHE B 501 16.55 7.01 -0.80
CA PHE B 501 16.01 7.76 -1.94
C PHE B 501 15.32 9.03 -1.49
N VAL B 502 14.54 8.96 -0.41
CA VAL B 502 13.86 10.14 0.09
C VAL B 502 14.86 11.16 0.60
N ARG B 503 15.91 10.71 1.30
CA ARG B 503 16.92 11.64 1.78
C ARG B 503 17.60 12.36 0.61
N LEU B 504 17.98 11.61 -0.42
CA LEU B 504 18.61 12.24 -1.58
C LEU B 504 17.65 13.21 -2.26
N PHE B 505 16.38 12.83 -2.39
CA PHE B 505 15.39 13.70 -3.01
C PHE B 505 15.26 15.01 -2.25
N GLN B 506 15.15 14.94 -0.93
CA GLN B 506 15.01 16.14 -0.12
C GLN B 506 16.26 17.01 -0.23
N LYS B 507 17.44 16.41 -0.16
CA LYS B 507 18.67 17.18 -0.27
C LYS B 507 18.75 17.91 -1.60
N GLN B 508 18.42 17.21 -2.69
CA GLN B 508 18.49 17.80 -4.01
C GLN B 508 17.50 18.96 -4.13
N LEU B 509 16.27 18.75 -3.66
CA LEU B 509 15.26 19.80 -3.73
C LEU B 509 15.69 21.04 -2.95
N LEU B 510 16.20 20.84 -1.74
CA LEU B 510 16.62 21.99 -0.94
C LEU B 510 17.82 22.69 -1.58
N GLN B 511 18.73 21.95 -2.20
CA GLN B 511 19.92 22.58 -2.75
C GLN B 511 19.63 23.36 -4.02
N MET B 512 18.75 22.84 -4.87
CA MET B 512 18.59 23.40 -6.22
C MET B 512 17.49 24.44 -6.32
N CYS B 513 16.35 24.23 -5.66
CA CYS B 513 15.18 25.08 -5.91
C CYS B 513 15.39 26.51 -5.42
N GLN B 514 16.15 26.70 -4.34
CA GLN B 514 16.36 28.04 -3.81
C GLN B 514 17.07 28.93 -4.82
N SER B 515 18.30 28.58 -5.18
CA SER B 515 19.07 29.35 -6.15
C SER B 515 20.29 28.55 -6.62
N LYS B 538 28.38 44.83 -19.46
CA LYS B 538 28.09 44.78 -18.03
C LYS B 538 27.11 43.65 -17.71
N LEU B 539 27.40 42.91 -16.64
CA LEU B 539 26.58 41.78 -16.27
C LEU B 539 25.31 42.17 -15.53
N GLY B 540 25.15 43.45 -15.17
CA GLY B 540 23.94 43.92 -14.54
C GLY B 540 22.79 44.17 -15.48
N ARG B 541 22.99 44.01 -16.78
CA ARG B 541 21.96 44.22 -17.78
C ARG B 541 21.32 42.91 -18.25
N LEU B 542 22.12 41.85 -18.43
CA LEU B 542 21.57 40.59 -18.90
C LEU B 542 20.57 40.01 -17.91
N TRP B 543 20.92 39.99 -16.63
CA TRP B 543 20.02 39.46 -15.62
C TRP B 543 18.76 40.31 -15.50
N ARG B 544 18.91 41.63 -15.53
CA ARG B 544 17.74 42.51 -15.45
C ARG B 544 16.81 42.31 -16.63
N LEU B 545 17.37 42.15 -17.84
CA LEU B 545 16.53 41.92 -19.01
C LEU B 545 15.86 40.56 -18.94
N GLN B 546 16.60 39.53 -18.51
CA GLN B 546 16.03 38.19 -18.47
C GLN B 546 14.91 38.07 -17.45
N GLU B 547 14.91 38.94 -16.42
CA GLU B 547 13.87 38.86 -15.41
C GLU B 547 12.48 39.10 -15.99
N ARG B 548 12.40 39.80 -17.13
CA ARG B 548 11.12 39.93 -17.81
C ARG B 548 10.58 38.59 -18.25
N LEU B 549 11.43 37.71 -18.76
CA LEU B 549 10.97 36.48 -19.37
C LEU B 549 10.55 35.42 -18.35
N MET B 550 10.72 35.69 -17.05
CA MET B 550 10.30 34.78 -16.00
C MET B 550 9.28 35.42 -15.07
N ALA B 551 8.53 36.39 -15.58
CA ALA B 551 7.54 37.08 -14.76
C ALA B 551 6.34 36.18 -14.51
N PRO B 552 5.63 36.38 -13.39
CA PRO B 552 4.41 35.60 -13.13
C PRO B 552 3.28 35.98 -14.06
N GLN B 553 2.11 35.35 -13.87
CA GLN B 553 0.95 35.62 -14.71
C GLN B 553 0.57 37.10 -14.59
N SER B 554 0.34 37.74 -15.73
CA SER B 554 0.12 39.18 -15.74
C SER B 554 -1.23 39.55 -15.14
N SER B 555 -2.29 38.83 -15.48
CA SER B 555 -3.63 39.19 -15.07
C SER B 555 -4.04 38.60 -13.73
N GLY B 556 -3.15 37.86 -13.07
CA GLY B 556 -3.49 37.18 -11.83
C GLY B 556 -3.49 38.06 -10.59
N GLY B 557 -2.90 39.25 -10.66
CA GLY B 557 -2.79 40.10 -9.50
C GLY B 557 -4.13 40.69 -9.09
N PRO B 558 -4.20 41.34 -7.90
CA PRO B 558 -3.19 41.36 -6.83
C PRO B 558 -3.18 40.08 -5.95
N CYS B 559 -4.22 39.26 -5.99
CA CYS B 559 -4.38 38.07 -5.13
C CYS B 559 -4.54 36.81 -6.00
N PRO B 560 -3.43 36.19 -6.46
CA PRO B 560 -3.50 35.02 -7.33
C PRO B 560 -3.47 33.71 -6.56
N PRO B 561 -4.00 32.65 -7.14
CA PRO B 561 -3.93 31.34 -6.48
C PRO B 561 -2.49 30.84 -6.46
N PRO B 562 -2.13 29.99 -5.51
CA PRO B 562 -0.75 29.51 -5.43
C PRO B 562 -0.38 28.65 -6.64
N THR B 563 0.88 28.74 -7.04
CA THR B 563 1.39 28.00 -8.18
C THR B 563 2.91 27.95 -8.08
N PHE B 564 3.48 26.79 -8.36
CA PHE B 564 4.92 26.60 -8.24
C PHE B 564 5.64 27.31 -9.38
N PRO B 565 6.54 28.24 -9.10
CA PRO B 565 7.23 28.96 -10.18
C PRO B 565 8.59 28.40 -10.53
N GLY B 566 8.88 28.32 -11.83
CA GLY B 566 10.24 28.02 -12.27
C GLY B 566 10.69 26.60 -11.92
N CYS B 567 11.85 26.52 -11.25
CA CYS B 567 12.47 25.23 -11.00
C CYS B 567 11.64 24.36 -10.07
N GLN B 568 10.94 24.97 -9.10
CA GLN B 568 10.15 24.20 -8.16
C GLN B 568 9.04 23.41 -8.84
N GLY B 569 8.68 23.77 -10.08
CA GLY B 569 7.59 23.07 -10.75
C GLY B 569 7.95 21.68 -11.20
N PHE B 570 9.25 21.34 -11.20
CA PHE B 570 9.64 20.01 -11.65
C PHE B 570 9.15 18.93 -10.70
N PHE B 571 9.36 19.11 -9.40
CA PHE B 571 9.04 18.06 -8.44
C PHE B 571 7.55 17.79 -8.32
N ARG B 572 6.70 18.76 -8.65
CA ARG B 572 5.26 18.55 -8.51
C ARG B 572 4.77 17.42 -9.41
N ASP B 573 5.18 17.44 -10.68
CA ASP B 573 4.77 16.38 -11.59
C ASP B 573 5.43 15.04 -11.25
N PHE B 574 6.66 15.07 -10.74
CA PHE B 574 7.29 13.83 -10.26
C PHE B 574 6.43 13.19 -9.17
N ILE B 575 6.07 13.96 -8.15
CA ILE B 575 5.26 13.43 -7.06
C ILE B 575 3.90 12.98 -7.56
N LEU B 576 3.29 13.76 -8.46
CA LEU B 576 1.97 13.42 -8.96
C LEU B 576 1.99 12.12 -9.76
N SER B 577 3.02 11.90 -10.58
CA SER B 577 3.10 10.72 -11.40
C SER B 577 3.68 9.51 -10.68
N ALA B 578 4.28 9.70 -9.51
CA ALA B 578 4.81 8.57 -8.76
C ALA B 578 3.70 7.61 -8.34
N SER B 579 2.66 8.14 -7.69
CA SER B 579 1.51 7.36 -7.25
C SER B 579 1.92 6.16 -6.39
N SER B 580 2.82 6.39 -5.44
CA SER B 580 3.29 5.34 -4.55
C SER B 580 2.86 5.62 -3.12
N PHE B 581 2.38 4.58 -2.44
CA PHE B 581 1.95 4.73 -1.06
C PHE B 581 3.15 4.87 -0.13
N GLN B 582 4.14 4.00 -0.26
CA GLN B 582 5.29 4.01 0.65
C GLN B 582 6.12 5.28 0.47
N PHE B 583 6.33 5.70 -0.77
CA PHE B 583 7.14 6.88 -1.04
C PHE B 583 6.54 8.11 -0.38
N ASN B 584 5.22 8.28 -0.51
CA ASN B 584 4.57 9.45 0.07
C ASN B 584 4.68 9.45 1.59
N GLN B 585 4.51 8.27 2.20
CA GLN B 585 4.60 8.19 3.65
C GLN B 585 6.00 8.55 4.14
N HIS B 586 7.03 7.99 3.51
CA HIS B 586 8.39 8.33 3.90
C HIS B 586 8.68 9.80 3.70
N LEU B 587 8.21 10.36 2.57
CA LEU B 587 8.43 11.79 2.31
C LEU B 587 7.76 12.65 3.37
N MET B 588 6.53 12.30 3.76
CA MET B 588 5.86 13.06 4.81
C MET B 588 6.64 13.00 6.12
N ASP B 589 7.10 11.81 6.50
CA ASP B 589 7.85 11.70 7.75
C ASP B 589 9.11 12.55 7.70
N SER B 590 9.88 12.45 6.63
CA SER B 590 11.13 13.19 6.54
C SER B 590 10.88 14.70 6.55
N LEU B 591 9.90 15.16 5.77
CA LEU B 591 9.62 16.59 5.72
C LEU B 591 9.13 17.11 7.07
N SER B 592 8.28 16.35 7.75
CA SER B 592 7.81 16.79 9.07
C SER B 592 8.96 16.91 10.05
N LEU B 593 9.86 15.91 10.06
CA LEU B 593 10.99 15.98 10.99
C LEU B 593 11.89 17.17 10.66
N LYS B 594 12.14 17.39 9.38
CA LYS B 594 12.99 18.52 8.98
C LYS B 594 12.36 19.85 9.38
N ILE B 595 11.04 19.99 9.16
CA ILE B 595 10.36 21.22 9.51
C ILE B 595 10.43 21.47 11.01
N GLN B 596 10.14 20.43 11.81
CA GLN B 596 10.14 20.63 13.26
C GLN B 596 11.54 20.93 13.78
N GLU B 597 12.57 20.33 13.17
CA GLU B 597 13.93 20.58 13.65
C GLU B 597 14.35 22.02 13.40
N LEU B 598 14.01 22.58 12.23
CA LEU B 598 14.49 23.92 11.88
C LEU B 598 13.75 25.01 12.65
N ASN B 599 12.52 24.75 13.08
CA ASN B 599 11.76 25.78 13.78
C ASN B 599 12.34 26.12 15.15
N GLY B 600 13.19 25.26 15.68
CA GLY B 600 13.72 25.46 17.02
C GLY B 600 15.14 25.99 17.07
N LEU B 601 15.64 26.51 15.95
CA LEU B 601 16.98 27.07 15.94
C LEU B 601 17.06 28.30 16.84
N ALA B 602 18.15 28.40 17.58
CA ALA B 602 18.39 29.53 18.48
C ALA B 602 19.32 30.50 17.74
N LEU B 603 18.72 31.47 17.06
CA LEU B 603 19.48 32.43 16.28
C LEU B 603 20.15 33.45 17.21
N PRO B 604 21.48 33.59 17.17
CA PRO B 604 22.12 34.62 17.99
C PRO B 604 21.75 36.00 17.51
N GLN B 605 21.79 36.96 18.43
CA GLN B 605 21.41 38.34 18.13
C GLN B 605 22.48 39.29 18.65
N HIS B 606 22.66 40.39 17.93
CA HIS B 606 23.61 41.42 18.32
C HIS B 606 23.11 42.77 17.81
N GLU B 607 23.58 43.84 18.45
CA GLU B 607 23.20 45.18 18.06
C GLU B 607 24.24 46.21 18.52
N GLY B 621 26.73 44.10 14.12
CA GLY B 621 27.13 43.42 12.90
C GLY B 621 25.96 43.13 11.98
N GLU B 622 26.08 42.07 11.18
CA GLU B 622 25.04 41.68 10.25
C GLU B 622 24.91 40.15 10.25
N ARG B 623 23.73 39.68 9.83
CA ARG B 623 23.45 38.25 9.78
C ARG B 623 22.58 37.97 8.56
N LYS B 624 22.92 36.91 7.82
CA LYS B 624 22.21 36.56 6.60
C LYS B 624 21.47 35.23 6.71
N GLN B 625 21.68 34.47 7.79
CA GLN B 625 21.08 33.15 7.89
C GLN B 625 19.55 33.20 7.96
N PHE B 626 19.01 34.33 8.43
CA PHE B 626 17.56 34.42 8.62
C PHE B 626 16.80 34.24 7.32
N ALA B 627 17.26 34.88 6.25
CA ALA B 627 16.58 34.75 4.96
C ALA B 627 16.61 33.31 4.48
N VAL B 628 17.76 32.65 4.62
CA VAL B 628 17.90 31.28 4.15
C VAL B 628 16.95 30.35 4.92
N VAL B 629 16.95 30.45 6.25
CA VAL B 629 16.11 29.55 7.02
C VAL B 629 14.63 29.82 6.75
N LEU B 630 14.25 31.10 6.62
CA LEU B 630 12.85 31.42 6.36
C LEU B 630 12.40 30.88 5.00
N LEU B 631 13.22 31.09 3.96
CA LEU B 631 12.84 30.60 2.64
C LEU B 631 12.77 29.08 2.60
N SER B 632 13.73 28.40 3.22
CA SER B 632 13.70 26.94 3.25
C SER B 632 12.47 26.45 4.00
N LEU B 633 12.13 27.08 5.12
CA LEU B 633 10.93 26.70 5.85
C LEU B 633 9.69 26.88 5.00
N ARG B 634 9.61 28.01 4.27
CA ARG B 634 8.44 28.26 3.43
C ARG B 634 8.30 27.17 2.37
N LEU B 635 9.41 26.82 1.69
CA LEU B 635 9.34 25.81 0.64
C LEU B 635 8.92 24.45 1.22
N LEU B 636 9.55 24.05 2.32
CA LEU B 636 9.24 22.76 2.91
C LEU B 636 7.78 22.69 3.36
N ALA B 637 7.29 23.75 3.99
CA ALA B 637 5.91 23.77 4.44
C ALA B 637 4.96 23.69 3.27
N LYS B 638 5.25 24.41 2.18
CA LYS B 638 4.38 24.35 1.01
C LYS B 638 4.30 22.94 0.46
N PHE B 639 5.45 22.28 0.34
CA PHE B 639 5.42 20.93 -0.22
C PHE B 639 4.72 19.94 0.71
N LEU B 640 4.95 20.05 2.02
CA LEU B 640 4.28 19.16 2.96
C LEU B 640 2.77 19.36 2.91
N GLY B 641 2.32 20.61 2.87
CA GLY B 641 0.90 20.88 2.78
C GLY B 641 0.29 20.35 1.49
N PHE B 642 1.04 20.46 0.39
CA PHE B 642 0.52 19.93 -0.87
C PHE B 642 0.37 18.41 -0.80
N VAL B 643 1.36 17.72 -0.25
CA VAL B 643 1.32 16.27 -0.24
C VAL B 643 0.26 15.76 0.73
N ALA B 644 0.19 16.34 1.92
CA ALA B 644 -0.61 15.75 3.00
C ALA B 644 -2.10 15.72 2.67
N PHE B 645 -2.63 16.81 2.11
CA PHE B 645 -4.05 16.94 1.89
C PHE B 645 -4.47 16.51 0.48
N LEU B 646 -3.67 15.69 -0.17
CA LEU B 646 -3.95 15.25 -1.54
C LEU B 646 -5.25 14.46 -1.64
N PRO B 647 -5.49 13.45 -0.79
CA PRO B 647 -6.70 12.63 -1.00
C PRO B 647 -8.01 13.40 -0.91
N TYR B 648 -8.10 14.41 -0.06
CA TYR B 648 -9.37 15.05 0.25
C TYR B 648 -9.67 16.27 -0.60
N ARG B 649 -8.82 16.62 -1.57
CA ARG B 649 -9.01 17.84 -2.35
C ARG B 649 -10.17 17.61 -3.32
N GLY B 650 -11.38 17.78 -2.80
CA GLY B 650 -12.57 17.66 -3.60
C GLY B 650 -13.11 19.01 -4.03
N PRO B 651 -13.65 19.07 -5.24
CA PRO B 651 -14.13 20.35 -5.79
C PRO B 651 -15.53 20.74 -5.36
N GLU B 652 -16.14 20.05 -4.40
CA GLU B 652 -17.52 20.33 -4.02
C GLU B 652 -17.60 20.70 -2.54
N PRO B 653 -18.19 21.86 -2.22
CA PRO B 653 -18.41 22.21 -0.82
C PRO B 653 -19.50 21.35 -0.21
N PRO B 654 -19.54 21.20 1.11
CA PRO B 654 -20.54 20.33 1.72
C PRO B 654 -21.85 21.06 1.97
N PRO B 655 -22.93 20.62 1.34
CA PRO B 655 -24.23 21.27 1.54
C PRO B 655 -24.71 21.16 2.97
N THR B 656 -25.42 22.19 3.42
CA THR B 656 -25.91 22.23 4.79
C THR B 656 -27.03 21.23 5.00
N GLY B 657 -27.14 20.76 6.24
CA GLY B 657 -28.19 19.84 6.63
C GLY B 657 -27.65 18.80 7.58
N GLU B 658 -28.45 17.74 7.79
CA GLU B 658 -28.03 16.65 8.65
C GLU B 658 -26.89 15.84 8.03
N LEU B 659 -26.79 15.85 6.70
CA LEU B 659 -25.75 15.08 6.02
C LEU B 659 -24.35 15.59 6.39
N GLN B 660 -24.23 16.87 6.74
CA GLN B 660 -22.91 17.44 7.05
C GLN B 660 -22.32 16.79 8.29
N ASP B 661 -23.14 16.55 9.32
CA ASP B 661 -22.62 16.08 10.60
C ASP B 661 -21.90 14.74 10.47
N SER B 662 -22.34 13.88 9.55
CA SER B 662 -21.66 12.61 9.33
C SER B 662 -20.23 12.83 8.86
N ILE B 663 -20.04 13.78 7.93
CA ILE B 663 -18.69 14.06 7.42
C ILE B 663 -17.80 14.59 8.53
N LEU B 664 -18.31 15.52 9.34
CA LEU B 664 -17.53 16.05 10.44
C LEU B 664 -17.15 14.96 11.43
N ALA B 665 -18.11 14.07 11.74
CA ALA B 665 -17.81 12.97 12.66
C ALA B 665 -16.74 12.05 12.06
N LEU B 666 -16.83 11.76 10.77
CA LEU B 666 -15.90 10.81 10.16
C LEU B 666 -14.49 11.39 10.05
N ARG B 667 -14.36 12.67 9.75
CA ARG B 667 -13.06 13.25 9.44
C ARG B 667 -12.34 13.85 10.64
N SER B 668 -12.93 13.79 11.83
CA SER B 668 -12.36 14.48 12.98
C SER B 668 -11.68 13.56 13.98
N GLN B 669 -11.67 12.25 13.75
CA GLN B 669 -11.13 11.32 14.73
C GLN B 669 -9.70 10.89 14.42
N VAL B 670 -9.08 11.41 13.37
CA VAL B 670 -7.70 11.11 13.04
C VAL B 670 -6.86 12.35 13.36
N PRO B 671 -5.73 12.20 14.04
CA PRO B 671 -4.89 13.36 14.35
C PRO B 671 -4.25 13.91 13.09
N PRO B 672 -3.91 15.20 13.08
CA PRO B 672 -3.27 15.78 11.89
C PRO B 672 -1.81 15.37 11.80
N VAL B 673 -1.28 15.44 10.58
CA VAL B 673 0.07 14.94 10.32
C VAL B 673 1.13 15.73 11.07
N LEU B 674 0.87 16.99 11.39
CA LEU B 674 1.80 17.80 12.16
C LEU B 674 1.02 18.66 13.13
N ASP B 675 1.44 18.66 14.40
CA ASP B 675 0.69 19.39 15.42
C ASP B 675 1.04 20.87 15.21
N VAL B 676 0.18 21.59 14.50
CA VAL B 676 0.45 23.00 14.23
C VAL B 676 0.00 23.88 15.40
N ARG B 677 -1.08 23.51 16.09
CA ARG B 677 -1.66 24.39 17.09
C ARG B 677 -0.71 24.62 18.26
N THR B 678 -0.13 23.55 18.80
CA THR B 678 0.78 23.71 19.93
C THR B 678 2.04 24.47 19.50
N LEU B 679 2.52 24.23 18.29
CA LEU B 679 3.68 24.97 17.80
C LEU B 679 3.39 26.47 17.73
N LEU B 680 2.23 26.83 17.17
CA LEU B 680 1.87 28.24 17.06
C LEU B 680 1.69 28.86 18.44
N GLN B 681 1.05 28.13 19.37
CA GLN B 681 0.81 28.67 20.71
C GLN B 681 2.14 28.86 21.44
N ARG B 682 3.03 27.87 21.38
CA ARG B 682 4.30 27.97 22.08
C ARG B 682 5.17 29.06 21.48
N GLY B 683 5.21 29.16 20.15
CA GLY B 683 6.04 30.18 19.52
C GLY B 683 5.58 31.59 19.85
N LEU B 684 4.27 31.83 19.74
CA LEU B 684 3.75 33.18 19.94
C LEU B 684 4.01 33.69 21.35
N GLN B 685 4.09 32.79 22.33
CA GLN B 685 4.30 33.21 23.71
C GLN B 685 5.68 33.80 23.93
N ALA B 686 6.65 33.44 23.10
CA ALA B 686 8.03 33.87 23.27
C ALA B 686 8.49 34.71 22.09
N ARG B 687 7.63 35.63 21.64
CA ARG B 687 7.89 36.50 20.48
C ARG B 687 8.06 35.60 19.26
N ARG B 688 9.08 35.80 18.43
CA ARG B 688 9.39 34.92 17.29
C ARG B 688 8.20 34.70 16.37
N ALA B 689 7.22 35.59 16.39
CA ALA B 689 6.04 35.41 15.55
C ALA B 689 6.39 35.53 14.08
N VAL B 690 7.32 36.44 13.75
CA VAL B 690 7.68 36.66 12.35
C VAL B 690 8.32 35.43 11.75
N LEU B 691 9.00 34.62 12.56
CA LEU B 691 9.66 33.43 12.05
C LEU B 691 8.68 32.30 11.77
N THR B 692 7.57 32.24 12.50
CA THR B 692 6.68 31.08 12.43
C THR B 692 5.41 31.35 11.63
N VAL B 693 4.93 32.59 11.58
CA VAL B 693 3.65 32.85 10.90
C VAL B 693 3.69 32.54 9.41
N PRO B 694 4.69 32.98 8.63
CA PRO B 694 4.57 32.81 7.17
C PRO B 694 4.43 31.37 6.71
N TRP B 695 5.28 30.46 7.19
CA TRP B 695 5.18 29.08 6.73
C TRP B 695 3.89 28.42 7.21
N LEU B 696 3.39 28.81 8.39
CA LEU B 696 2.09 28.33 8.81
C LEU B 696 0.99 28.77 7.85
N VAL B 697 1.08 30.02 7.38
CA VAL B 697 0.11 30.51 6.40
C VAL B 697 0.24 29.72 5.10
N GLU B 698 1.47 29.41 4.69
CA GLU B 698 1.66 28.64 3.47
C GLU B 698 1.08 27.24 3.61
N PHE B 699 1.19 26.64 4.80
CA PHE B 699 0.70 25.28 4.99
C PHE B 699 -0.82 25.21 4.83
N LEU B 700 -1.53 26.18 5.40
CA LEU B 700 -2.99 26.14 5.35
C LEU B 700 -3.53 26.53 3.97
N SER B 701 -2.69 27.10 3.11
CA SER B 701 -3.18 27.59 1.83
C SER B 701 -3.66 26.48 0.90
N PHE B 702 -3.23 25.25 1.13
CA PHE B 702 -3.57 24.14 0.26
C PHE B 702 -4.68 23.26 0.83
N ALA B 703 -5.30 23.66 1.93
CA ALA B 703 -6.34 22.85 2.54
C ALA B 703 -7.59 22.86 1.68
N ASP B 704 -8.49 21.91 1.97
CA ASP B 704 -9.72 21.75 1.22
C ASP B 704 -10.85 22.55 1.87
N HIS B 705 -12.08 22.33 1.41
CA HIS B 705 -13.21 23.09 1.92
C HIS B 705 -13.63 22.67 3.32
N VAL B 706 -13.41 21.39 3.67
CA VAL B 706 -13.89 20.88 4.95
C VAL B 706 -13.13 21.49 6.12
N VAL B 707 -11.83 21.77 5.95
CA VAL B 707 -10.98 22.16 7.07
C VAL B 707 -11.55 23.33 7.87
N PRO B 708 -12.04 24.42 7.26
CA PRO B 708 -12.66 25.47 8.08
C PRO B 708 -13.85 24.99 8.89
N LEU B 709 -14.62 24.03 8.38
CA LEU B 709 -15.78 23.54 9.12
C LEU B 709 -15.40 22.67 10.30
N LEU B 710 -14.17 22.15 10.33
CA LEU B 710 -13.75 21.28 11.42
C LEU B 710 -13.54 22.07 12.70
N GLU B 711 -13.62 21.37 13.83
CA GLU B 711 -13.48 22.03 15.12
C GLU B 711 -12.03 22.34 15.46
N TYR B 712 -11.09 21.51 15.03
CA TYR B 712 -9.71 21.66 15.45
C TYR B 712 -9.10 22.97 14.96
N TYR B 713 -9.34 23.34 13.70
CA TYR B 713 -8.69 24.50 13.11
C TYR B 713 -9.38 25.81 13.44
N ARG B 714 -10.60 25.77 13.99
CA ARG B 714 -11.29 27.00 14.33
C ARG B 714 -10.55 27.77 15.42
N ASP B 715 -9.92 27.06 16.36
CA ASP B 715 -9.13 27.73 17.38
C ASP B 715 -7.93 28.44 16.77
N ILE B 716 -7.27 27.81 15.81
CA ILE B 716 -6.14 28.46 15.13
C ILE B 716 -6.61 29.69 14.39
N PHE B 717 -7.75 29.59 13.70
CA PHE B 717 -8.27 30.75 12.96
C PHE B 717 -8.64 31.88 13.91
N THR B 718 -9.24 31.55 15.05
CA THR B 718 -9.55 32.58 16.04
C THR B 718 -8.29 33.23 16.59
N LEU B 719 -7.25 32.44 16.85
CA LEU B 719 -5.99 33.01 17.29
C LEU B 719 -5.42 33.96 16.24
N LEU B 720 -5.47 33.56 14.97
CA LEU B 720 -4.96 34.44 13.91
C LEU B 720 -5.74 35.74 13.84
N LEU B 721 -7.07 35.66 13.94
CA LEU B 721 -7.88 36.89 13.92
C LEU B 721 -7.55 37.78 15.10
N ARG B 722 -7.36 37.19 16.29
CA ARG B 722 -6.97 37.99 17.44
C ARG B 722 -5.62 38.67 17.21
N LEU B 723 -4.69 37.97 16.58
CA LEU B 723 -3.40 38.57 16.26
C LEU B 723 -3.55 39.69 15.23
N HIS B 724 -4.42 39.54 14.25
CA HIS B 724 -4.48 40.55 13.19
C HIS B 724 -4.86 41.93 13.71
N ARG B 725 -5.87 41.99 14.56
CA ARG B 725 -6.36 43.26 15.11
C ARG B 725 -5.33 44.03 15.96
N SER B 726 -4.23 43.41 16.39
CA SER B 726 -3.20 44.06 17.19
C SER B 726 -2.12 44.72 16.35
N LEU B 727 -2.15 44.57 15.01
CA LEU B 727 -1.08 44.97 14.06
C LEU B 727 -1.22 46.44 13.59
N VAL B 728 -1.33 47.36 14.53
CA VAL B 728 -1.44 48.81 14.27
C VAL B 728 -0.16 49.39 13.62
N LEU B 729 -0.32 50.25 12.61
CA LEU B 729 0.80 50.89 11.87
C LEU B 729 1.19 52.28 12.43
N SER B 730 0.22 53.14 12.73
CA SER B 730 0.48 54.46 13.29
C SER B 730 0.96 54.39 14.73
N GLN B 731 0.36 53.51 15.54
CA GLN B 731 0.62 53.48 16.98
C GLN B 731 1.97 52.79 17.26
N GLU B 732 3.04 53.48 16.87
CA GLU B 732 4.38 52.96 17.10
C GLU B 732 4.83 53.16 18.54
N SER B 733 4.32 54.20 19.22
CA SER B 733 4.79 54.53 20.55
C SER B 733 4.52 53.43 21.57
N GLU B 734 3.54 52.56 21.30
CA GLU B 734 3.23 51.45 22.21
C GLU B 734 3.51 50.08 21.59
N GLY B 735 3.68 50.01 20.27
CA GLY B 735 3.94 48.72 19.64
C GLY B 735 5.30 48.14 20.01
N LYS B 736 6.33 49.00 20.09
CA LYS B 736 7.71 48.56 20.32
C LYS B 736 8.13 47.51 19.30
N MET B 737 7.74 47.72 18.04
CA MET B 737 8.01 46.80 16.95
C MET B 737 8.42 47.58 15.71
N CYS B 738 9.26 46.96 14.89
CA CYS B 738 9.75 47.62 13.69
C CYS B 738 8.69 47.63 12.60
N PHE B 739 8.77 48.63 11.73
CA PHE B 739 7.75 48.84 10.70
C PHE B 739 7.72 47.71 9.69
N LEU B 740 8.89 47.23 9.26
CA LEU B 740 8.96 46.26 8.18
C LEU B 740 8.30 44.95 8.58
N ASN B 741 8.49 44.51 9.82
CA ASN B 741 7.85 43.30 10.29
C ASN B 741 6.34 43.45 10.27
N LYS B 742 5.84 44.61 10.70
CA LYS B 742 4.41 44.89 10.64
C LYS B 742 3.89 44.78 9.22
N LEU B 743 4.59 45.41 8.28
CA LEU B 743 4.17 45.43 6.88
C LEU B 743 4.18 44.00 6.27
N LEU B 744 5.16 43.17 6.63
CA LEU B 744 5.23 41.80 6.13
C LEU B 744 4.10 40.96 6.70
N LEU B 745 3.88 41.05 8.01
CA LEU B 745 2.82 40.27 8.65
C LEU B 745 1.45 40.67 8.12
N LEU B 746 1.18 41.97 7.98
CA LEU B 746 -0.10 42.46 7.44
C LEU B 746 -0.33 41.98 6.01
N ALA B 747 0.69 42.02 5.16
CA ALA B 747 0.58 41.54 3.80
C ALA B 747 0.29 40.02 3.75
N VAL B 748 1.00 39.21 4.55
CA VAL B 748 0.82 37.76 4.47
C VAL B 748 -0.50 37.33 5.09
N LEU B 749 -0.93 37.96 6.19
CA LEU B 749 -2.24 37.64 6.74
C LEU B 749 -3.35 38.06 5.78
N GLY B 750 -3.23 39.25 5.17
CA GLY B 750 -4.26 39.79 4.29
C GLY B 750 -4.46 38.96 3.02
N TRP B 751 -3.41 38.31 2.52
CA TRP B 751 -3.52 37.35 1.42
C TRP B 751 -4.26 36.06 1.81
N LEU B 752 -4.21 35.62 3.08
CA LEU B 752 -4.79 34.34 3.47
C LEU B 752 -6.30 34.32 3.35
N PHE B 753 -6.96 35.45 3.66
CA PHE B 753 -8.43 35.53 3.70
C PHE B 753 -9.08 35.64 2.30
N GLN B 754 -8.29 35.84 1.24
CA GLN B 754 -8.79 35.97 -0.13
C GLN B 754 -9.00 34.63 -0.86
N ILE B 755 -8.50 33.50 -0.33
CA ILE B 755 -8.59 32.21 -1.02
C ILE B 755 -10.04 31.74 -1.01
N PRO B 756 -10.55 31.17 -2.11
CA PRO B 756 -11.95 30.71 -2.11
C PRO B 756 -12.26 29.65 -1.06
N THR B 757 -11.26 28.87 -0.63
CA THR B 757 -11.53 27.80 0.33
C THR B 757 -12.04 28.35 1.65
N VAL B 758 -11.41 29.40 2.16
CA VAL B 758 -11.82 29.96 3.46
C VAL B 758 -13.15 30.68 3.29
N PRO B 759 -14.14 30.47 4.16
CA PRO B 759 -15.39 31.22 4.05
C PRO B 759 -15.16 32.71 4.20
N GLU B 760 -15.89 33.49 3.41
CA GLU B 760 -15.67 34.94 3.39
C GLU B 760 -16.21 35.60 4.66
N ASP B 761 -17.21 34.98 5.30
CA ASP B 761 -17.87 35.61 6.41
C ASP B 761 -17.16 35.38 7.74
N LEU B 762 -16.12 34.54 7.75
CA LEU B 762 -15.45 34.25 9.02
C LEU B 762 -14.78 35.48 9.60
N PHE B 763 -14.33 36.42 8.76
CA PHE B 763 -13.66 37.65 9.19
C PHE B 763 -14.61 38.64 9.89
N PHE B 764 -15.90 38.63 9.54
CA PHE B 764 -16.89 39.60 10.03
C PHE B 764 -17.66 39.12 11.27
N LEU B 765 -18.14 37.87 11.28
CA LEU B 765 -19.02 37.35 12.32
C LEU B 765 -18.21 36.76 13.48
N GLU B 766 -17.63 37.67 14.27
CA GLU B 766 -16.98 37.31 15.53
C GLU B 766 -17.31 38.40 16.55
N GLU B 767 -17.85 37.98 17.70
CA GLU B 767 -18.27 38.95 18.71
C GLU B 767 -17.08 39.72 19.28
N GLY B 768 -15.98 39.02 19.57
CA GLY B 768 -14.81 39.67 20.14
C GLY B 768 -13.65 38.72 20.34
N PRO B 769 -12.44 39.19 20.05
CA PRO B 769 -11.26 38.34 20.24
C PRO B 769 -10.77 38.29 21.67
N SER B 770 -11.04 39.31 22.47
CA SER B 770 -10.58 39.34 23.86
C SER B 770 -11.61 39.98 24.77
N PRO B 780 6.87 37.34 27.34
CA PRO B 780 7.44 38.62 27.74
C PRO B 780 8.96 38.57 27.91
N GLU B 781 9.68 38.45 26.80
CA GLU B 781 11.14 38.39 26.83
C GLU B 781 11.74 39.27 25.75
N HIS B 782 13.05 39.14 25.54
CA HIS B 782 13.76 39.88 24.50
C HIS B 782 14.24 38.86 23.47
N GLY B 783 13.55 38.80 22.33
CA GLY B 783 13.83 37.79 21.33
C GLY B 783 14.06 38.31 19.93
N LEU B 784 13.67 37.51 18.94
CA LEU B 784 13.92 37.82 17.53
C LEU B 784 13.01 38.90 16.98
N ASP B 785 12.02 39.34 17.75
CA ASP B 785 11.00 40.24 17.19
C ASP B 785 11.59 41.61 16.90
N ASN B 786 12.32 42.20 17.86
CA ASN B 786 12.68 43.60 17.76
C ASN B 786 13.73 43.89 16.69
N ALA B 787 14.58 42.91 16.38
CA ALA B 787 15.66 43.15 15.42
C ALA B 787 15.09 43.39 14.03
N PRO B 788 15.59 44.41 13.32
CA PRO B 788 15.10 44.67 11.96
C PRO B 788 15.61 43.66 10.95
N VAL B 789 15.15 42.42 11.06
CA VAL B 789 15.70 41.35 10.26
C VAL B 789 15.18 41.34 8.83
N VAL B 790 14.01 41.91 8.57
CA VAL B 790 13.40 41.87 7.25
C VAL B 790 13.98 42.98 6.39
N ASP B 791 14.31 42.63 5.15
CA ASP B 791 14.86 43.58 4.18
C ASP B 791 13.84 43.80 3.06
N GLN B 792 13.98 44.94 2.38
CA GLN B 792 13.11 45.23 1.25
C GLN B 792 13.18 44.13 0.20
N GLN B 793 14.38 43.59 -0.04
CA GLN B 793 14.51 42.46 -0.96
C GLN B 793 13.75 41.25 -0.45
N LEU B 794 13.89 40.94 0.84
CA LEU B 794 13.16 39.81 1.41
C LEU B 794 11.65 40.03 1.34
N LEU B 795 11.18 41.24 1.65
CA LEU B 795 9.77 41.61 1.61
C LEU B 795 9.23 41.44 0.19
N TYR B 796 9.97 41.87 -0.84
CA TYR B 796 9.50 41.74 -2.21
C TYR B 796 9.54 40.29 -2.68
N THR B 797 10.53 39.52 -2.23
CA THR B 797 10.61 38.11 -2.62
C THR B 797 9.45 37.32 -2.02
N CYS B 798 9.19 37.50 -0.73
CA CYS B 798 8.11 36.77 -0.07
C CYS B 798 6.73 37.33 -0.39
N CYS B 799 6.64 38.51 -0.98
CA CYS B 799 5.37 39.16 -1.31
C CYS B 799 5.40 39.57 -2.78
N PRO B 800 5.35 38.59 -3.69
CA PRO B 800 5.56 38.91 -5.12
C PRO B 800 4.51 39.84 -5.70
N TYR B 801 3.30 39.87 -5.14
CA TYR B 801 2.17 40.65 -5.63
C TYR B 801 2.25 42.16 -5.29
N ILE B 802 3.12 42.60 -4.36
CA ILE B 802 3.26 44.04 -4.05
C ILE B 802 3.67 44.86 -5.29
N GLY B 803 4.46 44.29 -6.21
CA GLY B 803 4.98 45.09 -7.30
C GLY B 803 3.99 45.41 -8.41
N GLU B 804 2.77 44.90 -8.34
CA GLU B 804 1.80 45.18 -9.40
C GLU B 804 1.29 46.62 -9.40
N LEU B 805 1.48 47.37 -8.32
CA LEU B 805 1.17 48.81 -8.28
C LEU B 805 2.04 49.56 -9.31
N ARG B 806 3.33 49.20 -9.43
CA ARG B 806 4.21 49.80 -10.41
C ARG B 806 3.78 49.46 -11.83
N LYS B 807 3.35 48.21 -12.05
CA LYS B 807 2.91 47.80 -13.38
C LYS B 807 1.68 48.59 -13.82
N LEU B 808 0.75 48.82 -12.90
CA LEU B 808 -0.41 49.65 -13.23
C LEU B 808 0.01 51.10 -13.50
N LEU B 809 0.97 51.61 -12.73
CA LEU B 809 1.44 52.97 -12.97
C LEU B 809 2.11 53.11 -14.33
N ALA B 810 2.86 52.08 -14.75
CA ALA B 810 3.57 52.15 -16.02
C ALA B 810 2.61 52.23 -17.20
N SER B 811 1.51 51.49 -17.14
CA SER B 811 0.54 51.49 -18.24
C SER B 811 -0.13 52.83 -18.43
N TRP B 812 -0.02 53.75 -17.48
CA TRP B 812 -0.66 55.06 -17.60
C TRP B 812 -0.09 55.84 -18.77
N VAL B 813 1.23 55.82 -18.95
CA VAL B 813 1.88 56.59 -20.00
C VAL B 813 2.22 55.76 -21.23
N SER B 814 2.23 54.43 -21.12
CA SER B 814 2.58 53.60 -22.26
C SER B 814 1.49 53.63 -23.33
N GLY B 815 0.24 53.45 -22.93
CA GLY B 815 -0.86 53.43 -23.88
C GLY B 815 -1.39 54.80 -24.24
N SER B 816 -0.49 55.78 -24.34
CA SER B 816 -0.89 57.16 -24.62
C SER B 816 -0.85 57.47 -26.12
N SER B 817 0.32 57.26 -26.74
CA SER B 817 0.49 57.66 -28.13
C SER B 817 -0.13 56.66 -29.09
N GLY B 818 0.24 55.39 -28.99
CA GLY B 818 -0.25 54.38 -29.90
C GLY B 818 -1.61 53.83 -29.56
N ARG B 819 -2.59 54.72 -29.39
CA ARG B 819 -3.94 54.33 -28.99
C ARG B 819 -4.78 54.00 -30.23
N SER B 820 -4.57 52.79 -30.74
CA SER B 820 -5.40 52.30 -31.84
C SER B 820 -6.71 51.70 -31.32
N GLY B 821 -6.61 50.64 -30.54
CA GLY B 821 -7.76 50.09 -29.84
C GLY B 821 -8.66 49.14 -30.62
N GLY B 822 -9.48 49.67 -31.51
CA GLY B 822 -10.54 48.90 -32.12
C GLY B 822 -10.13 48.20 -33.40
N PHE B 823 -11.14 47.89 -34.22
CA PHE B 823 -10.96 47.25 -35.52
C PHE B 823 -10.24 45.90 -35.34
N MET B 824 -10.94 45.00 -34.66
CA MET B 824 -10.38 43.79 -34.07
C MET B 824 -9.79 42.86 -35.14
N ARG B 825 -10.15 43.07 -36.41
CA ARG B 825 -9.64 42.36 -37.58
C ARG B 825 -9.62 40.83 -37.42
N LYS B 826 -10.82 40.23 -37.39
CA LYS B 826 -10.96 38.78 -37.32
C LYS B 826 -10.16 38.09 -38.42
N ILE B 827 -9.52 36.98 -38.07
CA ILE B 827 -8.75 36.17 -39.00
C ILE B 827 -9.08 34.70 -38.79
N THR B 828 -9.27 33.96 -39.91
CA THR B 828 -9.64 32.55 -39.88
C THR B 828 -8.41 31.67 -40.11
N PRO B 829 -8.16 30.68 -39.25
CA PRO B 829 -6.99 29.82 -39.44
C PRO B 829 -7.24 28.73 -40.47
N THR B 830 -6.23 27.88 -40.64
CA THR B 830 -6.23 26.81 -41.63
C THR B 830 -5.96 25.47 -40.96
N THR B 831 -6.37 24.40 -41.62
CA THR B 831 -6.20 23.04 -41.13
C THR B 831 -6.10 22.08 -42.29
N THR B 832 -5.23 21.07 -42.15
CA THR B 832 -5.08 20.04 -43.16
C THR B 832 -6.38 19.29 -43.41
N MET C 3 4.91 -14.73 -4.03
CA MET C 3 4.59 -15.31 -5.33
C MET C 3 5.18 -16.72 -5.44
N ALA C 4 4.30 -17.72 -5.49
CA ALA C 4 4.74 -19.10 -5.56
C ALA C 4 5.43 -19.38 -6.90
N LYS C 5 6.35 -20.34 -6.88
CA LYS C 5 7.09 -20.71 -8.08
C LYS C 5 6.47 -21.87 -8.82
N VAL C 6 6.16 -22.96 -8.12
CA VAL C 6 5.62 -24.17 -8.74
C VAL C 6 4.11 -24.14 -8.62
N GLN C 7 3.43 -24.33 -9.75
CA GLN C 7 1.97 -24.38 -9.78
C GLN C 7 1.52 -25.58 -10.60
N VAL C 8 0.36 -26.12 -10.23
CA VAL C 8 -0.26 -27.19 -11.00
C VAL C 8 -1.14 -26.55 -12.06
N ASN C 9 -1.12 -27.12 -13.26
CA ASN C 9 -1.85 -26.54 -14.38
C ASN C 9 -3.07 -27.36 -14.77
N ASN C 10 -2.97 -28.69 -14.70
CA ASN C 10 -4.09 -29.55 -15.01
C ASN C 10 -3.89 -30.90 -14.33
N VAL C 11 -4.99 -31.46 -13.82
CA VAL C 11 -4.98 -32.78 -13.21
C VAL C 11 -6.13 -33.58 -13.82
N VAL C 12 -5.83 -34.78 -14.29
CA VAL C 12 -6.81 -35.64 -14.96
C VAL C 12 -6.84 -36.98 -14.25
N VAL C 13 -8.03 -37.45 -13.92
CA VAL C 13 -8.21 -38.72 -13.22
C VAL C 13 -8.37 -39.83 -14.26
N LEU C 14 -7.76 -40.98 -13.97
CA LEU C 14 -7.80 -42.13 -14.87
C LEU C 14 -8.52 -43.29 -14.20
N ASP C 15 -9.04 -44.19 -15.05
CA ASP C 15 -9.66 -45.44 -14.59
C ASP C 15 -10.84 -45.19 -13.68
N ASN C 16 -11.86 -44.51 -14.22
CA ASN C 16 -13.10 -44.27 -13.48
C ASN C 16 -14.23 -44.36 -14.49
N PRO C 17 -15.30 -45.11 -14.18
CA PRO C 17 -15.53 -45.89 -12.95
C PRO C 17 -14.81 -47.22 -12.98
N SER C 18 -14.66 -47.87 -11.83
CA SER C 18 -13.91 -49.11 -11.72
C SER C 18 -14.33 -49.81 -10.42
N PRO C 19 -14.10 -51.11 -10.30
CA PRO C 19 -14.42 -51.79 -9.04
C PRO C 19 -13.44 -51.42 -7.93
N PHE C 20 -13.79 -51.83 -6.71
CA PHE C 20 -13.15 -51.31 -5.52
C PHE C 20 -11.67 -51.68 -5.46
N TYR C 21 -11.31 -52.89 -5.88
CA TYR C 21 -9.96 -53.39 -5.65
C TYR C 21 -8.92 -52.85 -6.63
N ASN C 22 -9.33 -52.10 -7.65
CA ASN C 22 -8.36 -51.55 -8.59
C ASN C 22 -7.55 -50.44 -7.93
N PRO C 23 -6.25 -50.38 -8.15
CA PRO C 23 -5.45 -49.31 -7.56
C PRO C 23 -5.77 -47.96 -8.20
N PHE C 24 -5.50 -46.90 -7.43
CA PHE C 24 -5.79 -45.55 -7.89
C PHE C 24 -4.82 -45.12 -8.98
N GLN C 25 -5.33 -44.29 -9.91
CA GLN C 25 -4.54 -43.74 -11.01
C GLN C 25 -4.77 -42.25 -11.12
N PHE C 26 -3.70 -41.49 -11.34
CA PHE C 26 -3.78 -40.05 -11.52
C PHE C 26 -2.73 -39.60 -12.53
N GLU C 27 -2.98 -38.44 -13.14
CA GLU C 27 -2.06 -37.82 -14.08
C GLU C 27 -1.94 -36.34 -13.73
N ILE C 28 -0.74 -35.91 -13.38
CA ILE C 28 -0.49 -34.57 -12.89
C ILE C 28 0.56 -33.91 -13.78
N THR C 29 0.29 -32.66 -14.18
CA THR C 29 1.26 -31.82 -14.87
C THR C 29 1.41 -30.52 -14.11
N PHE C 30 2.63 -29.99 -14.09
CA PHE C 30 2.90 -28.79 -13.32
C PHE C 30 3.95 -27.95 -14.02
N GLU C 31 3.93 -26.65 -13.72
CA GLU C 31 4.81 -25.67 -14.33
C GLU C 31 5.81 -25.17 -13.29
N CYS C 32 7.03 -24.89 -13.75
CA CYS C 32 8.12 -24.45 -12.87
C CYS C 32 8.75 -23.19 -13.43
N ILE C 33 9.08 -22.26 -12.55
CA ILE C 33 9.65 -20.99 -12.98
C ILE C 33 11.17 -21.06 -13.03
N GLU C 34 11.78 -21.56 -11.95
CA GLU C 34 13.24 -21.65 -11.86
C GLU C 34 13.61 -22.93 -11.12
N ASP C 35 14.84 -23.38 -11.34
CA ASP C 35 15.25 -24.71 -10.91
C ASP C 35 15.14 -24.88 -9.41
N LEU C 36 14.72 -26.08 -9.01
CA LEU C 36 14.55 -26.43 -7.61
C LEU C 36 15.81 -27.12 -7.08
N SER C 37 16.07 -26.95 -5.79
CA SER C 37 17.31 -27.47 -5.20
C SER C 37 17.16 -28.90 -4.72
N GLU C 38 16.05 -29.23 -4.08
CA GLU C 38 15.87 -30.53 -3.45
C GLU C 38 14.68 -31.26 -4.07
N ASP C 39 14.60 -32.55 -3.75
CA ASP C 39 13.57 -33.39 -4.34
C ASP C 39 12.18 -33.04 -3.81
N LEU C 40 11.18 -33.17 -4.67
CA LEU C 40 9.81 -32.96 -4.27
C LEU C 40 9.26 -34.20 -3.56
N GLU C 41 8.07 -34.04 -2.97
CA GLU C 41 7.44 -35.12 -2.23
C GLU C 41 5.93 -35.01 -2.37
N TRP C 42 5.26 -36.16 -2.56
CA TRP C 42 3.82 -36.22 -2.73
C TRP C 42 3.24 -37.29 -1.80
N LYS C 43 1.98 -37.10 -1.42
CA LYS C 43 1.28 -38.04 -0.56
C LYS C 43 -0.15 -38.22 -1.05
N ILE C 44 -0.74 -39.36 -0.68
CA ILE C 44 -2.15 -39.63 -0.93
C ILE C 44 -2.76 -40.18 0.36
N ILE C 45 -3.87 -39.60 0.79
CA ILE C 45 -4.53 -39.98 2.03
C ILE C 45 -5.98 -40.34 1.72
N TYR C 46 -6.43 -41.46 2.26
CA TYR C 46 -7.80 -41.94 2.11
C TYR C 46 -8.50 -41.84 3.47
N VAL C 47 -9.61 -41.11 3.51
CA VAL C 47 -10.37 -40.94 4.75
C VAL C 47 -11.37 -42.09 4.82
N GLY C 48 -11.08 -43.07 5.68
CA GLY C 48 -11.94 -44.24 5.77
C GLY C 48 -13.31 -43.94 6.32
N SER C 49 -13.39 -43.16 7.39
CA SER C 49 -14.64 -42.87 8.07
C SER C 49 -14.88 -41.36 8.11
N ALA C 50 -16.13 -40.96 7.82
CA ALA C 50 -16.46 -39.55 7.85
C ALA C 50 -16.55 -39.00 9.27
N GLU C 51 -16.50 -39.87 10.29
CA GLU C 51 -16.65 -39.40 11.66
C GLU C 51 -15.44 -38.60 12.12
N SER C 52 -14.27 -39.23 12.14
CA SER C 52 -13.07 -38.58 12.65
C SER C 52 -11.87 -39.05 11.84
N GLU C 53 -10.68 -38.63 12.26
CA GLU C 53 -9.45 -38.84 11.51
C GLU C 53 -8.68 -40.08 11.96
N GLU C 54 -9.26 -40.89 12.84
CA GLU C 54 -8.54 -42.06 13.37
C GLU C 54 -8.46 -43.20 12.37
N TYR C 55 -9.27 -43.17 11.31
CA TYR C 55 -9.27 -44.22 10.30
C TYR C 55 -8.65 -43.76 8.99
N ASP C 56 -7.58 -42.98 9.06
CA ASP C 56 -6.88 -42.54 7.85
C ASP C 56 -5.86 -43.60 7.45
N GLN C 57 -5.87 -43.95 6.16
CA GLN C 57 -4.95 -44.93 5.60
C GLN C 57 -4.05 -44.25 4.59
N VAL C 58 -2.75 -44.33 4.79
CA VAL C 58 -1.78 -43.78 3.85
C VAL C 58 -1.51 -44.82 2.76
N LEU C 59 -1.57 -44.38 1.51
CA LEU C 59 -1.39 -45.30 0.38
C LEU C 59 0.06 -45.41 -0.04
N ASP C 60 0.66 -44.31 -0.48
CA ASP C 60 2.05 -44.34 -0.90
C ASP C 60 2.60 -42.93 -0.95
N SER C 61 3.93 -42.83 -0.89
CA SER C 61 4.64 -41.57 -0.98
C SER C 61 5.90 -41.75 -1.81
N VAL C 62 6.11 -40.87 -2.78
CA VAL C 62 7.21 -40.98 -3.72
C VAL C 62 7.96 -39.66 -3.77
N LEU C 63 9.15 -39.70 -4.37
CA LEU C 63 9.95 -38.51 -4.60
C LEU C 63 10.12 -38.29 -6.09
N VAL C 64 10.11 -37.02 -6.50
CA VAL C 64 10.28 -36.63 -7.90
C VAL C 64 11.69 -36.10 -8.08
N GLY C 65 12.36 -36.56 -9.14
CA GLY C 65 13.74 -36.20 -9.40
C GLY C 65 13.95 -34.71 -9.60
N PRO C 66 15.21 -34.30 -9.80
CA PRO C 66 15.51 -32.87 -9.95
C PRO C 66 14.71 -32.24 -11.08
N VAL C 67 14.22 -31.04 -10.84
CA VAL C 67 13.32 -30.35 -11.75
C VAL C 67 14.07 -29.17 -12.38
N PRO C 68 14.23 -29.19 -13.71
CA PRO C 68 14.81 -27.98 -14.31
C PRO C 68 13.69 -27.02 -14.61
N ALA C 69 14.03 -25.82 -15.08
CA ALA C 69 13.02 -24.82 -15.39
C ALA C 69 12.16 -25.27 -16.56
N GLY C 70 10.86 -24.98 -16.47
CA GLY C 70 9.93 -25.35 -17.51
C GLY C 70 8.66 -25.98 -16.97
N ARG C 71 8.09 -26.91 -17.73
CA ARG C 71 6.90 -27.65 -17.30
C ARG C 71 7.13 -29.12 -17.54
N HIS C 72 6.50 -29.95 -16.70
CA HIS C 72 6.69 -31.39 -16.74
C HIS C 72 5.34 -32.10 -16.58
N MET C 73 5.37 -33.41 -16.76
CA MET C 73 4.20 -34.26 -16.59
C MET C 73 4.64 -35.62 -16.10
N PHE C 74 3.81 -36.24 -15.25
CA PHE C 74 4.08 -37.58 -14.76
C PHE C 74 2.77 -38.19 -14.26
N VAL C 75 2.80 -39.51 -14.06
CA VAL C 75 1.63 -40.27 -13.66
C VAL C 75 1.91 -40.89 -12.30
N PHE C 76 0.92 -40.81 -11.40
CA PHE C 76 1.05 -41.31 -10.04
C PHE C 76 0.19 -42.55 -9.84
N GLN C 77 0.75 -43.55 -9.17
CA GLN C 77 0.05 -44.79 -8.88
C GLN C 77 0.16 -45.12 -7.40
N ALA C 78 -0.90 -45.71 -6.86
CA ALA C 78 -0.93 -46.07 -5.45
C ALA C 78 -1.78 -47.32 -5.27
N ASP C 79 -1.49 -48.05 -4.20
CA ASP C 79 -2.14 -49.33 -3.94
C ASP C 79 -3.54 -49.14 -3.36
N ALA C 80 -4.32 -50.20 -3.40
CA ALA C 80 -5.68 -50.18 -2.89
C ALA C 80 -5.67 -50.09 -1.37
N PRO C 81 -6.74 -49.55 -0.78
CA PRO C 81 -6.80 -49.45 0.69
C PRO C 81 -7.21 -50.76 1.33
N ASN C 82 -6.83 -50.91 2.59
CA ASN C 82 -7.13 -52.11 3.35
C ASN C 82 -8.59 -52.09 3.80
N PRO C 83 -9.42 -53.05 3.38
CA PRO C 83 -10.83 -53.02 3.78
C PRO C 83 -11.08 -53.43 5.23
N GLY C 84 -10.09 -53.97 5.93
CA GLY C 84 -10.32 -54.44 7.28
C GLY C 84 -10.44 -53.34 8.30
N LEU C 85 -9.75 -52.21 8.08
CA LEU C 85 -9.72 -51.12 9.05
C LEU C 85 -10.89 -50.16 8.91
N ILE C 86 -11.67 -50.26 7.85
CA ILE C 86 -12.78 -49.34 7.59
C ILE C 86 -13.97 -49.81 8.44
N PRO C 87 -14.53 -48.95 9.29
CA PRO C 87 -15.77 -49.31 9.98
C PRO C 87 -16.89 -49.56 8.98
N ASP C 88 -17.72 -50.55 9.29
CA ASP C 88 -18.81 -51.00 8.42
C ASP C 88 -19.90 -49.93 8.23
N ALA C 89 -19.95 -48.90 9.09
CA ALA C 89 -20.92 -47.82 8.93
C ALA C 89 -20.58 -46.94 7.73
N ASP C 90 -19.30 -46.61 7.56
CA ASP C 90 -18.87 -45.73 6.48
C ASP C 90 -18.53 -46.48 5.20
N ALA C 91 -18.67 -47.81 5.16
CA ALA C 91 -18.24 -48.63 4.03
C ALA C 91 -19.07 -48.44 2.75
N VAL C 92 -20.24 -47.81 2.85
CA VAL C 92 -21.09 -47.39 1.72
C VAL C 92 -21.59 -45.95 1.92
N GLY C 93 -21.58 -45.15 0.84
CA GLY C 93 -21.94 -43.75 0.84
C GLY C 93 -20.97 -42.88 0.08
N VAL C 94 -20.54 -41.78 0.70
CA VAL C 94 -19.59 -40.86 0.10
C VAL C 94 -18.44 -40.62 1.08
N THR C 95 -17.30 -40.20 0.54
CA THR C 95 -16.13 -39.88 1.35
C THR C 95 -15.22 -38.98 0.53
N VAL C 96 -14.01 -38.74 1.04
CA VAL C 96 -13.07 -37.80 0.45
C VAL C 96 -11.69 -38.44 0.35
N VAL C 97 -11.02 -38.23 -0.77
CA VAL C 97 -9.64 -38.67 -0.99
C VAL C 97 -8.77 -37.43 -1.09
N LEU C 98 -7.64 -37.43 -0.39
CA LEU C 98 -6.76 -36.27 -0.31
C LEU C 98 -5.44 -36.57 -1.00
N ILE C 99 -4.99 -35.62 -1.82
CA ILE C 99 -3.67 -35.65 -2.43
C ILE C 99 -2.96 -34.35 -2.07
N THR C 100 -1.78 -34.47 -1.44
CA THR C 100 -1.04 -33.33 -0.92
C THR C 100 0.39 -33.37 -1.40
N CYS C 101 1.01 -32.19 -1.45
CA CYS C 101 2.41 -32.04 -1.83
C CYS C 101 3.17 -31.32 -0.72
N THR C 102 4.39 -31.79 -0.46
CA THR C 102 5.25 -31.18 0.54
C THR C 102 6.60 -30.85 -0.08
N TYR C 103 7.17 -29.72 0.34
CA TYR C 103 8.47 -29.28 -0.12
C TYR C 103 9.29 -28.82 1.07
N ARG C 104 10.52 -29.32 1.17
CA ARG C 104 11.39 -29.02 2.31
C ARG C 104 10.70 -29.35 3.63
N GLY C 105 9.86 -30.37 3.63
CA GLY C 105 9.12 -30.73 4.82
C GLY C 105 7.97 -29.81 5.15
N GLN C 106 7.50 -29.02 4.19
CA GLN C 106 6.37 -28.12 4.39
C GLN C 106 5.32 -28.37 3.32
N GLU C 107 4.07 -28.54 3.74
CA GLU C 107 2.97 -28.72 2.81
C GLU C 107 2.54 -27.37 2.26
N PHE C 108 2.28 -27.31 0.95
CA PHE C 108 1.97 -26.04 0.32
C PHE C 108 0.81 -26.08 -0.67
N ILE C 109 0.20 -27.24 -0.90
CA ILE C 109 -0.98 -27.32 -1.75
C ILE C 109 -1.70 -28.63 -1.46
N ARG C 110 -3.03 -28.56 -1.42
CA ARG C 110 -3.87 -29.73 -1.18
C ARG C 110 -4.99 -29.77 -2.20
N VAL C 111 -5.23 -30.96 -2.75
CA VAL C 111 -6.32 -31.20 -3.69
C VAL C 111 -7.13 -32.38 -3.18
N GLY C 112 -8.44 -32.32 -3.35
CA GLY C 112 -9.31 -33.39 -2.86
C GLY C 112 -10.45 -33.64 -3.83
N TYR C 113 -11.01 -34.84 -3.73
CA TYR C 113 -12.13 -35.26 -4.57
C TYR C 113 -13.18 -35.94 -3.72
N TYR C 114 -14.43 -35.92 -4.21
CA TYR C 114 -15.50 -36.69 -3.61
C TYR C 114 -15.52 -38.10 -4.19
N VAL C 115 -15.69 -39.09 -3.32
CA VAL C 115 -15.67 -40.50 -3.69
C VAL C 115 -17.07 -41.06 -3.56
N ASN C 116 -17.55 -41.72 -4.60
CA ASN C 116 -18.86 -42.35 -4.62
C ASN C 116 -18.67 -43.85 -4.62
N ASN C 117 -19.10 -44.50 -3.54
CA ASN C 117 -19.05 -45.95 -3.42
C ASN C 117 -20.47 -46.47 -3.33
N GLU C 118 -20.89 -47.25 -4.33
CA GLU C 118 -22.27 -47.71 -4.43
C GLU C 118 -22.30 -49.11 -5.01
N TYR C 119 -23.33 -49.88 -4.66
CA TYR C 119 -23.52 -51.22 -5.23
C TYR C 119 -23.95 -51.09 -6.70
N THR C 120 -23.33 -51.88 -7.57
CA THR C 120 -23.67 -51.90 -8.98
C THR C 120 -25.04 -52.54 -9.22
N GLU C 121 -25.33 -53.64 -8.52
CA GLU C 121 -26.62 -54.35 -8.57
C GLU C 121 -27.73 -53.52 -7.90
N THR C 122 -28.80 -53.20 -8.64
CA THR C 122 -29.81 -52.22 -8.21
C THR C 122 -30.55 -52.66 -6.95
N GLU C 123 -30.84 -53.95 -6.79
CA GLU C 123 -31.45 -54.50 -5.57
C GLU C 123 -30.58 -54.26 -4.32
N LEU C 124 -29.25 -54.34 -4.42
CA LEU C 124 -28.35 -54.02 -3.31
C LEU C 124 -28.20 -52.50 -3.11
N ARG C 125 -28.38 -51.69 -4.15
CA ARG C 125 -28.42 -50.23 -4.03
C ARG C 125 -29.72 -49.72 -3.37
N GLU C 126 -30.84 -50.41 -3.60
CA GLU C 126 -32.13 -50.14 -2.94
C GLU C 126 -32.20 -50.67 -1.50
N ASN C 127 -31.52 -51.79 -1.25
CA ASN C 127 -31.43 -52.37 0.10
C ASN C 127 -30.11 -53.13 0.20
N PRO C 128 -29.08 -52.55 0.85
CA PRO C 128 -27.77 -53.18 0.92
C PRO C 128 -27.70 -54.28 2.00
N PRO C 129 -26.71 -55.21 1.90
CA PRO C 129 -26.53 -56.28 2.87
C PRO C 129 -26.04 -55.75 4.23
N VAL C 130 -26.22 -56.56 5.29
CA VAL C 130 -25.89 -56.19 6.68
C VAL C 130 -24.39 -55.95 6.89
N LYS C 131 -23.54 -56.65 6.14
CA LYS C 131 -22.08 -56.44 6.06
C LYS C 131 -21.62 -56.33 4.59
N PRO C 132 -20.59 -55.51 4.28
CA PRO C 132 -20.12 -55.29 2.92
C PRO C 132 -19.74 -56.55 2.13
N ASP C 133 -19.87 -56.49 0.80
CA ASP C 133 -19.22 -57.42 -0.15
C ASP C 133 -18.40 -56.61 -1.17
N PHE C 134 -17.12 -56.44 -0.88
CA PHE C 134 -16.19 -55.66 -1.71
C PHE C 134 -16.01 -56.21 -3.14
N SER C 135 -16.51 -57.41 -3.45
CA SER C 135 -16.45 -57.93 -4.82
C SER C 135 -17.51 -57.32 -5.73
N LYS C 136 -18.51 -56.65 -5.16
CA LYS C 136 -19.61 -56.09 -5.95
C LYS C 136 -19.62 -54.56 -5.94
N LEU C 137 -18.87 -53.91 -5.06
CA LEU C 137 -18.81 -52.45 -4.94
C LEU C 137 -18.07 -51.83 -6.14
N GLN C 138 -18.47 -50.61 -6.51
CA GLN C 138 -17.83 -49.84 -7.57
C GLN C 138 -17.46 -48.48 -7.02
N ARG C 139 -16.30 -47.96 -7.44
CA ARG C 139 -15.79 -46.69 -6.99
C ARG C 139 -15.92 -45.65 -8.09
N ASN C 140 -16.51 -44.50 -7.76
CA ASN C 140 -16.68 -43.40 -8.71
C ASN C 140 -16.11 -42.13 -8.10
N ILE C 141 -15.32 -41.42 -8.89
CA ILE C 141 -14.67 -40.18 -8.46
C ILE C 141 -15.30 -39.01 -9.23
N LEU C 142 -15.77 -38.01 -8.50
CA LEU C 142 -16.38 -36.83 -9.10
C LEU C 142 -15.28 -35.87 -9.54
N ALA C 143 -14.74 -36.13 -10.73
CA ALA C 143 -13.68 -35.31 -11.28
C ALA C 143 -14.17 -33.95 -11.76
N SER C 144 -15.49 -33.75 -11.84
CA SER C 144 -16.01 -32.50 -12.38
C SER C 144 -15.89 -31.34 -11.41
N ASN C 145 -15.75 -31.60 -10.11
CA ASN C 145 -15.72 -30.56 -9.08
C ASN C 145 -14.52 -30.79 -8.17
N PRO C 146 -13.31 -30.44 -8.63
CA PRO C 146 -12.12 -30.61 -7.78
C PRO C 146 -11.94 -29.42 -6.85
N ARG C 147 -11.80 -29.70 -5.56
CA ARG C 147 -11.52 -28.68 -4.56
C ARG C 147 -10.02 -28.55 -4.38
N VAL C 148 -9.52 -27.31 -4.41
CA VAL C 148 -8.10 -27.04 -4.19
C VAL C 148 -7.97 -25.92 -3.18
N THR C 149 -6.77 -25.81 -2.62
CA THR C 149 -6.45 -24.73 -1.69
C THR C 149 -4.93 -24.63 -1.61
N ARG C 150 -4.41 -23.41 -1.73
CA ARG C 150 -2.97 -23.19 -1.78
C ARG C 150 -2.52 -22.30 -0.62
N PHE C 151 -1.35 -22.61 -0.08
CA PHE C 151 -0.80 -21.92 1.09
C PHE C 151 0.49 -21.21 0.71
N HIS C 152 0.75 -20.08 1.34
CA HIS C 152 1.99 -19.36 1.12
C HIS C 152 3.05 -19.84 2.10
N ILE C 153 4.18 -20.32 1.57
CA ILE C 153 5.25 -20.88 2.37
C ILE C 153 6.56 -20.23 1.96
N ASN C 154 7.63 -20.58 2.70
CA ASN C 154 8.97 -20.13 2.40
C ASN C 154 9.61 -21.07 1.38
N TRP C 155 10.27 -20.49 0.38
CA TRP C 155 10.92 -21.27 -0.67
C TRP C 155 12.43 -21.15 -0.69
N GLU C 156 12.99 -20.02 -0.28
CA GLU C 156 14.44 -19.82 -0.32
C GLU C 156 15.12 -20.38 0.92
N MET D 3 -5.47 20.19 -17.01
CA MET D 3 -4.69 20.13 -18.24
C MET D 3 -5.15 21.19 -19.24
N ALA D 4 -4.22 21.65 -20.07
CA ALA D 4 -4.48 22.72 -21.02
C ALA D 4 -5.16 22.16 -22.26
N LYS D 5 -6.26 22.78 -22.67
CA LYS D 5 -7.00 22.31 -23.84
C LYS D 5 -6.31 22.68 -25.15
N VAL D 6 -5.43 23.67 -25.14
CA VAL D 6 -4.76 24.13 -26.34
C VAL D 6 -3.25 24.03 -26.14
N GLN D 7 -2.57 23.47 -27.14
CA GLN D 7 -1.11 23.32 -27.10
C GLN D 7 -0.55 23.89 -28.40
N VAL D 8 0.55 24.63 -28.29
CA VAL D 8 1.20 25.24 -29.44
C VAL D 8 2.30 24.29 -29.91
N ASN D 9 2.26 23.92 -31.19
CA ASN D 9 3.17 22.91 -31.70
C ASN D 9 4.54 23.49 -32.01
N ASN D 10 4.61 24.42 -32.95
CA ASN D 10 5.90 24.95 -33.39
C ASN D 10 5.70 26.35 -33.93
N VAL D 11 6.70 27.20 -33.69
CA VAL D 11 6.72 28.58 -34.17
C VAL D 11 7.96 28.75 -35.04
N VAL D 12 7.77 29.26 -36.27
CA VAL D 12 8.83 29.36 -37.26
C VAL D 12 9.01 30.83 -37.62
N VAL D 13 10.27 31.28 -37.61
CA VAL D 13 10.61 32.66 -37.92
C VAL D 13 10.75 32.83 -39.42
N LEU D 14 10.22 33.92 -39.95
CA LEU D 14 10.25 34.22 -41.38
C LEU D 14 11.13 35.43 -41.63
N ASP D 15 11.86 35.38 -42.75
CA ASP D 15 12.63 36.52 -43.27
C ASP D 15 13.66 37.00 -42.24
N ASN D 16 14.63 36.15 -41.98
CA ASN D 16 15.71 36.46 -41.05
C ASN D 16 17.07 36.25 -41.71
N PRO D 17 17.96 37.23 -41.57
CA PRO D 17 17.54 38.46 -40.91
C PRO D 17 16.80 39.40 -41.84
N SER D 18 16.71 40.66 -41.46
CA SER D 18 16.00 41.65 -42.26
C SER D 18 16.33 43.03 -41.72
N PRO D 19 16.18 44.08 -42.53
CA PRO D 19 16.43 45.44 -42.05
C PRO D 19 15.45 45.84 -40.96
N PHE D 20 15.73 47.01 -40.37
CA PHE D 20 14.93 47.47 -39.24
C PHE D 20 13.48 47.74 -39.63
N TYR D 21 13.27 48.34 -40.80
CA TYR D 21 11.91 48.70 -41.23
C TYR D 21 11.09 47.50 -41.68
N ASN D 22 11.70 46.33 -41.83
CA ASN D 22 10.95 45.17 -42.31
C ASN D 22 9.94 44.72 -41.27
N PRO D 23 8.73 44.36 -41.69
CA PRO D 23 7.71 43.91 -40.73
C PRO D 23 8.04 42.56 -40.13
N PHE D 24 7.55 42.34 -38.91
CA PHE D 24 7.73 41.08 -38.23
C PHE D 24 6.82 40.02 -38.82
N GLN D 25 7.31 38.78 -38.91
CA GLN D 25 6.54 37.68 -39.47
C GLN D 25 6.76 36.42 -38.63
N PHE D 26 5.68 35.67 -38.42
CA PHE D 26 5.75 34.41 -37.71
C PHE D 26 4.70 33.45 -38.26
N GLU D 27 5.01 32.16 -38.17
CA GLU D 27 4.06 31.10 -38.49
C GLU D 27 3.82 30.27 -37.23
N ILE D 28 2.55 30.20 -36.81
CA ILE D 28 2.18 29.58 -35.54
C ILE D 28 1.44 28.28 -35.82
N THR D 29 1.90 27.19 -35.21
CA THR D 29 1.28 25.89 -35.32
C THR D 29 0.79 25.47 -33.93
N PHE D 30 -0.50 25.15 -33.82
CA PHE D 30 -1.06 24.74 -32.55
C PHE D 30 -2.16 23.72 -32.80
N GLU D 31 -2.42 22.91 -31.78
CA GLU D 31 -3.43 21.85 -31.83
C GLU D 31 -4.36 21.98 -30.64
N CYS D 32 -5.65 21.79 -30.89
CA CYS D 32 -6.67 21.88 -29.86
C CYS D 32 -7.40 20.56 -29.76
N ILE D 33 -7.50 20.03 -28.54
CA ILE D 33 -8.13 18.72 -28.33
C ILE D 33 -9.63 18.76 -28.58
N GLU D 34 -10.34 19.77 -28.07
CA GLU D 34 -11.77 19.86 -28.26
C GLU D 34 -12.13 21.29 -28.67
N ASP D 35 -13.33 21.43 -29.22
CA ASP D 35 -13.80 22.73 -29.69
C ASP D 35 -13.94 23.70 -28.52
N LEU D 36 -13.44 24.92 -28.71
CA LEU D 36 -13.51 25.92 -27.67
C LEU D 36 -14.85 26.65 -27.72
N SER D 37 -15.12 27.42 -26.66
CA SER D 37 -16.37 28.17 -26.55
C SER D 37 -16.20 29.66 -26.83
N GLU D 38 -14.96 30.15 -26.91
CA GLU D 38 -14.71 31.56 -27.16
C GLU D 38 -13.53 31.70 -28.10
N ASP D 39 -13.42 32.87 -28.72
CA ASP D 39 -12.38 33.12 -29.71
C ASP D 39 -11.05 33.44 -29.03
N LEU D 40 -9.97 32.91 -29.60
CA LEU D 40 -8.64 33.10 -29.03
C LEU D 40 -8.04 34.41 -29.51
N GLU D 41 -7.27 35.05 -28.63
CA GLU D 41 -6.64 36.34 -28.89
C GLU D 41 -5.14 36.24 -28.70
N TRP D 42 -4.39 37.00 -29.49
CA TRP D 42 -2.93 37.00 -29.44
C TRP D 42 -2.42 38.43 -29.35
N LYS D 43 -1.23 38.58 -28.75
CA LYS D 43 -0.64 39.89 -28.56
C LYS D 43 0.87 39.80 -28.69
N ILE D 44 1.48 40.91 -29.11
CA ILE D 44 2.93 41.03 -29.25
C ILE D 44 3.36 42.32 -28.59
N ILE D 45 4.42 42.27 -27.80
CA ILE D 45 4.96 43.43 -27.09
C ILE D 45 6.46 43.49 -27.34
N TYR D 46 6.95 44.66 -27.70
CA TYR D 46 8.38 44.90 -27.89
C TYR D 46 8.91 45.59 -26.65
N VAL D 47 10.04 45.11 -26.13
CA VAL D 47 10.65 45.67 -24.93
C VAL D 47 11.61 46.78 -25.40
N GLY D 48 11.19 48.03 -25.20
CA GLY D 48 12.04 49.14 -25.56
C GLY D 48 13.30 49.23 -24.73
N SER D 49 13.17 49.03 -23.42
CA SER D 49 14.31 49.12 -22.51
C SER D 49 14.08 48.16 -21.35
N ALA D 50 15.18 47.84 -20.67
CA ALA D 50 15.13 46.94 -19.52
C ALA D 50 14.92 47.67 -18.21
N GLU D 51 14.96 49.00 -18.20
CA GLU D 51 14.82 49.75 -16.95
C GLU D 51 13.37 49.83 -16.47
N SER D 52 12.42 49.92 -17.39
CA SER D 52 11.03 50.11 -17.01
C SER D 52 10.12 49.54 -18.09
N GLU D 53 8.86 49.30 -17.71
CA GLU D 53 7.86 48.79 -18.64
C GLU D 53 7.13 49.90 -19.38
N GLU D 54 7.45 51.16 -19.09
CA GLU D 54 6.78 52.28 -19.73
C GLU D 54 7.11 52.40 -21.21
N TYR D 55 8.19 51.76 -21.67
CA TYR D 55 8.64 51.90 -23.04
C TYR D 55 8.18 50.76 -23.95
N ASP D 56 7.12 50.05 -23.57
CA ASP D 56 6.63 48.95 -24.40
C ASP D 56 5.69 49.47 -25.47
N GLN D 57 5.82 48.91 -26.68
CA GLN D 57 4.93 49.21 -27.79
C GLN D 57 4.01 48.02 -28.03
N VAL D 58 2.72 48.29 -28.18
CA VAL D 58 1.74 47.27 -28.52
C VAL D 58 1.65 47.24 -30.04
N LEU D 59 2.37 46.31 -30.67
CA LEU D 59 2.46 46.31 -32.12
C LEU D 59 1.13 45.95 -32.76
N ASP D 60 0.51 44.85 -32.32
CA ASP D 60 -0.76 44.43 -32.89
C ASP D 60 -1.37 43.33 -32.03
N SER D 61 -2.66 43.08 -32.25
CA SER D 61 -3.39 42.02 -31.60
C SER D 61 -4.48 41.52 -32.53
N VAL D 62 -4.62 40.19 -32.62
CA VAL D 62 -5.60 39.57 -33.50
C VAL D 62 -6.46 38.61 -32.70
N LEU D 63 -7.66 38.35 -33.21
CA LEU D 63 -8.62 37.44 -32.59
C LEU D 63 -8.96 36.36 -33.61
N VAL D 64 -8.60 35.13 -33.28
CA VAL D 64 -8.81 34.02 -34.20
C VAL D 64 -10.29 33.65 -34.22
N GLY D 65 -10.74 33.12 -35.36
CA GLY D 65 -12.11 32.72 -35.51
C GLY D 65 -12.46 31.51 -34.66
N PRO D 66 -13.60 30.88 -34.94
CA PRO D 66 -14.00 29.70 -34.16
C PRO D 66 -12.95 28.59 -34.28
N VAL D 67 -12.72 27.92 -33.16
CA VAL D 67 -11.63 26.94 -33.08
C VAL D 67 -12.18 25.54 -32.82
N PRO D 68 -12.31 24.70 -33.84
CA PRO D 68 -12.67 23.31 -33.61
C PRO D 68 -11.46 22.48 -33.20
N ALA D 69 -11.70 21.19 -33.00
CA ALA D 69 -10.63 20.28 -32.63
C ALA D 69 -9.66 20.08 -33.81
N GLY D 70 -8.44 19.71 -33.48
CA GLY D 70 -7.42 19.47 -34.49
C GLY D 70 -6.35 20.53 -34.51
N ARG D 71 -5.34 20.30 -35.34
CA ARG D 71 -4.21 21.20 -35.48
C ARG D 71 -4.56 22.34 -36.44
N HIS D 72 -4.01 23.52 -36.16
CA HIS D 72 -4.31 24.71 -36.94
C HIS D 72 -3.03 25.49 -37.20
N MET D 73 -2.95 26.09 -38.38
CA MET D 73 -1.79 26.89 -38.76
C MET D 73 -2.25 28.22 -39.35
N PHE D 74 -1.48 29.28 -39.09
CA PHE D 74 -1.80 30.60 -39.60
C PHE D 74 -0.53 31.44 -39.57
N VAL D 75 -0.54 32.53 -40.34
CA VAL D 75 0.59 33.42 -40.48
C VAL D 75 0.25 34.77 -39.87
N PHE D 76 1.19 35.33 -39.11
CA PHE D 76 0.99 36.61 -38.44
C PHE D 76 1.71 37.71 -39.20
N GLN D 77 1.06 38.87 -39.32
CA GLN D 77 1.65 40.04 -39.95
C GLN D 77 1.47 41.24 -39.04
N ALA D 78 2.55 41.99 -38.81
CA ALA D 78 2.50 43.14 -37.93
C ALA D 78 3.49 44.19 -38.43
N ASP D 79 3.24 45.43 -38.02
CA ASP D 79 4.04 46.56 -38.46
C ASP D 79 5.30 46.72 -37.61
N ALA D 80 6.25 47.48 -38.16
CA ALA D 80 7.51 47.71 -37.46
C ALA D 80 7.31 48.72 -36.33
N PRO D 81 8.13 48.66 -35.28
CA PRO D 81 8.01 49.62 -34.19
C PRO D 81 8.42 51.02 -34.62
N ASN D 82 7.87 52.01 -33.91
CA ASN D 82 8.21 53.40 -34.17
C ASN D 82 9.53 53.76 -33.50
N PRO D 83 10.52 54.28 -34.24
CA PRO D 83 11.81 54.57 -33.61
C PRO D 83 11.79 55.75 -32.66
N GLY D 84 10.80 56.64 -32.77
CA GLY D 84 10.80 57.84 -31.96
C GLY D 84 10.66 57.57 -30.47
N LEU D 85 9.86 56.59 -30.09
CA LEU D 85 9.61 56.30 -28.68
C LEU D 85 10.77 55.58 -28.00
N ILE D 86 11.74 55.11 -28.76
CA ILE D 86 12.82 54.27 -28.23
C ILE D 86 13.96 55.17 -27.77
N PRO D 87 14.38 55.09 -26.51
CA PRO D 87 15.55 55.85 -26.07
C PRO D 87 16.82 55.37 -26.77
N ASP D 88 17.77 56.29 -26.90
CA ASP D 88 19.01 55.98 -27.61
C ASP D 88 19.86 54.94 -26.90
N ALA D 89 19.83 54.92 -25.56
CA ALA D 89 20.71 54.02 -24.81
C ALA D 89 20.42 52.56 -25.13
N ASP D 90 19.15 52.19 -25.20
CA ASP D 90 18.75 50.83 -25.54
C ASP D 90 18.45 50.65 -27.01
N ALA D 91 18.70 51.68 -27.84
CA ALA D 91 18.42 51.57 -29.26
C ALA D 91 19.28 50.51 -29.93
N VAL D 92 20.55 50.43 -29.55
CA VAL D 92 21.47 49.45 -30.09
C VAL D 92 21.89 48.53 -28.96
N GLY D 93 21.71 47.23 -29.17
CA GLY D 93 22.05 46.24 -28.17
C GLY D 93 21.22 44.98 -28.37
N VAL D 94 20.74 44.43 -27.26
CA VAL D 94 19.94 43.20 -27.24
C VAL D 94 18.58 43.51 -26.63
N THR D 95 17.52 43.08 -27.30
CA THR D 95 16.16 43.27 -26.83
C THR D 95 15.39 41.97 -27.03
N VAL D 96 14.18 41.92 -26.48
CA VAL D 96 13.34 40.72 -26.54
C VAL D 96 11.95 41.11 -27.02
N VAL D 97 11.38 40.28 -27.88
CA VAL D 97 10.01 40.44 -28.35
C VAL D 97 9.18 39.30 -27.76
N LEU D 98 7.99 39.63 -27.27
CA LEU D 98 7.13 38.69 -26.58
C LEU D 98 5.88 38.39 -27.39
N ILE D 99 5.39 37.16 -27.28
CA ILE D 99 4.15 36.74 -27.89
C ILE D 99 3.29 36.06 -26.82
N THR D 100 2.04 36.49 -26.70
CA THR D 100 1.14 35.96 -25.68
C THR D 100 -0.22 35.68 -26.28
N CYS D 101 -0.86 34.61 -25.80
CA CYS D 101 -2.21 34.24 -26.19
C CYS D 101 -3.08 34.09 -24.95
N THR D 102 -4.30 34.61 -25.02
CA THR D 102 -5.20 34.62 -23.89
C THR D 102 -6.54 33.98 -24.27
N TYR D 103 -7.11 33.24 -23.32
CA TYR D 103 -8.46 32.70 -23.41
C TYR D 103 -9.25 33.17 -22.20
N ARG D 104 -10.45 33.70 -22.45
CA ARG D 104 -11.26 34.33 -21.41
C ARG D 104 -10.49 35.48 -20.75
N GLY D 105 -9.63 36.14 -21.53
CA GLY D 105 -8.80 37.20 -20.99
C GLY D 105 -7.79 36.74 -19.97
N GLN D 106 -7.24 35.55 -20.14
CA GLN D 106 -6.25 35.01 -19.20
C GLN D 106 -5.06 34.48 -20.01
N GLU D 107 -3.88 35.04 -19.77
CA GLU D 107 -2.68 34.57 -20.43
C GLU D 107 -2.29 33.19 -19.91
N PHE D 108 -1.95 32.28 -20.82
CA PHE D 108 -1.55 30.93 -20.45
C PHE D 108 -0.31 30.43 -21.16
N ILE D 109 0.18 31.11 -22.20
CA ILE D 109 1.42 30.73 -22.86
C ILE D 109 2.13 32.00 -23.32
N ARG D 110 3.41 32.11 -22.99
CA ARG D 110 4.21 33.27 -23.35
C ARG D 110 5.44 32.80 -24.10
N VAL D 111 5.63 33.33 -25.31
CA VAL D 111 6.73 32.94 -26.19
C VAL D 111 7.67 34.11 -26.34
N GLY D 112 8.96 33.88 -26.09
CA GLY D 112 9.95 34.92 -26.15
C GLY D 112 11.07 34.59 -27.11
N TYR D 113 11.61 35.63 -27.75
CA TYR D 113 12.73 35.47 -28.67
C TYR D 113 13.76 36.57 -28.41
N TYR D 114 15.03 36.17 -28.37
CA TYR D 114 16.11 37.14 -28.29
C TYR D 114 16.24 37.92 -29.59
N VAL D 115 16.46 39.22 -29.47
CA VAL D 115 16.65 40.09 -30.62
C VAL D 115 17.94 40.88 -30.42
N ASN D 116 18.84 40.80 -31.40
CA ASN D 116 20.08 41.58 -31.38
C ASN D 116 20.07 42.51 -32.58
N ASN D 117 20.14 43.81 -32.32
CA ASN D 117 20.23 44.82 -33.36
C ASN D 117 21.67 45.33 -33.43
N GLU D 118 22.23 45.36 -34.64
CA GLU D 118 23.62 45.72 -34.84
C GLU D 118 23.77 46.34 -36.22
N TYR D 119 24.78 47.21 -36.34
CA TYR D 119 25.01 47.91 -37.60
C TYR D 119 25.59 46.96 -38.64
N THR D 120 25.13 47.11 -39.89
CA THR D 120 25.66 46.30 -40.97
C THR D 120 27.07 46.74 -41.34
N GLU D 121 27.30 48.05 -41.45
CA GLU D 121 28.61 48.55 -41.84
C GLU D 121 29.64 48.32 -40.73
N THR D 122 30.90 48.22 -41.14
CA THR D 122 31.97 47.95 -40.18
C THR D 122 32.26 49.16 -39.30
N GLU D 123 32.33 50.35 -39.91
CA GLU D 123 32.65 51.55 -39.16
C GLU D 123 31.53 51.90 -38.18
N LEU D 124 30.27 51.74 -38.61
CA LEU D 124 29.15 51.97 -37.71
C LEU D 124 29.14 50.97 -36.56
N ARG D 125 29.50 49.71 -36.84
CA ARG D 125 29.60 48.72 -35.77
C ARG D 125 30.70 49.10 -34.79
N GLU D 126 31.85 49.54 -35.30
CA GLU D 126 32.97 49.92 -34.43
C GLU D 126 32.73 51.25 -33.74
N ASN D 127 32.22 52.25 -34.48
CA ASN D 127 31.99 53.58 -33.94
C ASN D 127 30.59 54.04 -34.30
N PRO D 128 29.58 53.61 -33.55
CA PRO D 128 28.22 54.07 -33.82
C PRO D 128 28.08 55.55 -33.55
N PRO D 129 27.18 56.23 -34.24
CA PRO D 129 26.97 57.66 -33.99
C PRO D 129 26.19 57.88 -32.71
N VAL D 130 26.19 59.15 -32.26
CA VAL D 130 25.44 59.51 -31.07
C VAL D 130 23.95 59.29 -31.28
N LYS D 131 23.44 59.69 -32.44
CA LYS D 131 22.03 59.48 -32.77
C LYS D 131 21.91 58.13 -33.46
N PRO D 132 21.24 57.15 -32.86
CA PRO D 132 21.17 55.81 -33.45
C PRO D 132 20.43 55.83 -34.79
N ASP D 133 21.17 55.54 -35.86
CA ASP D 133 20.62 55.55 -37.21
C ASP D 133 19.90 54.24 -37.45
N PHE D 134 18.57 54.29 -37.57
CA PHE D 134 17.77 53.10 -37.80
C PHE D 134 17.63 52.73 -39.27
N SER D 135 18.11 53.58 -40.18
CA SER D 135 18.00 53.28 -41.61
C SER D 135 19.00 52.22 -42.05
N LYS D 136 20.08 52.01 -41.29
CA LYS D 136 21.12 51.07 -41.66
C LYS D 136 21.28 49.94 -40.65
N LEU D 137 20.33 49.79 -39.72
CA LEU D 137 20.41 48.74 -38.71
C LEU D 137 19.68 47.49 -39.17
N GLN D 138 20.32 46.34 -38.98
CA GLN D 138 19.74 45.04 -39.32
C GLN D 138 19.34 44.32 -38.04
N ARG D 139 18.14 43.75 -38.04
CA ARG D 139 17.62 43.01 -36.90
C ARG D 139 17.62 41.52 -37.22
N ASN D 140 18.18 40.73 -36.32
CA ASN D 140 18.22 39.28 -36.47
C ASN D 140 17.45 38.60 -35.36
N ILE D 141 16.90 37.42 -35.66
CA ILE D 141 16.13 36.63 -34.70
C ILE D 141 16.89 35.34 -34.46
N LEU D 142 17.25 35.09 -33.21
CA LEU D 142 17.94 33.86 -32.84
C LEU D 142 16.90 32.76 -32.70
N ALA D 143 16.52 32.17 -33.83
CA ALA D 143 15.51 31.12 -33.83
C ALA D 143 15.99 29.83 -33.19
N SER D 144 17.28 29.72 -32.89
CA SER D 144 17.82 28.49 -32.33
C SER D 144 17.39 28.28 -30.88
N ASN D 145 17.06 29.34 -30.16
CA ASN D 145 16.78 29.28 -28.73
C ASN D 145 15.44 29.93 -28.41
N PRO D 146 14.34 29.28 -28.77
CA PRO D 146 13.02 29.81 -28.39
C PRO D 146 12.78 29.70 -26.90
N ARG D 147 11.92 30.57 -26.39
CA ARG D 147 11.56 30.62 -24.98
C ARG D 147 10.05 30.49 -24.84
N VAL D 148 9.61 29.56 -24.00
CA VAL D 148 8.20 29.29 -23.77
C VAL D 148 7.96 29.12 -22.27
N THR D 149 6.84 29.67 -21.79
CA THR D 149 6.46 29.51 -20.39
C THR D 149 4.94 29.41 -20.32
N ARG D 150 4.45 28.45 -19.53
CA ARG D 150 3.03 28.15 -19.46
C ARG D 150 2.49 28.43 -18.06
N PHE D 151 1.15 28.52 -17.97
CA PHE D 151 0.46 28.75 -16.71
C PHE D 151 -0.79 27.88 -16.65
N HIS D 152 -1.30 27.70 -15.43
CA HIS D 152 -2.50 26.92 -15.20
C HIS D 152 -3.69 27.86 -15.07
N ILE D 153 -4.69 27.65 -15.93
CA ILE D 153 -5.88 28.51 -15.97
C ILE D 153 -7.12 27.63 -15.91
N ASN D 154 -8.25 28.29 -15.65
CA ASN D 154 -9.55 27.63 -15.64
C ASN D 154 -10.09 27.74 -17.05
N TRP D 155 -9.99 26.65 -17.81
CA TRP D 155 -10.44 26.67 -19.19
C TRP D 155 -11.96 26.69 -19.30
N GLU D 156 -12.65 26.02 -18.39
CA GLU D 156 -14.09 25.93 -18.43
C GLU D 156 -14.75 27.17 -17.86
N MET E 3 -8.03 -53.67 -44.08
CA MET E 3 -7.75 -52.53 -43.22
C MET E 3 -7.78 -52.93 -41.76
N ALA E 4 -6.95 -52.27 -40.95
CA ALA E 4 -6.86 -52.56 -39.52
C ALA E 4 -7.82 -51.65 -38.76
N LYS E 5 -8.76 -52.27 -38.02
CA LYS E 5 -9.70 -51.48 -37.23
C LYS E 5 -9.00 -50.72 -36.12
N VAL E 6 -8.00 -51.34 -35.49
CA VAL E 6 -7.26 -50.74 -34.39
C VAL E 6 -5.89 -50.29 -34.90
N GLN E 7 -5.57 -49.02 -34.72
CA GLN E 7 -4.30 -48.45 -35.16
C GLN E 7 -3.57 -47.87 -33.97
N VAL E 8 -2.30 -48.24 -33.82
CA VAL E 8 -1.47 -47.72 -32.74
C VAL E 8 -0.81 -46.43 -33.21
N ASN E 9 -1.18 -45.31 -32.60
CA ASN E 9 -0.67 -44.02 -33.03
C ASN E 9 0.74 -43.77 -32.49
N ASN E 10 0.88 -43.77 -31.17
CA ASN E 10 2.17 -43.45 -30.56
C ASN E 10 2.29 -44.17 -29.23
N VAL E 11 3.53 -44.46 -28.86
CA VAL E 11 3.87 -45.05 -27.57
C VAL E 11 4.89 -44.15 -26.90
N VAL E 12 4.58 -43.68 -25.70
CA VAL E 12 5.45 -42.78 -24.95
C VAL E 12 6.03 -43.54 -23.76
N VAL E 13 7.34 -43.44 -23.59
CA VAL E 13 8.05 -44.13 -22.53
C VAL E 13 8.23 -43.16 -21.36
N LEU E 14 7.79 -43.58 -20.17
CA LEU E 14 7.82 -42.76 -18.97
C LEU E 14 8.84 -43.30 -17.99
N ASP E 15 9.33 -42.40 -17.13
CA ASP E 15 10.26 -42.74 -16.06
C ASP E 15 11.54 -43.37 -16.61
N ASN E 16 12.26 -42.57 -17.39
CA ASN E 16 13.52 -42.98 -17.99
C ASN E 16 14.50 -41.81 -17.94
N PRO E 17 15.75 -42.06 -17.53
CA PRO E 17 16.30 -43.32 -17.05
C PRO E 17 15.87 -43.63 -15.63
N SER E 18 15.79 -44.91 -15.25
CA SER E 18 15.38 -45.31 -13.92
C SER E 18 16.16 -46.56 -13.52
N PRO E 19 16.27 -46.83 -12.21
CA PRO E 19 16.90 -48.08 -11.77
C PRO E 19 16.11 -49.33 -12.20
N PHE E 20 16.66 -50.50 -11.87
CA PHE E 20 16.08 -51.76 -12.36
C PHE E 20 14.69 -52.00 -11.80
N TYR E 21 14.50 -51.77 -10.50
CA TYR E 21 13.26 -52.16 -9.83
C TYR E 21 12.08 -51.24 -10.18
N ASN E 22 12.31 -50.14 -10.86
CA ASN E 22 11.21 -49.26 -11.23
C ASN E 22 10.29 -49.95 -12.24
N PRO E 23 8.98 -49.90 -12.03
CA PRO E 23 8.06 -50.59 -12.94
C PRO E 23 7.97 -49.89 -14.29
N PHE E 24 7.64 -50.68 -15.31
CA PHE E 24 7.48 -50.15 -16.66
C PHE E 24 6.22 -49.28 -16.73
N GLN E 25 6.37 -48.10 -17.33
CA GLN E 25 5.28 -47.14 -17.47
C GLN E 25 5.27 -46.65 -18.92
N PHE E 26 4.32 -47.16 -19.70
CA PHE E 26 4.18 -46.79 -21.11
C PHE E 26 2.85 -46.07 -21.31
N GLU E 27 2.93 -44.84 -21.83
CA GLU E 27 1.76 -44.07 -22.21
C GLU E 27 1.52 -44.28 -23.70
N ILE E 28 0.40 -44.90 -24.05
CA ILE E 28 0.12 -45.32 -25.42
C ILE E 28 -1.24 -44.79 -25.82
N THR E 29 -1.34 -44.28 -27.04
CA THR E 29 -2.59 -43.83 -27.63
C THR E 29 -2.90 -44.69 -28.85
N PHE E 30 -4.13 -45.19 -28.93
CA PHE E 30 -4.54 -46.08 -30.01
C PHE E 30 -5.77 -45.54 -30.69
N GLU E 31 -6.12 -46.14 -31.83
CA GLU E 31 -7.21 -45.67 -32.67
C GLU E 31 -8.20 -46.80 -32.89
N CYS E 32 -9.46 -46.43 -33.08
CA CYS E 32 -10.52 -47.38 -33.42
C CYS E 32 -11.41 -46.79 -34.49
N ILE E 33 -11.46 -47.44 -35.65
CA ILE E 33 -12.34 -46.99 -36.72
C ILE E 33 -13.81 -47.17 -36.34
N GLU E 34 -14.14 -48.28 -35.69
CA GLU E 34 -15.50 -48.56 -35.27
C GLU E 34 -15.47 -49.20 -33.89
N ASP E 35 -16.66 -49.35 -33.31
CA ASP E 35 -16.76 -49.93 -31.98
C ASP E 35 -16.33 -51.39 -31.98
N LEU E 36 -15.69 -51.81 -30.88
CA LEU E 36 -15.24 -53.18 -30.70
C LEU E 36 -16.16 -53.90 -29.73
N SER E 37 -16.61 -55.09 -30.11
CA SER E 37 -17.57 -55.85 -29.31
C SER E 37 -16.92 -56.72 -28.25
N GLU E 38 -15.59 -56.83 -28.22
CA GLU E 38 -14.92 -57.71 -27.29
C GLU E 38 -13.71 -56.99 -26.68
N ASP E 39 -13.14 -57.63 -25.67
CA ASP E 39 -12.10 -57.02 -24.86
C ASP E 39 -10.74 -57.13 -25.54
N LEU E 40 -9.97 -56.05 -25.49
CA LEU E 40 -8.61 -56.06 -26.03
C LEU E 40 -7.62 -56.47 -24.94
N GLU E 41 -6.80 -57.48 -25.24
CA GLU E 41 -5.82 -58.00 -24.31
C GLU E 41 -4.44 -57.51 -24.70
N TRP E 42 -3.73 -56.91 -23.74
CA TRP E 42 -2.37 -56.42 -23.94
C TRP E 42 -1.42 -57.15 -23.01
N LYS E 43 -0.22 -57.46 -23.53
CA LYS E 43 0.81 -58.12 -22.75
C LYS E 43 2.12 -57.39 -22.95
N ILE E 44 3.01 -57.48 -21.96
CA ILE E 44 4.36 -56.98 -22.06
C ILE E 44 5.31 -58.17 -21.90
N ILE E 45 6.18 -58.36 -22.90
CA ILE E 45 7.05 -59.52 -22.97
C ILE E 45 8.49 -59.05 -22.92
N TYR E 46 9.27 -59.63 -22.01
CA TYR E 46 10.68 -59.31 -21.85
C TYR E 46 11.52 -60.46 -22.38
N VAL E 47 12.47 -60.15 -23.24
CA VAL E 47 13.35 -61.16 -23.82
C VAL E 47 14.46 -61.47 -22.81
N GLY E 48 14.63 -62.76 -22.51
CA GLY E 48 15.57 -63.17 -21.49
C GLY E 48 16.99 -63.32 -22.00
N SER E 49 17.17 -64.03 -23.11
CA SER E 49 18.51 -64.30 -23.61
C SER E 49 18.46 -64.49 -25.12
N ALA E 50 19.54 -64.10 -25.78
CA ALA E 50 19.70 -64.35 -27.21
C ALA E 50 20.25 -65.74 -27.52
N GLU E 51 20.82 -66.42 -26.52
CA GLU E 51 21.31 -67.78 -26.74
C GLU E 51 20.18 -68.80 -26.79
N SER E 52 19.11 -68.57 -26.02
CA SER E 52 17.99 -69.49 -25.98
C SER E 52 16.72 -68.73 -25.68
N GLU E 53 15.59 -69.33 -26.04
CA GLU E 53 14.27 -68.72 -25.85
C GLU E 53 13.62 -69.13 -24.53
N GLU E 54 14.32 -69.89 -23.69
CA GLU E 54 13.74 -70.36 -22.44
C GLU E 54 13.78 -69.33 -21.32
N TYR E 55 14.45 -68.20 -21.53
CA TYR E 55 14.60 -67.19 -20.48
C TYR E 55 13.63 -66.02 -20.63
N ASP E 56 12.75 -66.06 -21.63
CA ASP E 56 11.77 -64.99 -21.79
C ASP E 56 10.76 -65.02 -20.66
N GLN E 57 10.31 -63.85 -20.23
CA GLN E 57 9.40 -63.71 -19.11
C GLN E 57 8.17 -62.91 -19.50
N VAL E 58 7.07 -63.17 -18.81
CA VAL E 58 5.83 -62.42 -18.96
C VAL E 58 5.61 -61.61 -17.70
N LEU E 59 5.51 -60.29 -17.84
CA LEU E 59 5.43 -59.41 -16.68
C LEU E 59 3.98 -59.20 -16.23
N ASP E 60 3.14 -58.67 -17.10
CA ASP E 60 1.76 -58.39 -16.72
C ASP E 60 0.91 -58.30 -17.98
N SER E 61 -0.40 -58.43 -17.78
CA SER E 61 -1.36 -58.29 -18.86
C SER E 61 -2.61 -57.60 -18.32
N VAL E 62 -3.31 -56.89 -19.21
CA VAL E 62 -4.49 -56.13 -18.83
C VAL E 62 -5.61 -56.40 -19.83
N LEU E 63 -6.84 -56.16 -19.39
CA LEU E 63 -8.03 -56.29 -20.22
C LEU E 63 -8.73 -54.95 -20.30
N VAL E 64 -9.07 -54.53 -21.52
CA VAL E 64 -9.65 -53.21 -21.77
C VAL E 64 -11.14 -53.37 -22.00
N GLY E 65 -11.94 -52.56 -21.30
CA GLY E 65 -13.38 -52.61 -21.39
C GLY E 65 -13.91 -52.24 -22.76
N PRO E 66 -15.23 -52.07 -22.86
CA PRO E 66 -15.84 -51.74 -24.15
C PRO E 66 -15.25 -50.46 -24.74
N VAL E 67 -14.99 -50.48 -26.05
CA VAL E 67 -14.31 -49.40 -26.73
C VAL E 67 -15.25 -48.84 -27.80
N PRO E 68 -15.80 -47.65 -27.61
CA PRO E 68 -16.48 -46.97 -28.71
C PRO E 68 -15.48 -46.25 -29.61
N ALA E 69 -15.96 -45.88 -30.80
CA ALA E 69 -15.11 -45.20 -31.76
C ALA E 69 -14.63 -43.87 -31.20
N GLY E 70 -13.35 -43.60 -31.34
CA GLY E 70 -12.76 -42.38 -30.84
C GLY E 70 -11.25 -42.52 -30.74
N ARG E 71 -10.67 -41.68 -29.88
CA ARG E 71 -9.23 -41.59 -29.69
C ARG E 71 -8.83 -41.92 -28.26
N HIS E 72 -9.39 -42.99 -27.70
CA HIS E 72 -9.22 -43.30 -26.29
C HIS E 72 -7.75 -43.61 -25.98
N MET E 73 -7.41 -43.50 -24.69
CA MET E 73 -6.05 -43.70 -24.23
C MET E 73 -6.08 -44.23 -22.81
N PHE E 74 -5.11 -45.09 -22.48
CA PHE E 74 -4.92 -45.54 -21.12
C PHE E 74 -3.44 -45.83 -20.91
N VAL E 75 -3.03 -45.86 -19.64
CA VAL E 75 -1.63 -46.01 -19.27
C VAL E 75 -1.38 -47.47 -18.91
N PHE E 76 -0.34 -48.06 -19.50
CA PHE E 76 0.02 -49.45 -19.22
C PHE E 76 1.11 -49.47 -18.15
N GLN E 77 0.90 -50.27 -17.11
CA GLN E 77 1.87 -50.44 -16.04
C GLN E 77 2.23 -51.91 -15.89
N ALA E 78 3.52 -52.18 -15.77
CA ALA E 78 4.00 -53.55 -15.60
C ALA E 78 5.13 -53.57 -14.59
N ASP E 79 5.29 -54.71 -13.92
CA ASP E 79 6.30 -54.83 -12.87
C ASP E 79 7.68 -55.06 -13.47
N ALA E 80 8.69 -55.00 -12.61
CA ALA E 80 10.06 -55.22 -13.04
C ALA E 80 10.33 -56.72 -13.20
N PRO E 81 11.21 -57.09 -14.13
CA PRO E 81 11.53 -58.50 -14.31
C PRO E 81 12.23 -59.08 -13.09
N ASN E 82 12.01 -60.37 -12.85
CA ASN E 82 12.62 -61.04 -11.71
C ASN E 82 14.08 -61.34 -12.02
N PRO E 83 15.03 -60.87 -11.21
CA PRO E 83 16.45 -61.11 -11.52
C PRO E 83 16.89 -62.55 -11.28
N GLY E 84 16.05 -63.38 -10.66
CA GLY E 84 16.46 -64.75 -10.33
C GLY E 84 16.57 -65.69 -11.50
N LEU E 85 15.89 -65.41 -12.62
CA LEU E 85 15.93 -66.29 -13.78
C LEU E 85 16.76 -65.76 -14.93
N ILE E 86 17.12 -64.48 -14.92
CA ILE E 86 17.93 -63.91 -16.01
C ILE E 86 19.34 -64.48 -15.92
N PRO E 87 19.91 -64.97 -17.02
CA PRO E 87 21.28 -65.48 -16.97
C PRO E 87 22.27 -64.37 -16.62
N ASP E 88 23.36 -64.76 -15.96
CA ASP E 88 24.36 -63.79 -15.53
C ASP E 88 25.01 -63.10 -16.73
N ALA E 89 25.33 -63.88 -17.77
CA ALA E 89 25.95 -63.30 -18.96
C ALA E 89 25.01 -62.37 -19.72
N ASP E 90 23.69 -62.52 -19.53
CA ASP E 90 22.72 -61.67 -20.19
C ASP E 90 22.18 -60.56 -19.30
N ALA E 91 22.35 -60.68 -17.97
CA ALA E 91 21.88 -59.63 -17.07
C ALA E 91 22.63 -58.33 -17.30
N VAL E 92 23.95 -58.41 -17.45
CA VAL E 92 24.76 -57.25 -17.78
C VAL E 92 24.85 -57.15 -19.29
N GLY E 93 24.31 -56.07 -19.85
CA GLY E 93 24.27 -55.90 -21.29
C GLY E 93 23.05 -55.17 -21.77
N VAL E 94 22.59 -55.50 -22.98
CA VAL E 94 21.48 -54.80 -23.61
C VAL E 94 20.51 -55.84 -24.16
N THR E 95 19.22 -55.66 -23.89
CA THR E 95 18.21 -56.66 -24.26
C THR E 95 16.96 -55.96 -24.79
N VAL E 96 16.00 -56.75 -25.25
CA VAL E 96 14.83 -56.24 -25.94
C VAL E 96 13.58 -56.56 -25.10
N VAL E 97 12.62 -55.65 -25.15
CA VAL E 97 11.29 -55.84 -24.56
C VAL E 97 10.25 -55.72 -25.67
N LEU E 98 9.13 -56.42 -25.52
CA LEU E 98 8.13 -56.51 -26.56
C LEU E 98 6.74 -56.19 -26.01
N ILE E 99 5.94 -55.48 -26.79
CA ILE E 99 4.55 -55.18 -26.49
C ILE E 99 3.69 -55.65 -27.65
N THR E 100 2.68 -56.45 -27.35
CA THR E 100 1.81 -57.02 -28.38
C THR E 100 0.35 -56.79 -28.00
N CYS E 101 -0.52 -56.95 -28.98
CA CYS E 101 -1.96 -56.81 -28.79
C CYS E 101 -2.66 -58.04 -29.36
N THR E 102 -3.67 -58.54 -28.64
CA THR E 102 -4.41 -59.72 -29.06
C THR E 102 -5.91 -59.42 -29.02
N TYR E 103 -6.63 -59.91 -30.03
CA TYR E 103 -8.07 -59.80 -30.11
C TYR E 103 -8.64 -61.14 -30.52
N ARG E 104 -9.53 -61.70 -29.70
CA ARG E 104 -10.13 -63.01 -29.93
C ARG E 104 -9.07 -64.08 -30.11
N GLY E 105 -8.01 -64.00 -29.31
CA GLY E 105 -6.99 -65.03 -29.29
C GLY E 105 -5.96 -64.95 -30.39
N GLN E 106 -5.99 -63.93 -31.23
CA GLN E 106 -5.02 -63.78 -32.30
C GLN E 106 -4.52 -62.34 -32.33
N GLU E 107 -3.23 -62.17 -32.55
CA GLU E 107 -2.58 -60.87 -32.48
C GLU E 107 -2.50 -60.21 -33.85
N PHE E 108 -2.56 -58.87 -33.86
CA PHE E 108 -2.47 -58.12 -35.10
C PHE E 108 -1.35 -57.10 -35.16
N ILE E 109 -0.68 -56.82 -34.04
CA ILE E 109 0.42 -55.87 -34.03
C ILE E 109 1.46 -56.29 -33.00
N ARG E 110 2.73 -56.11 -33.35
CA ARG E 110 3.84 -56.39 -32.45
C ARG E 110 4.73 -55.16 -32.41
N VAL E 111 5.10 -54.73 -31.19
CA VAL E 111 5.95 -53.57 -30.98
C VAL E 111 7.10 -53.96 -30.08
N GLY E 112 8.31 -53.56 -30.47
CA GLY E 112 9.49 -53.89 -29.70
C GLY E 112 10.39 -52.71 -29.39
N TYR E 113 10.70 -52.52 -28.11
CA TYR E 113 11.63 -51.49 -27.67
C TYR E 113 12.93 -52.14 -27.23
N TYR E 114 14.00 -51.34 -27.20
CA TYR E 114 15.34 -51.85 -26.90
C TYR E 114 15.73 -51.33 -25.52
N VAL E 115 16.21 -52.23 -24.66
CA VAL E 115 16.48 -51.93 -23.26
C VAL E 115 17.97 -52.14 -22.98
N ASN E 116 18.60 -51.14 -22.38
CA ASN E 116 20.01 -51.20 -22.02
C ASN E 116 20.12 -51.34 -20.51
N ASN E 117 20.81 -52.39 -20.06
CA ASN E 117 21.13 -52.59 -18.64
C ASN E 117 22.59 -52.24 -18.46
N GLU E 118 22.87 -51.00 -18.10
CA GLU E 118 24.23 -50.49 -18.01
C GLU E 118 24.51 -50.03 -16.60
N TYR E 119 25.71 -50.37 -16.10
CA TYR E 119 26.14 -49.90 -14.79
C TYR E 119 26.31 -48.39 -14.80
N THR E 120 25.92 -47.74 -13.69
CA THR E 120 26.01 -46.29 -13.60
C THR E 120 27.43 -45.83 -13.32
N GLU E 121 28.01 -46.28 -12.20
CA GLU E 121 29.32 -45.82 -11.77
C GLU E 121 30.42 -46.33 -12.70
N THR E 122 31.40 -45.46 -12.96
CA THR E 122 32.42 -45.78 -13.96
C THR E 122 33.35 -46.90 -13.50
N GLU E 123 33.69 -46.94 -12.21
CA GLU E 123 34.61 -47.98 -11.73
C GLU E 123 33.97 -49.37 -11.82
N LEU E 124 32.65 -49.46 -11.67
CA LEU E 124 31.99 -50.73 -11.95
C LEU E 124 31.80 -50.95 -13.44
N ARG E 125 31.68 -49.88 -14.22
CA ARG E 125 31.52 -50.01 -15.66
C ARG E 125 32.78 -50.60 -16.30
N GLU E 126 33.95 -50.19 -15.82
CA GLU E 126 35.21 -50.65 -16.42
C GLU E 126 35.41 -52.14 -16.21
N ASN E 127 35.28 -52.61 -14.97
CA ASN E 127 35.42 -54.04 -14.65
C ASN E 127 34.23 -54.47 -13.82
N PRO E 128 33.15 -54.90 -14.46
CA PRO E 128 32.01 -55.42 -13.70
C PRO E 128 32.38 -56.70 -12.98
N PRO E 129 31.76 -56.99 -11.84
CA PRO E 129 32.06 -58.22 -11.12
C PRO E 129 31.50 -59.44 -11.85
N VAL E 130 31.89 -60.62 -11.35
CA VAL E 130 31.46 -61.87 -11.96
C VAL E 130 29.95 -62.01 -11.88
N LYS E 131 29.38 -61.75 -10.71
CA LYS E 131 27.93 -61.84 -10.53
C LYS E 131 27.30 -60.48 -10.76
N PRO E 132 26.33 -60.36 -11.68
CA PRO E 132 25.65 -59.08 -11.87
C PRO E 132 25.02 -58.57 -10.58
N ASP E 133 25.13 -57.27 -10.36
CA ASP E 133 24.62 -56.61 -9.16
C ASP E 133 23.42 -55.76 -9.55
N PHE E 134 22.22 -56.32 -9.37
CA PHE E 134 20.99 -55.58 -9.66
C PHE E 134 20.75 -54.45 -8.66
N SER E 135 21.45 -54.44 -7.52
CA SER E 135 21.21 -53.44 -6.51
C SER E 135 21.64 -52.04 -6.93
N LYS E 136 22.48 -51.91 -7.95
CA LYS E 136 22.93 -50.60 -8.39
C LYS E 136 22.90 -50.41 -9.89
N LEU E 137 22.70 -51.48 -10.68
CA LEU E 137 22.58 -51.37 -12.13
C LEU E 137 21.44 -50.44 -12.52
N GLN E 138 21.45 -50.04 -13.79
CA GLN E 138 20.49 -49.07 -14.32
C GLN E 138 19.86 -49.62 -15.58
N ARG E 139 18.58 -49.30 -15.79
CA ARG E 139 17.85 -49.70 -16.98
C ARG E 139 17.58 -48.47 -17.85
N ASN E 140 17.98 -48.56 -19.12
CA ASN E 140 17.76 -47.48 -20.07
C ASN E 140 16.96 -48.06 -21.24
N ILE E 141 15.96 -47.30 -21.68
CA ILE E 141 15.09 -47.71 -22.79
C ILE E 141 15.35 -46.78 -23.96
N LEU E 142 15.73 -47.36 -25.10
CA LEU E 142 15.97 -46.59 -26.32
C LEU E 142 14.65 -46.43 -27.08
N ALA E 143 13.80 -45.54 -26.56
CA ALA E 143 12.50 -45.30 -27.15
C ALA E 143 12.56 -44.62 -28.50
N SER E 144 13.72 -44.08 -28.89
CA SER E 144 13.82 -43.33 -30.14
C SER E 144 13.83 -44.24 -31.36
N ASN E 145 14.08 -45.54 -31.19
CA ASN E 145 14.19 -46.49 -32.30
C ASN E 145 13.33 -47.71 -32.03
N PRO E 146 12.02 -47.62 -32.23
CA PRO E 146 11.15 -48.78 -32.06
C PRO E 146 10.98 -49.56 -33.35
N ARG E 147 10.54 -50.81 -33.22
CA ARG E 147 10.31 -51.69 -34.36
C ARG E 147 8.82 -52.05 -34.42
N VAL E 148 8.27 -52.03 -35.63
CA VAL E 148 6.84 -52.22 -35.84
C VAL E 148 6.62 -53.34 -36.85
N THR E 149 5.61 -54.17 -36.57
CA THR E 149 5.21 -55.25 -37.46
C THR E 149 3.69 -55.36 -37.44
N ARG E 150 3.09 -55.50 -38.62
CA ARG E 150 1.64 -55.48 -38.78
C ARG E 150 1.16 -56.77 -39.43
N PHE E 151 -0.04 -57.20 -39.03
CA PHE E 151 -0.63 -58.45 -39.49
C PHE E 151 -2.05 -58.20 -40.00
N HIS E 152 -2.54 -59.13 -40.82
CA HIS E 152 -3.94 -59.17 -41.20
C HIS E 152 -4.67 -60.21 -40.35
N ILE E 153 -5.82 -59.82 -39.82
CA ILE E 153 -6.53 -60.62 -38.82
C ILE E 153 -7.98 -60.77 -39.24
N ASN E 154 -8.58 -61.90 -38.87
CA ASN E 154 -9.98 -62.19 -39.14
C ASN E 154 -10.83 -61.30 -38.22
N TRP E 155 -10.96 -60.03 -38.62
CA TRP E 155 -11.73 -59.08 -37.82
C TRP E 155 -13.20 -59.48 -37.74
N GLU E 156 -13.78 -59.91 -38.85
CA GLU E 156 -15.19 -60.25 -38.92
C GLU E 156 -15.52 -61.47 -38.08
#